data_2FOJ
# 
_entry.id   2FOJ 
# 
_audit_conform.dict_name       mmcif_pdbx.dic 
_audit_conform.dict_version    5.377 
_audit_conform.dict_location   http://mmcif.pdb.org/dictionaries/ascii/mmcif_pdbx.dic 
# 
loop_
_database_2.database_id 
_database_2.database_code 
_database_2.pdbx_database_accession 
_database_2.pdbx_DOI 
PDB   2FOJ         pdb_00002foj 10.2210/pdb2foj/pdb 
RCSB  RCSB036122   ?            ?                   
WWPDB D_1000036122 ?            ?                   
# 
loop_
_pdbx_database_related.db_name 
_pdbx_database_related.db_id 
_pdbx_database_related.details 
_pdbx_database_related.content_type 
PDB 1YY6 . unspecified 
PDB 1YZE . unspecified 
PDB 2FOO . unspecified 
PDB 2FOP . unspecified 
# 
_pdbx_database_status.status_code                     REL 
_pdbx_database_status.entry_id                        2FOJ 
_pdbx_database_status.recvd_initial_deposition_date   2006-01-13 
_pdbx_database_status.deposit_site                    RCSB 
_pdbx_database_status.process_site                    RCSB 
_pdbx_database_status.status_code_sf                  REL 
_pdbx_database_status.status_code_mr                  ? 
_pdbx_database_status.SG_entry                        ? 
_pdbx_database_status.status_code_cs                  ? 
_pdbx_database_status.methods_development_category    ? 
_pdbx_database_status.pdb_format_compatible           Y 
_pdbx_database_status.status_code_nmr_data            ? 
# 
loop_
_audit_author.name 
_audit_author.pdbx_ordinal 
'Saridakis, V.'    1 
'Sheng, Y.'        2 
'Sarkari, F.'      3 
'Duan, S.'         4 
'Wu, T.'           5 
'Arrowsmith, C.H.' 6 
'Frappier, L.'     7 
# 
_citation.id                        primary 
_citation.title                     'Molecular recognition of p53 and MDM2 by USP7/HAUSP' 
_citation.journal_abbrev            Nat.Struct.Mol.Biol. 
_citation.journal_volume            13 
_citation.page_first                285 
_citation.page_last                 291 
_citation.year                      2006 
_citation.journal_id_ASTM           ? 
_citation.country                   US 
_citation.journal_id_ISSN           1545-9993 
_citation.journal_id_CSD            ? 
_citation.book_publisher            ? 
_citation.pdbx_database_id_PubMed   16474402 
_citation.pdbx_database_id_DOI      10.1038/nsmb1067 
# 
loop_
_citation_author.citation_id 
_citation_author.name 
_citation_author.ordinal 
_citation_author.identifier_ORCID 
primary 'Sheng, Y.'        1 ? 
primary 'Saridakis, V.'    2 ? 
primary 'Sarkari, F.'      3 ? 
primary 'Duan, S.'         4 ? 
primary 'Wu, T.'           5 ? 
primary 'Arrowsmith, C.H.' 6 ? 
primary 'Frappier, L.'     7 ? 
# 
_cell.entry_id           2FOJ 
_cell.length_a           70.000 
_cell.length_b           70.000 
_cell.length_c           45.600 
_cell.angle_alpha        90.00 
_cell.angle_beta         90.00 
_cell.angle_gamma        90.00 
_cell.Z_PDB              4 
_cell.pdbx_unique_axis   ? 
_cell.length_a_esd       ? 
_cell.length_b_esd       ? 
_cell.length_c_esd       ? 
_cell.angle_alpha_esd    ? 
_cell.angle_beta_esd     ? 
_cell.angle_gamma_esd    ? 
# 
_symmetry.entry_id                         2FOJ 
_symmetry.space_group_name_H-M             'P 41' 
_symmetry.pdbx_full_space_group_name_H-M   ? 
_symmetry.cell_setting                     ? 
_symmetry.Int_Tables_number                76 
_symmetry.space_group_name_Hall            ? 
# 
loop_
_entity.id 
_entity.type 
_entity.src_method 
_entity.pdbx_description 
_entity.formula_weight 
_entity.pdbx_number_of_molecules 
_entity.pdbx_ec 
_entity.pdbx_mutation 
_entity.pdbx_fragment 
_entity.details 
1 polymer man 'Ubiquitin carboxyl-terminal hydrolase 7' 18133.102 1   3.1.2.15 ? 'MATH domain' ? 
2 polymer syn 'p53 peptide'                             686.719   1   ?        ? ?             ? 
3 water   nat water                                     18.015    142 ?        ? ?             ? 
# 
_entity_name_com.entity_id   1 
_entity_name_com.name        
;Ubiquitin thiolesterase 7, Ubiquitin-specific processing protease 7, Deubiquitinating enzyme 7, Herpesvirus associated ubiquitin-specific protease
;
# 
loop_
_entity_poly.entity_id 
_entity_poly.type 
_entity_poly.nstd_linkage 
_entity_poly.nstd_monomer 
_entity_poly.pdbx_seq_one_letter_code 
_entity_poly.pdbx_seq_one_letter_code_can 
_entity_poly.pdbx_strand_id 
_entity_poly.pdbx_target_identifier 
1 'polypeptide(L)' no no 
;GSHTAEEDMEDDTSWRSEATFQFTVERFSRLSESVLSPPCFVRNLPWKIMVMPRFYPDRPHQKSVGFFLQCNAESDSTSW
SCHAQAVLKIINYRDDEKSFSRRISHLFFHKENDWGFSNFMAWSEVTDPEKGFIDDDKVTFEVFVQADAPHGVAW
;
;GSHTAEEDMEDDTSWRSEATFQFTVERFSRLSESVLSPPCFVRNLPWKIMVMPRFYPDRPHQKSVGFFLQCNAESDSTSW
SCHAQAVLKIINYRDDEKSFSRRISHLFFHKENDWGFSNFMAWSEVTDPEKGFIDDDKVTFEVFVQADAPHGVAW
;
A ? 
2 'polypeptide(L)' no no GARAHSS GARAHSS B ? 
# 
loop_
_entity_poly_seq.entity_id 
_entity_poly_seq.num 
_entity_poly_seq.mon_id 
_entity_poly_seq.hetero 
1 1   GLY n 
1 2   SER n 
1 3   HIS n 
1 4   THR n 
1 5   ALA n 
1 6   GLU n 
1 7   GLU n 
1 8   ASP n 
1 9   MET n 
1 10  GLU n 
1 11  ASP n 
1 12  ASP n 
1 13  THR n 
1 14  SER n 
1 15  TRP n 
1 16  ARG n 
1 17  SER n 
1 18  GLU n 
1 19  ALA n 
1 20  THR n 
1 21  PHE n 
1 22  GLN n 
1 23  PHE n 
1 24  THR n 
1 25  VAL n 
1 26  GLU n 
1 27  ARG n 
1 28  PHE n 
1 29  SER n 
1 30  ARG n 
1 31  LEU n 
1 32  SER n 
1 33  GLU n 
1 34  SER n 
1 35  VAL n 
1 36  LEU n 
1 37  SER n 
1 38  PRO n 
1 39  PRO n 
1 40  CYS n 
1 41  PHE n 
1 42  VAL n 
1 43  ARG n 
1 44  ASN n 
1 45  LEU n 
1 46  PRO n 
1 47  TRP n 
1 48  LYS n 
1 49  ILE n 
1 50  MET n 
1 51  VAL n 
1 52  MET n 
1 53  PRO n 
1 54  ARG n 
1 55  PHE n 
1 56  TYR n 
1 57  PRO n 
1 58  ASP n 
1 59  ARG n 
1 60  PRO n 
1 61  HIS n 
1 62  GLN n 
1 63  LYS n 
1 64  SER n 
1 65  VAL n 
1 66  GLY n 
1 67  PHE n 
1 68  PHE n 
1 69  LEU n 
1 70  GLN n 
1 71  CYS n 
1 72  ASN n 
1 73  ALA n 
1 74  GLU n 
1 75  SER n 
1 76  ASP n 
1 77  SER n 
1 78  THR n 
1 79  SER n 
1 80  TRP n 
1 81  SER n 
1 82  CYS n 
1 83  HIS n 
1 84  ALA n 
1 85  GLN n 
1 86  ALA n 
1 87  VAL n 
1 88  LEU n 
1 89  LYS n 
1 90  ILE n 
1 91  ILE n 
1 92  ASN n 
1 93  TYR n 
1 94  ARG n 
1 95  ASP n 
1 96  ASP n 
1 97  GLU n 
1 98  LYS n 
1 99  SER n 
1 100 PHE n 
1 101 SER n 
1 102 ARG n 
1 103 ARG n 
1 104 ILE n 
1 105 SER n 
1 106 HIS n 
1 107 LEU n 
1 108 PHE n 
1 109 PHE n 
1 110 HIS n 
1 111 LYS n 
1 112 GLU n 
1 113 ASN n 
1 114 ASP n 
1 115 TRP n 
1 116 GLY n 
1 117 PHE n 
1 118 SER n 
1 119 ASN n 
1 120 PHE n 
1 121 MET n 
1 122 ALA n 
1 123 TRP n 
1 124 SER n 
1 125 GLU n 
1 126 VAL n 
1 127 THR n 
1 128 ASP n 
1 129 PRO n 
1 130 GLU n 
1 131 LYS n 
1 132 GLY n 
1 133 PHE n 
1 134 ILE n 
1 135 ASP n 
1 136 ASP n 
1 137 ASP n 
1 138 LYS n 
1 139 VAL n 
1 140 THR n 
1 141 PHE n 
1 142 GLU n 
1 143 VAL n 
1 144 PHE n 
1 145 VAL n 
1 146 GLN n 
1 147 ALA n 
1 148 ASP n 
1 149 ALA n 
1 150 PRO n 
1 151 HIS n 
1 152 GLY n 
1 153 VAL n 
1 154 ALA n 
1 155 TRP n 
2 1   GLY n 
2 2   ALA n 
2 3   ARG n 
2 4   ALA n 
2 5   HIS n 
2 6   SER n 
2 7   SER n 
# 
_entity_src_gen.entity_id                          1 
_entity_src_gen.pdbx_src_id                        1 
_entity_src_gen.pdbx_alt_source_flag               sample 
_entity_src_gen.pdbx_seq_type                      ? 
_entity_src_gen.pdbx_beg_seq_num                   ? 
_entity_src_gen.pdbx_end_seq_num                   ? 
_entity_src_gen.gene_src_common_name               human 
_entity_src_gen.gene_src_genus                     Homo 
_entity_src_gen.pdbx_gene_src_gene                 'USP7, HAUSP' 
_entity_src_gen.gene_src_species                   ? 
_entity_src_gen.gene_src_strain                    ? 
_entity_src_gen.gene_src_tissue                    ? 
_entity_src_gen.gene_src_tissue_fraction           ? 
_entity_src_gen.gene_src_details                   ? 
_entity_src_gen.pdbx_gene_src_fragment             ? 
_entity_src_gen.pdbx_gene_src_scientific_name      'Homo sapiens' 
_entity_src_gen.pdbx_gene_src_ncbi_taxonomy_id     9606 
_entity_src_gen.pdbx_gene_src_variant              ? 
_entity_src_gen.pdbx_gene_src_cell_line            ? 
_entity_src_gen.pdbx_gene_src_atcc                 ? 
_entity_src_gen.pdbx_gene_src_organ                ? 
_entity_src_gen.pdbx_gene_src_organelle            ? 
_entity_src_gen.pdbx_gene_src_cell                 ? 
_entity_src_gen.pdbx_gene_src_cellular_location    ? 
_entity_src_gen.host_org_common_name               ? 
_entity_src_gen.pdbx_host_org_scientific_name      'Escherichia coli BL21(DE3)' 
_entity_src_gen.pdbx_host_org_ncbi_taxonomy_id     469008 
_entity_src_gen.host_org_genus                     Escherichia 
_entity_src_gen.pdbx_host_org_gene                 ? 
_entity_src_gen.pdbx_host_org_organ                ? 
_entity_src_gen.host_org_species                   'Escherichia coli' 
_entity_src_gen.pdbx_host_org_tissue               ? 
_entity_src_gen.pdbx_host_org_tissue_fraction      ? 
_entity_src_gen.pdbx_host_org_strain               'BL21(DE3)' 
_entity_src_gen.pdbx_host_org_variant              ? 
_entity_src_gen.pdbx_host_org_cell_line            ? 
_entity_src_gen.pdbx_host_org_atcc                 ? 
_entity_src_gen.pdbx_host_org_culture_collection   ? 
_entity_src_gen.pdbx_host_org_cell                 ? 
_entity_src_gen.pdbx_host_org_organelle            ? 
_entity_src_gen.pdbx_host_org_cellular_location    ? 
_entity_src_gen.pdbx_host_org_vector_type          plasmid 
_entity_src_gen.pdbx_host_org_vector               ? 
_entity_src_gen.host_org_details                   ? 
_entity_src_gen.expression_system_id               ? 
_entity_src_gen.plasmid_name                       pET15B 
_entity_src_gen.plasmid_details                    ? 
_entity_src_gen.pdbx_description                   ? 
# 
loop_
_struct_ref.id 
_struct_ref.db_name 
_struct_ref.db_code 
_struct_ref.pdbx_db_accession 
_struct_ref.entity_id 
_struct_ref.pdbx_seq_one_letter_code 
_struct_ref.pdbx_align_begin 
_struct_ref.pdbx_db_isoform 
1 UNP UBP7_HUMAN Q93009 1 
;TAEEDMEDDTSWRSEATFQFTVERFSRLSESVLSPPCFVRNLPWKIMVMPRFYPDRPHQKSVGFFLQCNAESDSTSWSCH
AQAVLKIINYRDDEKSFSRRISHLFFHKENDWGFSNFMAWSEVTDPEKGFIDDDKVTFEVFVQADAPHGVAW
;
54 ? 
2 PDB 2FOJ       2FOJ   2 ? ?  ? 
# 
loop_
_struct_ref_seq.align_id 
_struct_ref_seq.ref_id 
_struct_ref_seq.pdbx_PDB_id_code 
_struct_ref_seq.pdbx_strand_id 
_struct_ref_seq.seq_align_beg 
_struct_ref_seq.pdbx_seq_align_beg_ins_code 
_struct_ref_seq.seq_align_end 
_struct_ref_seq.pdbx_seq_align_end_ins_code 
_struct_ref_seq.pdbx_db_accession 
_struct_ref_seq.db_align_beg 
_struct_ref_seq.pdbx_db_align_beg_ins_code 
_struct_ref_seq.db_align_end 
_struct_ref_seq.pdbx_db_align_end_ins_code 
_struct_ref_seq.pdbx_auth_seq_align_beg 
_struct_ref_seq.pdbx_auth_seq_align_end 
1 1 2FOJ A 4 ? 155 ? Q93009 54  ? 205 ? 54  205 
2 2 2FOJ B 1 ? 7   ? 2FOJ   361 ? 367 ? 361 367 
# 
loop_
_struct_ref_seq_dif.align_id 
_struct_ref_seq_dif.pdbx_pdb_id_code 
_struct_ref_seq_dif.mon_id 
_struct_ref_seq_dif.pdbx_pdb_strand_id 
_struct_ref_seq_dif.seq_num 
_struct_ref_seq_dif.pdbx_pdb_ins_code 
_struct_ref_seq_dif.pdbx_seq_db_name 
_struct_ref_seq_dif.pdbx_seq_db_accession_code 
_struct_ref_seq_dif.db_mon_id 
_struct_ref_seq_dif.pdbx_seq_db_seq_num 
_struct_ref_seq_dif.details 
_struct_ref_seq_dif.pdbx_auth_seq_num 
_struct_ref_seq_dif.pdbx_ordinal 
1 2FOJ GLY A 1 ? UNP Q93009 ? ? 'cloning artifact' 51 1 
1 2FOJ SER A 2 ? UNP Q93009 ? ? 'cloning artifact' 52 2 
1 2FOJ HIS A 3 ? UNP Q93009 ? ? 'cloning artifact' 53 3 
# 
loop_
_chem_comp.id 
_chem_comp.type 
_chem_comp.mon_nstd_flag 
_chem_comp.name 
_chem_comp.pdbx_synonyms 
_chem_comp.formula 
_chem_comp.formula_weight 
ALA 'L-peptide linking' y ALANINE         ? 'C3 H7 N O2'     89.093  
ARG 'L-peptide linking' y ARGININE        ? 'C6 H15 N4 O2 1' 175.209 
ASN 'L-peptide linking' y ASPARAGINE      ? 'C4 H8 N2 O3'    132.118 
ASP 'L-peptide linking' y 'ASPARTIC ACID' ? 'C4 H7 N O4'     133.103 
CYS 'L-peptide linking' y CYSTEINE        ? 'C3 H7 N O2 S'   121.158 
GLN 'L-peptide linking' y GLUTAMINE       ? 'C5 H10 N2 O3'   146.144 
GLU 'L-peptide linking' y 'GLUTAMIC ACID' ? 'C5 H9 N O4'     147.129 
GLY 'peptide linking'   y GLYCINE         ? 'C2 H5 N O2'     75.067  
HIS 'L-peptide linking' y HISTIDINE       ? 'C6 H10 N3 O2 1' 156.162 
HOH non-polymer         . WATER           ? 'H2 O'           18.015  
ILE 'L-peptide linking' y ISOLEUCINE      ? 'C6 H13 N O2'    131.173 
LEU 'L-peptide linking' y LEUCINE         ? 'C6 H13 N O2'    131.173 
LYS 'L-peptide linking' y LYSINE          ? 'C6 H15 N2 O2 1' 147.195 
MET 'L-peptide linking' y METHIONINE      ? 'C5 H11 N O2 S'  149.211 
PHE 'L-peptide linking' y PHENYLALANINE   ? 'C9 H11 N O2'    165.189 
PRO 'L-peptide linking' y PROLINE         ? 'C5 H9 N O2'     115.130 
SER 'L-peptide linking' y SERINE          ? 'C3 H7 N O3'     105.093 
THR 'L-peptide linking' y THREONINE       ? 'C4 H9 N O3'     119.119 
TRP 'L-peptide linking' y TRYPTOPHAN      ? 'C11 H12 N2 O2'  204.225 
TYR 'L-peptide linking' y TYROSINE        ? 'C9 H11 N O3'    181.189 
VAL 'L-peptide linking' y VALINE          ? 'C5 H11 N O2'    117.146 
# 
_exptl.entry_id          2FOJ 
_exptl.method            'X-RAY DIFFRACTION' 
_exptl.crystals_number   1 
# 
_exptl_crystal.id                    1 
_exptl_crystal.density_meas          ? 
_exptl_crystal.density_Matthews      2.97 
_exptl_crystal.density_percent_sol   58.54 
_exptl_crystal.description           ? 
_exptl_crystal.F_000                 ? 
_exptl_crystal.preparation           ? 
# 
_exptl_crystal_grow.crystal_id      1 
_exptl_crystal_grow.method          'VAPOR DIFFUSION, HANGING DROP' 
_exptl_crystal_grow.temp            277 
_exptl_crystal_grow.temp_details    ? 
_exptl_crystal_grow.pH              8.5 
_exptl_crystal_grow.pdbx_details    
;30% PEG4K,  
0.1 M Tris pH 8.5  
0.2 M Lithium Sulfate, VAPOR DIFFUSION, HANGING DROP, temperature 277K
;
_exptl_crystal_grow.pdbx_pH_range   . 
# 
_diffrn.id                     1 
_diffrn.ambient_temp           100 
_diffrn.ambient_temp_details   ? 
_diffrn.crystal_id             1 
# 
_diffrn_detector.diffrn_id              1 
_diffrn_detector.detector               'IMAGE PLATE' 
_diffrn_detector.type                   MARRESEARCH 
_diffrn_detector.pdbx_collection_date   2005-10-07 
_diffrn_detector.details                ? 
# 
_diffrn_radiation.diffrn_id                        1 
_diffrn_radiation.wavelength_id                    1 
_diffrn_radiation.pdbx_monochromatic_or_laue_m_l   M 
_diffrn_radiation.monochromator                    ? 
_diffrn_radiation.pdbx_diffrn_protocol             'SINGLE WAVELENGTH' 
_diffrn_radiation.pdbx_scattering_type             x-ray 
# 
_diffrn_radiation_wavelength.id           1 
_diffrn_radiation_wavelength.wavelength   1.5418 
_diffrn_radiation_wavelength.wt           1.0 
# 
_diffrn_source.diffrn_id                   1 
_diffrn_source.source                      'ROTATING ANODE' 
_diffrn_source.type                        OTHER 
_diffrn_source.pdbx_synchrotron_site       ? 
_diffrn_source.pdbx_synchrotron_beamline   ? 
_diffrn_source.pdbx_wavelength             ? 
_diffrn_source.pdbx_wavelength_list        1.5418 
# 
_reflns.entry_id                     2FOJ 
_reflns.observed_criterion_sigma_I   ? 
_reflns.observed_criterion_sigma_F   ? 
_reflns.d_resolution_low             30.0 
_reflns.d_resolution_high            1.60 
_reflns.number_obs                   52156 
_reflns.number_all                   57094 
_reflns.percent_possible_obs         91.4 
_reflns.pdbx_Rmerge_I_obs            ? 
_reflns.pdbx_Rsym_value              0.094 
_reflns.pdbx_netI_over_sigmaI        10.3 
_reflns.B_iso_Wilson_estimate        18.5 
_reflns.pdbx_redundancy              6 
_reflns.R_free_details               ? 
_reflns.limit_h_max                  ? 
_reflns.limit_h_min                  ? 
_reflns.limit_k_max                  ? 
_reflns.limit_k_min                  ? 
_reflns.limit_l_max                  ? 
_reflns.limit_l_min                  ? 
_reflns.observed_criterion_F_max     ? 
_reflns.observed_criterion_F_min     ? 
_reflns.pdbx_chi_squared             ? 
_reflns.pdbx_scaling_rejects         ? 
_reflns.pdbx_ordinal                 1 
_reflns.pdbx_diffrn_id               1 
# 
_reflns_shell.d_res_high             1.60 
_reflns_shell.d_res_low              1.67 
_reflns_shell.percent_possible_all   ? 
_reflns_shell.Rmerge_I_obs           ? 
_reflns_shell.pdbx_Rsym_value        0.378 
_reflns_shell.meanI_over_sigI_obs    2.3 
_reflns_shell.pdbx_redundancy        2.1 
_reflns_shell.percent_possible_obs   ? 
_reflns_shell.number_unique_all      ? 
_reflns_shell.number_measured_all    ? 
_reflns_shell.number_measured_obs    ? 
_reflns_shell.number_unique_obs      ? 
_reflns_shell.pdbx_chi_squared       ? 
_reflns_shell.pdbx_ordinal           1 
_reflns_shell.pdbx_diffrn_id         1 
# 
_refine.entry_id                                 2FOJ 
_refine.ls_number_reflns_obs                     52138 
_refine.ls_number_reflns_all                     ? 
_refine.pdbx_ls_sigma_I                          ? 
_refine.pdbx_ls_sigma_F                          0.0 
_refine.pdbx_data_cutoff_high_absF               388089.80 
_refine.pdbx_data_cutoff_low_absF                0.000000 
_refine.pdbx_data_cutoff_high_rms_absF           ? 
_refine.ls_d_res_low                             19.91 
_refine.ls_d_res_high                            1.60 
_refine.ls_percent_reflns_obs                    91.3 
_refine.ls_R_factor_obs                          0.229 
_refine.ls_R_factor_all                          ? 
_refine.ls_R_factor_R_work                       0.229 
_refine.ls_R_factor_R_free                       0.262 
_refine.ls_R_factor_R_free_error                 0.005 
_refine.ls_R_factor_R_free_error_details         ? 
_refine.ls_percent_reflns_R_free                 4.9 
_refine.ls_number_reflns_R_free                  2558 
_refine.ls_number_parameters                     ? 
_refine.ls_number_restraints                     ? 
_refine.occupancy_min                            ? 
_refine.occupancy_max                            ? 
_refine.correlation_coeff_Fo_to_Fc               ? 
_refine.correlation_coeff_Fo_to_Fc_free          ? 
_refine.B_iso_mean                               21.7 
_refine.aniso_B[1][1]                            -0.14 
_refine.aniso_B[2][2]                            -0.14 
_refine.aniso_B[3][3]                            0.28 
_refine.aniso_B[1][2]                            0.00 
_refine.aniso_B[1][3]                            0.00 
_refine.aniso_B[2][3]                            0.00 
_refine.solvent_model_details                    'FLAT MODEL' 
_refine.solvent_model_param_ksol                 0.383242 
_refine.solvent_model_param_bsol                 42.7349 
_refine.pdbx_solvent_vdw_probe_radii             ? 
_refine.pdbx_solvent_ion_probe_radii             ? 
_refine.pdbx_solvent_shrinkage_radii             ? 
_refine.pdbx_ls_cross_valid_method               THROUGHOUT 
_refine.details                                  ? 
_refine.pdbx_starting_model                      'PDB 1YY6' 
_refine.pdbx_method_to_determine_struct          'MOLECULAR REPLACEMENT' 
_refine.pdbx_isotropic_thermal_model             RESTRAINED 
_refine.pdbx_stereochemistry_target_values       ? 
_refine.pdbx_stereochem_target_val_spec_case     ? 
_refine.pdbx_R_Free_selection_details            RANDOM 
_refine.pdbx_overall_ESU_R                       ? 
_refine.pdbx_overall_ESU_R_Free                  ? 
_refine.overall_SU_ML                            ? 
_refine.overall_SU_B                             ? 
_refine.ls_redundancy_reflns_obs                 ? 
_refine.B_iso_min                                ? 
_refine.B_iso_max                                ? 
_refine.overall_SU_R_Cruickshank_DPI             ? 
_refine.overall_SU_R_free                        ? 
_refine.ls_wR_factor_R_free                      ? 
_refine.ls_wR_factor_R_work                      ? 
_refine.overall_FOM_free_R_set                   ? 
_refine.overall_FOM_work_R_set                   ? 
_refine.pdbx_refine_id                           'X-RAY DIFFRACTION' 
_refine.pdbx_overall_phase_error                 ? 
_refine.pdbx_diffrn_id                           1 
_refine.pdbx_TLS_residual_ADP_flag               ? 
_refine.pdbx_overall_SU_R_free_Cruickshank_DPI   ? 
_refine.pdbx_overall_SU_R_Blow_DPI               ? 
_refine.pdbx_overall_SU_R_free_Blow_DPI          ? 
# 
_refine_analyze.entry_id                        2FOJ 
_refine_analyze.Luzzati_coordinate_error_obs    0.24 
_refine_analyze.Luzzati_sigma_a_obs             0.43 
_refine_analyze.Luzzati_d_res_low_obs           5.00 
_refine_analyze.Luzzati_coordinate_error_free   0.27 
_refine_analyze.Luzzati_sigma_a_free            0.45 
_refine_analyze.Luzzati_d_res_low_free          ? 
_refine_analyze.number_disordered_residues      ? 
_refine_analyze.occupancy_sum_hydrogen          ? 
_refine_analyze.occupancy_sum_non_hydrogen      ? 
_refine_analyze.pdbx_Luzzati_d_res_high_obs     ? 
_refine_analyze.pdbx_refine_id                  'X-RAY DIFFRACTION' 
# 
_refine_hist.pdbx_refine_id                   'X-RAY DIFFRACTION' 
_refine_hist.cycle_id                         LAST 
_refine_hist.pdbx_number_atoms_protein        1182 
_refine_hist.pdbx_number_atoms_nucleic_acid   0 
_refine_hist.pdbx_number_atoms_ligand         0 
_refine_hist.number_atoms_solvent             142 
_refine_hist.number_atoms_total               1324 
_refine_hist.d_res_high                       1.60 
_refine_hist.d_res_low                        19.91 
# 
loop_
_refine_ls_restr.type 
_refine_ls_restr.dev_ideal 
_refine_ls_restr.dev_ideal_target 
_refine_ls_restr.weight 
_refine_ls_restr.number 
_refine_ls_restr.pdbx_refine_id 
_refine_ls_restr.pdbx_restraint_function 
c_bond_d                0.006 ?    ? ? 'X-RAY DIFFRACTION' ? 
c_bond_d_na             ?     ?    ? ? 'X-RAY DIFFRACTION' ? 
c_bond_d_prot           ?     ?    ? ? 'X-RAY DIFFRACTION' ? 
c_angle_d               ?     ?    ? ? 'X-RAY DIFFRACTION' ? 
c_angle_d_na            ?     ?    ? ? 'X-RAY DIFFRACTION' ? 
c_angle_d_prot          ?     ?    ? ? 'X-RAY DIFFRACTION' ? 
c_angle_deg             1.4   ?    ? ? 'X-RAY DIFFRACTION' ? 
c_angle_deg_na          ?     ?    ? ? 'X-RAY DIFFRACTION' ? 
c_angle_deg_prot        ?     ?    ? ? 'X-RAY DIFFRACTION' ? 
c_dihedral_angle_d      25.1  ?    ? ? 'X-RAY DIFFRACTION' ? 
c_dihedral_angle_d_na   ?     ?    ? ? 'X-RAY DIFFRACTION' ? 
c_dihedral_angle_d_prot ?     ?    ? ? 'X-RAY DIFFRACTION' ? 
c_improper_angle_d      0.86  ?    ? ? 'X-RAY DIFFRACTION' ? 
c_improper_angle_d_na   ?     ?    ? ? 'X-RAY DIFFRACTION' ? 
c_improper_angle_d_prot ?     ?    ? ? 'X-RAY DIFFRACTION' ? 
c_mcbond_it             1.28  1.50 ? ? 'X-RAY DIFFRACTION' ? 
c_mcangle_it            2.01  2.00 ? ? 'X-RAY DIFFRACTION' ? 
c_scbond_it             2.32  2.00 ? ? 'X-RAY DIFFRACTION' ? 
c_scangle_it            3.36  2.50 ? ? 'X-RAY DIFFRACTION' ? 
# 
_refine_ls_shell.pdbx_total_number_of_bins_used   6 
_refine_ls_shell.d_res_high                       1.60 
_refine_ls_shell.d_res_low                        1.70 
_refine_ls_shell.number_reflns_R_work             5275 
_refine_ls_shell.R_factor_R_work                  0.409 
_refine_ls_shell.percent_reflns_obs               58.2 
_refine_ls_shell.R_factor_R_free                  0.429 
_refine_ls_shell.R_factor_R_free_error            0.026 
_refine_ls_shell.percent_reflns_R_free            4.9 
_refine_ls_shell.number_reflns_R_free             272 
_refine_ls_shell.number_reflns_all                ? 
_refine_ls_shell.R_factor_all                     ? 
_refine_ls_shell.number_reflns_obs                ? 
_refine_ls_shell.redundancy_reflns_obs            ? 
_refine_ls_shell.pdbx_refine_id                   'X-RAY DIFFRACTION' 
# 
loop_
_pdbx_xplor_file.serial_no 
_pdbx_xplor_file.param_file 
_pdbx_xplor_file.topol_file 
_pdbx_xplor_file.pdbx_refine_id 
1 protein_rep.param protein.top   'X-RAY DIFFRACTION' 
2 ?                 water_rep.top 'X-RAY DIFFRACTION' 
3 water_rep.param   ?             'X-RAY DIFFRACTION' 
# 
_struct.entry_id                  2FOJ 
_struct.title                     'The Crystal Structure of the N-terminal domain of HAUSP/USP7 complexed with p53 peptide 364-367' 
_struct.pdbx_model_details        ? 
_struct.pdbx_CASP_flag            ? 
_struct.pdbx_model_type_details   ? 
# 
_struct_keywords.entry_id        2FOJ 
_struct_keywords.pdbx_keywords   HYDROLASE 
_struct_keywords.text            'MATH Domain, HYDROLASE' 
# 
loop_
_struct_asym.id 
_struct_asym.pdbx_blank_PDB_chainid_flag 
_struct_asym.pdbx_modified 
_struct_asym.entity_id 
_struct_asym.details 
A N N 1 ? 
B N N 2 ? 
C N N 3 ? 
D N N 3 ? 
# 
_struct_biol.id   1 
# 
loop_
_struct_conf.conf_type_id 
_struct_conf.id 
_struct_conf.pdbx_PDB_helix_id 
_struct_conf.beg_label_comp_id 
_struct_conf.beg_label_asym_id 
_struct_conf.beg_label_seq_id 
_struct_conf.pdbx_beg_PDB_ins_code 
_struct_conf.end_label_comp_id 
_struct_conf.end_label_asym_id 
_struct_conf.end_label_seq_id 
_struct_conf.pdbx_end_PDB_ins_code 
_struct_conf.beg_auth_comp_id 
_struct_conf.beg_auth_asym_id 
_struct_conf.beg_auth_seq_id 
_struct_conf.end_auth_comp_id 
_struct_conf.end_auth_asym_id 
_struct_conf.end_auth_seq_id 
_struct_conf.pdbx_PDB_helix_class 
_struct_conf.details 
_struct_conf.pdbx_PDB_helix_length 
HELX_P HELX_P1 1 ARG A 27  ? LEU A 31  ? ARG A 77  LEU A 81  5 ? 5 
HELX_P HELX_P2 2 ASP A 95  ? SER A 99  ? ASP A 145 SER A 149 5 ? 5 
HELX_P HELX_P3 3 TRP A 123 ? THR A 127 ? TRP A 173 THR A 177 1 ? 5 
# 
_struct_conf_type.id          HELX_P 
_struct_conf_type.criteria    ? 
_struct_conf_type.reference   ? 
# 
loop_
_struct_sheet.id 
_struct_sheet.type 
_struct_sheet.number_strands 
_struct_sheet.details 
A ? 4 ? 
B ? 3 ? 
C ? 4 ? 
# 
loop_
_struct_sheet_order.sheet_id 
_struct_sheet_order.range_id_1 
_struct_sheet_order.range_id_2 
_struct_sheet_order.offset 
_struct_sheet_order.sense 
A 1 2 ? anti-parallel 
A 2 3 ? anti-parallel 
A 3 4 ? anti-parallel 
B 1 2 ? anti-parallel 
B 2 3 ? anti-parallel 
C 1 2 ? anti-parallel 
C 2 3 ? anti-parallel 
C 3 4 ? anti-parallel 
# 
loop_
_struct_sheet_range.sheet_id 
_struct_sheet_range.id 
_struct_sheet_range.beg_label_comp_id 
_struct_sheet_range.beg_label_asym_id 
_struct_sheet_range.beg_label_seq_id 
_struct_sheet_range.pdbx_beg_PDB_ins_code 
_struct_sheet_range.end_label_comp_id 
_struct_sheet_range.end_label_asym_id 
_struct_sheet_range.end_label_seq_id 
_struct_sheet_range.pdbx_end_PDB_ins_code 
_struct_sheet_range.beg_auth_comp_id 
_struct_sheet_range.beg_auth_asym_id 
_struct_sheet_range.beg_auth_seq_id 
_struct_sheet_range.end_auth_comp_id 
_struct_sheet_range.end_auth_asym_id 
_struct_sheet_range.end_auth_seq_id 
A 1 GLU A 18  ? VAL A 25  ? GLU A 68  VAL A 75  
A 2 VAL A 139 ? ALA A 147 ? VAL A 189 ALA A 197 
A 3 SER A 81  ? ILE A 90  ? SER A 131 ILE A 140 
A 4 PHE A 100 ? PHE A 109 ? PHE A 150 PHE A 159 
B 1 VAL A 35  ? LEU A 36  ? VAL A 85  LEU A 86  
B 2 LEU A 45  ? ARG A 54  ? LEU A 95  ARG A 104 
B 3 CYS A 40  ? VAL A 42  ? CYS A 90  VAL A 92  
C 1 VAL A 35  ? LEU A 36  ? VAL A 85  LEU A 86  
C 2 LEU A 45  ? ARG A 54  ? LEU A 95  ARG A 104 
C 3 SER A 64  ? CYS A 71  ? SER A 114 CYS A 121 
C 4 ASP A 114 ? ALA A 122 ? ASP A 164 ALA A 172 
# 
loop_
_pdbx_struct_sheet_hbond.sheet_id 
_pdbx_struct_sheet_hbond.range_id_1 
_pdbx_struct_sheet_hbond.range_id_2 
_pdbx_struct_sheet_hbond.range_1_label_atom_id 
_pdbx_struct_sheet_hbond.range_1_label_comp_id 
_pdbx_struct_sheet_hbond.range_1_label_asym_id 
_pdbx_struct_sheet_hbond.range_1_label_seq_id 
_pdbx_struct_sheet_hbond.range_1_PDB_ins_code 
_pdbx_struct_sheet_hbond.range_1_auth_atom_id 
_pdbx_struct_sheet_hbond.range_1_auth_comp_id 
_pdbx_struct_sheet_hbond.range_1_auth_asym_id 
_pdbx_struct_sheet_hbond.range_1_auth_seq_id 
_pdbx_struct_sheet_hbond.range_2_label_atom_id 
_pdbx_struct_sheet_hbond.range_2_label_comp_id 
_pdbx_struct_sheet_hbond.range_2_label_asym_id 
_pdbx_struct_sheet_hbond.range_2_label_seq_id 
_pdbx_struct_sheet_hbond.range_2_PDB_ins_code 
_pdbx_struct_sheet_hbond.range_2_auth_atom_id 
_pdbx_struct_sheet_hbond.range_2_auth_comp_id 
_pdbx_struct_sheet_hbond.range_2_auth_asym_id 
_pdbx_struct_sheet_hbond.range_2_auth_seq_id 
A 1 2 N VAL A 25  ? N VAL A 75  O VAL A 139 ? O VAL A 189 
A 2 3 O GLU A 142 ? O GLU A 192 N LYS A 89  ? N LYS A 139 
A 3 4 N ILE A 90  ? N ILE A 140 O PHE A 100 ? O PHE A 150 
B 1 2 N VAL A 35  ? N VAL A 85  O VAL A 51  ? O VAL A 101 
B 2 3 O TRP A 47  ? O TRP A 97  N CYS A 40  ? N CYS A 90  
C 1 2 N VAL A 35  ? N VAL A 85  O VAL A 51  ? O VAL A 101 
C 2 3 N MET A 52  ? N MET A 102 O GLY A 66  ? O GLY A 116 
C 3 4 N VAL A 65  ? N VAL A 115 O MET A 121 ? O MET A 171 
# 
_atom_sites.entry_id                    2FOJ 
_atom_sites.fract_transf_matrix[1][1]   0.01291316 
_atom_sites.fract_transf_matrix[1][2]   0.00603472 
_atom_sites.fract_transf_matrix[1][3]   -0.00096032 
_atom_sites.fract_transf_matrix[2][1]   -0.00561908 
_atom_sites.fract_transf_matrix[2][2]   0.01084457 
_atom_sites.fract_transf_matrix[2][3]   -0.00741020 
_atom_sites.fract_transf_matrix[3][1]   -0.00368609 
_atom_sites.fract_transf_matrix[3][2]   0.01086188 
_atom_sites.fract_transf_matrix[3][3]   0.01869110 
_atom_sites.fract_transf_vector[1]      0.413584 
_atom_sites.fract_transf_vector[2]      -0.144257 
_atom_sites.fract_transf_vector[3]      -0.382850 
# 
loop_
_atom_type.symbol 
C 
N 
O 
S 
# 
loop_
_atom_site.group_PDB 
_atom_site.id 
_atom_site.type_symbol 
_atom_site.label_atom_id 
_atom_site.label_alt_id 
_atom_site.label_comp_id 
_atom_site.label_asym_id 
_atom_site.label_entity_id 
_atom_site.label_seq_id 
_atom_site.pdbx_PDB_ins_code 
_atom_site.Cartn_x 
_atom_site.Cartn_y 
_atom_site.Cartn_z 
_atom_site.occupancy 
_atom_site.B_iso_or_equiv 
_atom_site.pdbx_formal_charge 
_atom_site.auth_seq_id 
_atom_site.auth_comp_id 
_atom_site.auth_asym_id 
_atom_site.auth_atom_id 
_atom_site.pdbx_PDB_model_num 
ATOM   1    N N   . THR A 1 13  ? -14.887 8.122   -12.368 1.00 28.85 ? 63   THR A N   1 
ATOM   2    C CA  . THR A 1 13  ? -13.832 9.035   -12.896 1.00 27.73 ? 63   THR A CA  1 
ATOM   3    C C   . THR A 1 13  ? -12.667 9.132   -11.913 1.00 25.85 ? 63   THR A C   1 
ATOM   4    O O   . THR A 1 13  ? -12.777 8.713   -10.762 1.00 24.79 ? 63   THR A O   1 
ATOM   5    C CB  . THR A 1 13  ? -14.391 10.454  -13.127 1.00 30.73 ? 63   THR A CB  1 
ATOM   6    O OG1 . THR A 1 13  ? -14.639 11.087  -11.863 1.00 32.07 ? 63   THR A OG1 1 
ATOM   7    C CG2 . THR A 1 13  ? -15.695 10.388  -13.919 1.00 31.18 ? 63   THR A CG2 1 
ATOM   8    N N   . SER A 1 14  ? -11.556 9.699   -12.369 1.00 23.40 ? 64   SER A N   1 
ATOM   9    C CA  . SER A 1 14  ? -10.374 9.844   -11.527 1.00 23.56 ? 64   SER A CA  1 
ATOM   10   C C   . SER A 1 14  ? -10.607 10.783  -10.344 1.00 22.83 ? 64   SER A C   1 
ATOM   11   O O   . SER A 1 14  ? -9.813  10.807  -9.401  1.00 22.56 ? 64   SER A O   1 
ATOM   12   C CB  . SER A 1 14  ? -9.196  10.350  -12.361 1.00 24.84 ? 64   SER A CB  1 
ATOM   13   O OG  . SER A 1 14  ? -9.466  11.632  -12.894 1.00 26.06 ? 64   SER A OG  1 
ATOM   14   N N   . TRP A 1 15  ? -11.691 11.551  -10.389 1.00 22.60 ? 65   TRP A N   1 
ATOM   15   C CA  . TRP A 1 15  ? -11.995 12.475  -9.303  1.00 23.52 ? 65   TRP A CA  1 
ATOM   16   C C   . TRP A 1 15  ? -12.710 11.788  -8.145  1.00 22.46 ? 65   TRP A C   1 
ATOM   17   O O   . TRP A 1 15  ? -12.983 12.410  -7.115  1.00 22.38 ? 65   TRP A O   1 
ATOM   18   C CB  . TRP A 1 15  ? -12.831 13.655  -9.818  1.00 25.26 ? 65   TRP A CB  1 
ATOM   19   C CG  . TRP A 1 15  ? -12.038 14.585  -10.685 1.00 27.34 ? 65   TRP A CG  1 
ATOM   20   C CD1 . TRP A 1 15  ? -12.034 14.637  -12.049 1.00 28.40 ? 65   TRP A CD1 1 
ATOM   21   C CD2 . TRP A 1 15  ? -11.081 15.559  -10.244 1.00 29.05 ? 65   TRP A CD2 1 
ATOM   22   N NE1 . TRP A 1 15  ? -11.132 15.579  -12.485 1.00 29.85 ? 65   TRP A NE1 1 
ATOM   23   C CE2 . TRP A 1 15  ? -10.534 16.160  -11.400 1.00 30.44 ? 65   TRP A CE2 1 
ATOM   24   C CE3 . TRP A 1 15  ? -10.632 15.980  -8.985  1.00 29.70 ? 65   TRP A CE3 1 
ATOM   25   C CZ2 . TRP A 1 15  ? -9.561  17.163  -11.334 1.00 31.30 ? 65   TRP A CZ2 1 
ATOM   26   C CZ3 . TRP A 1 15  ? -9.664  16.977  -8.919  1.00 30.79 ? 65   TRP A CZ3 1 
ATOM   27   C CH2 . TRP A 1 15  ? -9.140  17.556  -10.089 1.00 31.39 ? 65   TRP A CH2 1 
ATOM   28   N N   . ARG A 1 16  ? -12.999 10.501  -8.318  1.00 21.24 ? 66   ARG A N   1 
ATOM   29   C CA  . ARG A 1 16  ? -13.671 9.702   -7.296  1.00 21.33 ? 66   ARG A CA  1 
ATOM   30   C C   . ARG A 1 16  ? -13.000 9.966   -5.942  1.00 20.01 ? 66   ARG A C   1 
ATOM   31   O O   . ARG A 1 16  ? -11.792 10.194  -5.879  1.00 18.80 ? 66   ARG A O   1 
ATOM   32   C CB  . ARG A 1 16  ? -13.549 8.215   -7.641  1.00 23.64 ? 66   ARG A CB  1 
ATOM   33   C CG  . ARG A 1 16  ? -12.206 7.626   -7.230  1.00 27.65 ? 66   ARG A CG  1 
ATOM   34   C CD  . ARG A 1 16  ? -11.468 6.918   -8.348  1.00 30.52 ? 66   ARG A CD  1 
ATOM   35   N NE  . ARG A 1 16  ? -12.076 5.644   -8.699  1.00 31.93 ? 66   ARG A NE  1 
ATOM   36   C CZ  . ARG A 1 16  ? -11.404 4.603   -9.184  1.00 31.54 ? 66   ARG A CZ  1 
ATOM   37   N NH1 . ARG A 1 16  ? -10.092 4.681   -9.376  1.00 29.30 ? 66   ARG A NH1 1 
ATOM   38   N NH2 . ARG A 1 16  ? -12.049 3.481   -9.481  1.00 28.34 ? 66   ARG A NH2 1 
ATOM   39   N N   . SER A 1 17  ? -13.781 9.917   -4.868  1.00 19.36 ? 67   SER A N   1 
ATOM   40   C CA  . SER A 1 17  ? -13.256 10.168  -3.529  1.00 18.97 ? 67   SER A CA  1 
ATOM   41   C C   . SER A 1 17  ? -12.644 8.931   -2.874  1.00 18.56 ? 67   SER A C   1 
ATOM   42   O O   . SER A 1 17  ? -11.988 9.033   -1.843  1.00 17.91 ? 67   SER A O   1 
ATOM   43   C CB  . SER A 1 17  ? -14.361 10.721  -2.627  1.00 20.48 ? 67   SER A CB  1 
ATOM   44   O OG  . SER A 1 17  ? -15.417 9.788   -2.493  1.00 19.78 ? 67   SER A OG  1 
ATOM   45   N N   . GLU A 1 18  ? -12.866 7.764   -3.466  1.00 17.40 ? 68   GLU A N   1 
ATOM   46   C CA  . GLU A 1 18  ? -12.325 6.530   -2.912  1.00 18.65 ? 68   GLU A CA  1 
ATOM   47   C C   . GLU A 1 18  ? -12.265 5.436   -3.970  1.00 17.83 ? 68   GLU A C   1 
ATOM   48   O O   . GLU A 1 18  ? -12.892 5.540   -5.024  1.00 18.28 ? 68   GLU A O   1 
ATOM   49   C CB  . GLU A 1 18  ? -13.180 6.052   -1.732  1.00 19.56 ? 68   GLU A CB  1 
ATOM   50   C CG  . GLU A 1 18  ? -14.612 5.676   -2.097  1.00 20.60 ? 68   GLU A CG  1 
ATOM   51   C CD  . GLU A 1 18  ? -15.424 5.223   -0.891  1.00 23.01 ? 68   GLU A CD  1 
ATOM   52   O OE1 . GLU A 1 18  ? -15.506 5.977   0.103   1.00 23.65 ? 68   GLU A OE1 1 
ATOM   53   O OE2 . GLU A 1 18  ? -15.983 4.110   -0.936  1.00 24.65 ? 68   GLU A OE2 1 
ATOM   54   N N   . ALA A 1 19  ? -11.507 4.388   -3.679  1.00 17.03 ? 69   ALA A N   1 
ATOM   55   C CA  . ALA A 1 19  ? -11.373 3.266   -4.594  1.00 16.46 ? 69   ALA A CA  1 
ATOM   56   C C   . ALA A 1 19  ? -10.601 2.135   -3.939  1.00 15.46 ? 69   ALA A C   1 
ATOM   57   O O   . ALA A 1 19  ? -9.921  2.330   -2.938  1.00 13.73 ? 69   ALA A O   1 
ATOM   58   C CB  . ALA A 1 19  ? -10.655 3.705   -5.866  1.00 17.19 ? 69   ALA A CB  1 
ATOM   59   N N   . THR A 1 20  ? -10.719 0.949   -4.521  1.00 16.74 ? 70   THR A N   1 
ATOM   60   C CA  . THR A 1 20  ? -10.019 -0.228  -4.037  1.00 16.95 ? 70   THR A CA  1 
ATOM   61   C C   . THR A 1 20  ? -9.231  -0.764  -5.215  1.00 17.15 ? 70   THR A C   1 
ATOM   62   O O   . THR A 1 20  ? -9.784  -0.959  -6.297  1.00 18.15 ? 70   THR A O   1 
ATOM   63   C CB  . THR A 1 20  ? -10.994 -1.327  -3.572  1.00 17.19 ? 70   THR A CB  1 
ATOM   64   O OG1 . THR A 1 20  ? -11.805 -0.826  -2.505  1.00 17.54 ? 70   THR A OG1 1 
ATOM   65   C CG2 . THR A 1 20  ? -10.224 -2.558  -3.087  1.00 17.47 ? 70   THR A CG2 1 
ATOM   66   N N   . PHE A 1 21  ? -7.935  -0.978  -5.017  1.00 16.01 ? 71   PHE A N   1 
ATOM   67   C CA  . PHE A 1 21  ? -7.114  -1.517  -6.085  1.00 15.34 ? 71   PHE A CA  1 
ATOM   68   C C   . PHE A 1 21  ? -6.153  -2.549  -5.525  1.00 15.47 ? 71   PHE A C   1 
ATOM   69   O O   . PHE A 1 21  ? -5.854  -2.551  -4.324  1.00 14.93 ? 71   PHE A O   1 
ATOM   70   C CB  . PHE A 1 21  ? -6.360  -0.399  -6.839  1.00 14.91 ? 71   PHE A CB  1 
ATOM   71   C CG  . PHE A 1 21  ? -5.315  0.325   -6.017  1.00 16.62 ? 71   PHE A CG  1 
ATOM   72   C CD1 . PHE A 1 21  ? -5.684  1.216   -5.011  1.00 15.23 ? 71   PHE A CD1 1 
ATOM   73   C CD2 . PHE A 1 21  ? -3.955  0.148   -6.292  1.00 16.71 ? 71   PHE A CD2 1 
ATOM   74   C CE1 . PHE A 1 21  ? -4.715  1.930   -4.289  1.00 15.10 ? 71   PHE A CE1 1 
ATOM   75   C CE2 . PHE A 1 21  ? -2.977  0.854   -5.578  1.00 16.74 ? 71   PHE A CE2 1 
ATOM   76   C CZ  . PHE A 1 21  ? -3.362  1.748   -4.574  1.00 18.31 ? 71   PHE A CZ  1 
ATOM   77   N N   . GLN A 1 22  ? -5.689  -3.436  -6.400  1.00 14.69 ? 72   GLN A N   1 
ATOM   78   C CA  . GLN A 1 22  ? -4.779  -4.505  -6.012  1.00 14.86 ? 72   GLN A CA  1 
ATOM   79   C C   . GLN A 1 22  ? -3.519  -4.569  -6.871  1.00 13.65 ? 72   GLN A C   1 
ATOM   80   O O   . GLN A 1 22  ? -3.495  -4.101  -8.005  1.00 15.20 ? 72   GLN A O   1 
ATOM   81   C CB  . GLN A 1 22  ? -5.507  -5.854  -6.082  1.00 15.83 ? 72   GLN A CB  1 
ATOM   82   C CG  . GLN A 1 22  ? -6.670  -5.974  -5.103  1.00 18.59 ? 72   GLN A CG  1 
ATOM   83   C CD  . GLN A 1 22  ? -7.345  -7.337  -5.140  1.00 21.32 ? 72   GLN A CD  1 
ATOM   84   O OE1 . GLN A 1 22  ? -8.135  -7.673  -4.252  1.00 24.78 ? 72   GLN A OE1 1 
ATOM   85   N NE2 . GLN A 1 22  ? -7.049  -8.121  -6.170  1.00 17.34 ? 72   GLN A NE2 1 
ATOM   86   N N   . PHE A 1 23  ? -2.481  -5.179  -6.317  1.00 11.71 ? 73   PHE A N   1 
ATOM   87   C CA  . PHE A 1 23  ? -1.206  -5.346  -7.003  1.00 12.11 ? 73   PHE A CA  1 
ATOM   88   C C   . PHE A 1 23  ? -0.629  -6.688  -6.586  1.00 12.35 ? 73   PHE A C   1 
ATOM   89   O O   . PHE A 1 23  ? -0.439  -6.944  -5.394  1.00 11.64 ? 73   PHE A O   1 
ATOM   90   C CB  . PHE A 1 23  ? -0.239  -4.226  -6.611  1.00 12.87 ? 73   PHE A CB  1 
ATOM   91   C CG  . PHE A 1 23  ? 1.109   -4.320  -7.278  1.00 14.11 ? 73   PHE A CG  1 
ATOM   92   C CD1 . PHE A 1 23  ? 1.213   -4.313  -8.667  1.00 13.31 ? 73   PHE A CD1 1 
ATOM   93   C CD2 . PHE A 1 23  ? 2.273   -4.366  -6.520  1.00 13.26 ? 73   PHE A CD2 1 
ATOM   94   C CE1 . PHE A 1 23  ? 2.462   -4.346  -9.295  1.00 14.36 ? 73   PHE A CE1 1 
ATOM   95   C CE2 . PHE A 1 23  ? 3.526   -4.399  -7.134  1.00 17.07 ? 73   PHE A CE2 1 
ATOM   96   C CZ  . PHE A 1 23  ? 3.619   -4.389  -8.529  1.00 14.10 ? 73   PHE A CZ  1 
ATOM   97   N N   . THR A 1 24  ? -0.362  -7.549  -7.563  1.00 13.68 ? 74   THR A N   1 
ATOM   98   C CA  . THR A 1 24  ? 0.190   -8.866  -7.272  1.00 14.38 ? 74   THR A CA  1 
ATOM   99   C C   . THR A 1 24  ? 1.698   -8.898  -7.496  1.00 15.47 ? 74   THR A C   1 
ATOM   100  O O   . THR A 1 24  ? 2.187   -8.678  -8.607  1.00 14.74 ? 74   THR A O   1 
ATOM   101  C CB  . THR A 1 24  ? -0.491  -9.949  -8.132  1.00 14.36 ? 74   THR A CB  1 
ATOM   102  O OG1 . THR A 1 24  ? -1.897  -9.954  -7.850  1.00 14.36 ? 74   THR A OG1 1 
ATOM   103  C CG2 . THR A 1 24  ? 0.079   -11.335 -7.824  1.00 15.96 ? 74   THR A CG2 1 
ATOM   104  N N   . VAL A 1 25  ? 2.432   -9.164  -6.422  1.00 14.75 ? 75   VAL A N   1 
ATOM   105  C CA  . VAL A 1 25  ? 3.882   -9.230  -6.492  1.00 15.20 ? 75   VAL A CA  1 
ATOM   106  C C   . VAL A 1 25  ? 4.310   -10.655 -6.839  1.00 15.81 ? 75   VAL A C   1 
ATOM   107  O O   . VAL A 1 25  ? 4.011   -11.600 -6.111  1.00 14.87 ? 75   VAL A O   1 
ATOM   108  C CB  . VAL A 1 25  ? 4.513   -8.811  -5.150  1.00 14.32 ? 75   VAL A CB  1 
ATOM   109  C CG1 . VAL A 1 25  ? 6.030   -8.847  -5.251  1.00 14.01 ? 75   VAL A CG1 1 
ATOM   110  C CG2 . VAL A 1 25  ? 4.049   -7.404  -4.782  1.00 14.26 ? 75   VAL A CG2 1 
ATOM   111  N N   . GLU A 1 26  ? 5.011   -10.797 -7.958  1.00 17.07 ? 76   GLU A N   1 
ATOM   112  C CA  . GLU A 1 26  ? 5.468   -12.106 -8.416  1.00 17.51 ? 76   GLU A CA  1 
ATOM   113  C C   . GLU A 1 26  ? 6.880   -12.410 -7.914  1.00 17.13 ? 76   GLU A C   1 
ATOM   114  O O   . GLU A 1 26  ? 7.608   -11.500 -7.512  1.00 15.39 ? 76   GLU A O   1 
ATOM   115  C CB  . GLU A 1 26  ? 5.385   -12.161 -9.950  1.00 18.38 ? 76   GLU A CB  1 
ATOM   116  C CG  . GLU A 1 26  ? 3.938   -12.009 -10.452 1.00 22.02 ? 76   GLU A CG  1 
ATOM   117  C CD  . GLU A 1 26  ? 3.796   -11.977 -11.969 1.00 24.61 ? 76   GLU A CD  1 
ATOM   118  O OE1 . GLU A 1 26  ? 4.438   -12.796 -12.658 1.00 23.73 ? 76   GLU A OE1 1 
ATOM   119  O OE2 . GLU A 1 26  ? 3.019   -11.137 -12.472 1.00 27.25 ? 76   GLU A OE2 1 
ATOM   120  N N   . ARG A 1 27  ? 7.256   -13.690 -7.935  1.00 16.45 ? 77   ARG A N   1 
ATOM   121  C CA  . ARG A 1 27  ? 8.567   -14.127 -7.454  1.00 17.83 ? 77   ARG A CA  1 
ATOM   122  C C   . ARG A 1 27  ? 8.785   -13.490 -6.086  1.00 17.94 ? 77   ARG A C   1 
ATOM   123  O O   . ARG A 1 27  ? 9.874   -13.013 -5.770  1.00 17.10 ? 77   ARG A O   1 
ATOM   124  C CB  . ARG A 1 27  ? 9.677   -13.689 -8.419  1.00 19.50 ? 77   ARG A CB  1 
ATOM   125  C CG  . ARG A 1 27  ? 9.550   -14.251 -9.830  1.00 25.06 ? 77   ARG A CG  1 
ATOM   126  C CD  . ARG A 1 27  ? 10.583  -13.613 -10.764 1.00 32.22 ? 77   ARG A CD  1 
ATOM   127  N NE  . ARG A 1 27  ? 10.306  -13.880 -12.173 1.00 38.32 ? 77   ARG A NE  1 
ATOM   128  C CZ  . ARG A 1 27  ? 10.847  -13.209 -13.188 1.00 41.83 ? 77   ARG A CZ  1 
ATOM   129  N NH1 . ARG A 1 27  ? 11.704  -12.219 -12.960 1.00 42.82 ? 77   ARG A NH1 1 
ATOM   130  N NH2 . ARG A 1 27  ? 10.527  -13.525 -14.436 1.00 42.42 ? 77   ARG A NH2 1 
ATOM   131  N N   . PHE A 1 28  ? 7.731   -13.494 -5.279  1.00 16.60 ? 78   PHE A N   1 
ATOM   132  C CA  . PHE A 1 28  ? 7.765   -12.888 -3.960  1.00 17.40 ? 78   PHE A CA  1 
ATOM   133  C C   . PHE A 1 28  ? 8.900   -13.338 -3.040  1.00 17.10 ? 78   PHE A C   1 
ATOM   134  O O   . PHE A 1 28  ? 9.560   -12.509 -2.425  1.00 16.14 ? 78   PHE A O   1 
ATOM   135  C CB  . PHE A 1 28  ? 6.432   -13.110 -3.248  1.00 16.02 ? 78   PHE A CB  1 
ATOM   136  C CG  . PHE A 1 28  ? 6.286   -12.295 -2.006  1.00 15.24 ? 78   PHE A CG  1 
ATOM   137  C CD1 . PHE A 1 28  ? 5.816   -10.987 -2.073  1.00 15.52 ? 78   PHE A CD1 1 
ATOM   138  C CD2 . PHE A 1 28  ? 6.671   -12.813 -0.776  1.00 14.95 ? 78   PHE A CD2 1 
ATOM   139  C CE1 . PHE A 1 28  ? 5.738   -10.201 -0.930  1.00 18.85 ? 78   PHE A CE1 1 
ATOM   140  C CE2 . PHE A 1 28  ? 6.598   -12.040 0.375   1.00 17.40 ? 78   PHE A CE2 1 
ATOM   141  C CZ  . PHE A 1 28  ? 6.128   -10.725 0.296   1.00 18.29 ? 78   PHE A CZ  1 
ATOM   142  N N   . SER A 1 29  ? 9.119   -14.644 -2.938  1.00 16.40 ? 79   SER A N   1 
ATOM   143  C CA  . SER A 1 29  ? 10.170  -15.164 -2.071  1.00 18.72 ? 79   SER A CA  1 
ATOM   144  C C   . SER A 1 29  ? 11.551  -14.610 -2.426  1.00 19.70 ? 79   SER A C   1 
ATOM   145  O O   . SER A 1 29  ? 12.465  -14.622 -1.597  1.00 19.94 ? 79   SER A O   1 
ATOM   146  C CB  . SER A 1 29  ? 10.201  -16.693 -2.142  1.00 18.57 ? 79   SER A CB  1 
ATOM   147  O OG  . SER A 1 29  ? 10.602  -17.126 -3.427  1.00 19.68 ? 79   SER A OG  1 
ATOM   148  N N   . ARG A 1 30  ? 11.691  -14.108 -3.649  1.00 19.22 ? 80   ARG A N   1 
ATOM   149  C CA  . ARG A 1 30  ? 12.962  -13.573 -4.122  1.00 21.47 ? 80   ARG A CA  1 
ATOM   150  C C   . ARG A 1 30  ? 13.055  -12.050 -4.066  1.00 21.62 ? 80   ARG A C   1 
ATOM   151  O O   . ARG A 1 30  ? 14.074  -11.481 -4.451  1.00 21.97 ? 80   ARG A O   1 
ATOM   152  C CB  . ARG A 1 30  ? 13.217  -14.053 -5.554  1.00 22.86 ? 80   ARG A CB  1 
ATOM   153  C CG  . ARG A 1 30  ? 13.371  -15.566 -5.670  1.00 27.68 ? 80   ARG A CG  1 
ATOM   154  C CD  . ARG A 1 30  ? 12.843  -16.095 -7.000  1.00 31.39 ? 80   ARG A CD  1 
ATOM   155  N NE  . ARG A 1 30  ? 13.583  -15.574 -8.147  1.00 36.81 ? 80   ARG A NE  1 
ATOM   156  C CZ  . ARG A 1 30  ? 13.236  -15.774 -9.415  1.00 37.60 ? 80   ARG A CZ  1 
ATOM   157  N NH1 . ARG A 1 30  ? 12.154  -16.483 -9.710  1.00 39.73 ? 80   ARG A NH1 1 
ATOM   158  N NH2 . ARG A 1 30  ? 13.970  -15.261 -10.392 1.00 36.21 ? 80   ARG A NH2 1 
ATOM   159  N N   . LEU A 1 31  ? 12.004  -11.396 -3.579  1.00 20.95 ? 81   LEU A N   1 
ATOM   160  C CA  . LEU A 1 31  ? 11.982  -9.937  -3.491  1.00 21.56 ? 81   LEU A CA  1 
ATOM   161  C C   . LEU A 1 31  ? 13.209  -9.393  -2.752  1.00 21.69 ? 81   LEU A C   1 
ATOM   162  O O   . LEU A 1 31  ? 13.505  -9.807  -1.632  1.00 20.33 ? 81   LEU A O   1 
ATOM   163  C CB  . LEU A 1 31  ? 10.704  -9.468  -2.785  1.00 20.87 ? 81   LEU A CB  1 
ATOM   164  C CG  . LEU A 1 31  ? 10.363  -7.987  -2.957  1.00 23.03 ? 81   LEU A CG  1 
ATOM   165  C CD1 . LEU A 1 31  ? 9.982   -7.734  -4.409  1.00 24.15 ? 81   LEU A CD1 1 
ATOM   166  C CD2 . LEU A 1 31  ? 9.214   -7.598  -2.044  1.00 22.44 ? 81   LEU A CD2 1 
ATOM   167  N N   . SER A 1 32  ? 13.908  -8.451  -3.375  1.00 21.83 ? 82   SER A N   1 
ATOM   168  C CA  . SER A 1 32  ? 15.110  -7.876  -2.773  1.00 26.20 ? 82   SER A CA  1 
ATOM   169  C C   . SER A 1 32  ? 15.094  -6.354  -2.776  1.00 27.78 ? 82   SER A C   1 
ATOM   170  O O   . SER A 1 32  ? 15.780  -5.717  -1.978  1.00 30.62 ? 82   SER A O   1 
ATOM   171  C CB  . SER A 1 32  ? 16.353  -8.362  -3.522  1.00 25.36 ? 82   SER A CB  1 
ATOM   172  O OG  . SER A 1 32  ? 16.264  -8.024  -4.895  1.00 28.38 ? 82   SER A OG  1 
ATOM   173  N N   . GLU A 1 33  ? 14.316  -5.777  -3.683  1.00 28.26 ? 83   GLU A N   1 
ATOM   174  C CA  . GLU A 1 33  ? 14.213  -4.328  -3.794  1.00 28.85 ? 83   GLU A CA  1 
ATOM   175  C C   . GLU A 1 33  ? 12.771  -3.913  -3.557  1.00 26.03 ? 83   GLU A C   1 
ATOM   176  O O   . GLU A 1 33  ? 11.869  -4.745  -3.539  1.00 25.57 ? 83   GLU A O   1 
ATOM   177  C CB  . GLU A 1 33  ? 14.634  -3.866  -5.193  1.00 31.19 ? 83   GLU A CB  1 
ATOM   178  C CG  . GLU A 1 33  ? 16.057  -4.227  -5.602  1.00 39.35 ? 83   GLU A CG  1 
ATOM   179  C CD  . GLU A 1 33  ? 17.106  -3.399  -4.885  1.00 43.09 ? 83   GLU A CD  1 
ATOM   180  O OE1 . GLU A 1 33  ? 17.284  -3.584  -3.661  1.00 45.92 ? 83   GLU A OE1 1 
ATOM   181  O OE2 . GLU A 1 33  ? 17.750  -2.555  -5.546  1.00 46.31 ? 83   GLU A OE2 1 
ATOM   182  N N   . SER A 1 34  ? 12.561  -2.619  -3.368  1.00 22.45 ? 84   SER A N   1 
ATOM   183  C CA  . SER A 1 34  ? 11.220  -2.099  -3.170  1.00 21.31 ? 84   SER A CA  1 
ATOM   184  C C   . SER A 1 34  ? 10.507  -2.200  -4.522  1.00 18.79 ? 84   SER A C   1 
ATOM   185  O O   . SER A 1 34  ? 11.127  -1.989  -5.567  1.00 17.16 ? 84   SER A O   1 
ATOM   186  C CB  . SER A 1 34  ? 11.304  -0.639  -2.717  1.00 22.65 ? 84   SER A CB  1 
ATOM   187  O OG  . SER A 1 34  ? 10.023  -0.053  -2.626  1.00 29.97 ? 84   SER A OG  1 
ATOM   188  N N   . VAL A 1 35  ? 9.224   -2.557  -4.513  1.00 17.31 ? 85   VAL A N   1 
ATOM   189  C CA  . VAL A 1 35  ? 8.454   -2.654  -5.754  1.00 15.78 ? 85   VAL A CA  1 
ATOM   190  C C   . VAL A 1 35  ? 7.237   -1.740  -5.665  1.00 15.41 ? 85   VAL A C   1 
ATOM   191  O O   . VAL A 1 35  ? 6.668   -1.557  -4.588  1.00 16.22 ? 85   VAL A O   1 
ATOM   192  C CB  . VAL A 1 35  ? 7.982   -4.113  -6.044  1.00 16.37 ? 85   VAL A CB  1 
ATOM   193  C CG1 . VAL A 1 35  ? 9.186   -5.025  -6.189  1.00 17.89 ? 85   VAL A CG1 1 
ATOM   194  C CG2 . VAL A 1 35  ? 7.071   -4.611  -4.930  1.00 13.61 ? 85   VAL A CG2 1 
ATOM   195  N N   . LEU A 1 36  ? 6.852   -1.161  -6.800  1.00 16.20 ? 86   LEU A N   1 
ATOM   196  C CA  . LEU A 1 36  ? 5.717   -0.246  -6.868  1.00 15.65 ? 86   LEU A CA  1 
ATOM   197  C C   . LEU A 1 36  ? 4.678   -0.690  -7.885  1.00 15.70 ? 86   LEU A C   1 
ATOM   198  O O   . LEU A 1 36  ? 5.015   -1.149  -8.977  1.00 14.53 ? 86   LEU A O   1 
ATOM   199  C CB  . LEU A 1 36  ? 6.193   1.161   -7.248  1.00 18.44 ? 86   LEU A CB  1 
ATOM   200  C CG  . LEU A 1 36  ? 6.991   1.985   -6.236  1.00 21.84 ? 86   LEU A CG  1 
ATOM   201  C CD1 . LEU A 1 36  ? 7.569   3.211   -6.939  1.00 22.97 ? 86   LEU A CD1 1 
ATOM   202  C CD2 . LEU A 1 36  ? 6.080   2.407   -5.076  1.00 21.08 ? 86   LEU A CD2 1 
ATOM   203  N N   . SER A 1 37  ? 3.409   -0.540  -7.521  1.00 14.44 ? 87   SER A N   1 
ATOM   204  C CA  . SER A 1 37  ? 2.305   -0.903  -8.405  1.00 14.61 ? 87   SER A CA  1 
ATOM   205  C C   . SER A 1 37  ? 2.040   0.246   -9.367  1.00 14.00 ? 87   SER A C   1 
ATOM   206  O O   . SER A 1 37  ? 2.603   1.330   -9.219  1.00 12.76 ? 87   SER A O   1 
ATOM   207  C CB  . SER A 1 37  ? 1.027   -1.122  -7.592  1.00 14.36 ? 87   SER A CB  1 
ATOM   208  O OG  . SER A 1 37  ? 0.482   0.121   -7.155  1.00 14.34 ? 87   SER A OG  1 
ATOM   209  N N   . PRO A 1 38  ? 1.204   0.009   -10.389 1.00 15.12 ? 88   PRO A N   1 
ATOM   210  C CA  . PRO A 1 38  ? 0.886   1.084   -11.329 1.00 14.79 ? 88   PRO A CA  1 
ATOM   211  C C   . PRO A 1 38  ? -0.020  2.005   -10.502 1.00 14.35 ? 88   PRO A C   1 
ATOM   212  O O   . PRO A 1 38  ? -0.520  1.606   -9.449  1.00 13.88 ? 88   PRO A O   1 
ATOM   213  C CB  . PRO A 1 38  ? 0.121   0.364   -12.437 1.00 12.94 ? 88   PRO A CB  1 
ATOM   214  C CG  . PRO A 1 38  ? 0.727   -1.011  -12.428 1.00 15.86 ? 88   PRO A CG  1 
ATOM   215  C CD  . PRO A 1 38  ? 0.822   -1.305  -10.943 1.00 15.76 ? 88   PRO A CD  1 
ATOM   216  N N   . PRO A 1 39  ? -0.258  3.236   -10.964 1.00 15.73 ? 89   PRO A N   1 
ATOM   217  C CA  . PRO A 1 39  ? -1.115  4.124   -10.175 1.00 15.79 ? 89   PRO A CA  1 
ATOM   218  C C   . PRO A 1 39  ? -2.622  3.905   -10.293 1.00 14.68 ? 89   PRO A C   1 
ATOM   219  O O   . PRO A 1 39  ? -3.127  3.480   -11.331 1.00 15.96 ? 89   PRO A O   1 
ATOM   220  C CB  . PRO A 1 39  ? -0.714  5.503   -10.679 1.00 14.80 ? 89   PRO A CB  1 
ATOM   221  C CG  . PRO A 1 39  ? -0.526  5.239   -12.145 1.00 16.12 ? 89   PRO A CG  1 
ATOM   222  C CD  . PRO A 1 39  ? 0.241   3.918   -12.172 1.00 14.48 ? 89   PRO A CD  1 
ATOM   223  N N   . CYS A 1 40  ? -3.320  4.206   -9.202  1.00 13.73 ? 90   CYS A N   1 
ATOM   224  C CA  . CYS A 1 40  ? -4.775  4.147   -9.141  1.00 14.82 ? 90   CYS A CA  1 
ATOM   225  C C   . CYS A 1 40  ? -5.150  5.589   -8.823  1.00 14.74 ? 90   CYS A C   1 
ATOM   226  O O   . CYS A 1 40  ? -4.738  6.125   -7.793  1.00 16.15 ? 90   CYS A O   1 
ATOM   227  C CB  . CYS A 1 40  ? -5.257  3.232   -8.013  1.00 14.80 ? 90   CYS A CB  1 
ATOM   228  S SG  . CYS A 1 40  ? -7.045  3.323   -7.706  1.00 16.59 ? 90   CYS A SG  1 
ATOM   229  N N   . PHE A 1 41  ? -5.917  6.224   -9.702  1.00 14.85 ? 91   PHE A N   1 
ATOM   230  C CA  . PHE A 1 41  ? -6.289  7.615   -9.483  1.00 15.39 ? 91   PHE A CA  1 
ATOM   231  C C   . PHE A 1 41  ? -7.504  7.822   -8.590  1.00 15.52 ? 91   PHE A C   1 
ATOM   232  O O   . PHE A 1 41  ? -8.577  7.267   -8.826  1.00 14.93 ? 91   PHE A O   1 
ATOM   233  C CB  . PHE A 1 41  ? -6.478  8.324   -10.828 1.00 16.73 ? 91   PHE A CB  1 
ATOM   234  C CG  . PHE A 1 41  ? -5.218  8.390   -11.648 1.00 18.58 ? 91   PHE A CG  1 
ATOM   235  C CD1 . PHE A 1 41  ? -4.893  7.369   -12.536 1.00 18.22 ? 91   PHE A CD1 1 
ATOM   236  C CD2 . PHE A 1 41  ? -4.326  9.446   -11.486 1.00 18.35 ? 91   PHE A CD2 1 
ATOM   237  C CE1 . PHE A 1 41  ? -3.698  7.396   -13.252 1.00 18.73 ? 91   PHE A CE1 1 
ATOM   238  C CE2 . PHE A 1 41  ? -3.126  9.482   -12.196 1.00 18.94 ? 91   PHE A CE2 1 
ATOM   239  C CZ  . PHE A 1 41  ? -2.811  8.455   -13.080 1.00 19.37 ? 91   PHE A CZ  1 
ATOM   240  N N   . VAL A 1 42  ? -7.299  8.619   -7.548  1.00 14.56 ? 92   VAL A N   1 
ATOM   241  C CA  . VAL A 1 42  ? -8.330  8.962   -6.578  1.00 15.42 ? 92   VAL A CA  1 
ATOM   242  C C   . VAL A 1 42  ? -8.101  10.448  -6.279  1.00 14.75 ? 92   VAL A C   1 
ATOM   243  O O   . VAL A 1 42  ? -6.975  10.860  -5.990  1.00 15.28 ? 92   VAL A O   1 
ATOM   244  C CB  . VAL A 1 42  ? -8.182  8.117   -5.293  1.00 13.94 ? 92   VAL A CB  1 
ATOM   245  C CG1 . VAL A 1 42  ? -9.242  8.511   -4.278  1.00 16.25 ? 92   VAL A CG1 1 
ATOM   246  C CG2 . VAL A 1 42  ? -8.315  6.633   -5.635  1.00 15.28 ? 92   VAL A CG2 1 
ATOM   247  N N   . ARG A 1 43  ? -9.165  11.244  -6.366  1.00 15.67 ? 93   ARG A N   1 
ATOM   248  C CA  . ARG A 1 43  ? -9.072  12.690  -6.164  1.00 16.46 ? 93   ARG A CA  1 
ATOM   249  C C   . ARG A 1 43  ? -8.085  13.244  -7.192  1.00 17.38 ? 93   ARG A C   1 
ATOM   250  O O   . ARG A 1 43  ? -7.394  14.240  -6.962  1.00 19.03 ? 93   ARG A O   1 
ATOM   251  C CB  . ARG A 1 43  ? -8.606  13.017  -4.744  1.00 16.45 ? 93   ARG A CB  1 
ATOM   252  C CG  . ARG A 1 43  ? -9.601  12.657  -3.651  1.00 14.40 ? 93   ARG A CG  1 
ATOM   253  C CD  . ARG A 1 43  ? -10.893 13.467  -3.735  1.00 14.38 ? 93   ARG A CD  1 
ATOM   254  N NE  . ARG A 1 43  ? -11.665 13.354  -2.499  1.00 16.99 ? 93   ARG A NE  1 
ATOM   255  C CZ  . ARG A 1 43  ? -12.798 14.009  -2.255  1.00 18.52 ? 93   ARG A CZ  1 
ATOM   256  N NH1 . ARG A 1 43  ? -13.307 14.830  -3.166  1.00 19.27 ? 93   ARG A NH1 1 
ATOM   257  N NH2 . ARG A 1 43  ? -13.413 13.856  -1.091  1.00 17.24 ? 93   ARG A NH2 1 
ATOM   258  N N   . ASN A 1 44  ? -8.042  12.564  -8.333  1.00 18.11 ? 94   ASN A N   1 
ATOM   259  C CA  . ASN A 1 44  ? -7.186  12.897  -9.465  1.00 18.71 ? 94   ASN A CA  1 
ATOM   260  C C   . ASN A 1 44  ? -5.690  12.825  -9.175  1.00 18.11 ? 94   ASN A C   1 
ATOM   261  O O   . ASN A 1 44  ? -4.885  13.394  -9.908  1.00 17.16 ? 94   ASN A O   1 
ATOM   262  C CB  . ASN A 1 44  ? -7.533  14.282  -10.028 1.00 19.60 ? 94   ASN A CB  1 
ATOM   263  C CG  . ASN A 1 44  ? -7.132  14.426  -11.486 1.00 22.11 ? 94   ASN A CG  1 
ATOM   264  O OD1 . ASN A 1 44  ? -6.660  15.478  -11.916 1.00 24.68 ? 94   ASN A OD1 1 
ATOM   265  N ND2 . ASN A 1 44  ? -7.327  13.362  -12.259 1.00 17.82 ? 94   ASN A ND2 1 
ATOM   266  N N   . LEU A 1 45  ? -5.319  12.127  -8.107  1.00 17.30 ? 95   LEU A N   1 
ATOM   267  C CA  . LEU A 1 45  ? -3.912  11.963  -7.755  1.00 14.41 ? 95   LEU A CA  1 
ATOM   268  C C   . LEU A 1 45  ? -3.523  10.494  -7.922  1.00 14.72 ? 95   LEU A C   1 
ATOM   269  O O   . LEU A 1 45  ? -4.359  9.599   -7.772  1.00 14.09 ? 95   LEU A O   1 
ATOM   270  C CB  . LEU A 1 45  ? -3.663  12.406  -6.312  1.00 15.70 ? 95   LEU A CB  1 
ATOM   271  C CG  . LEU A 1 45  ? -3.833  13.900  -6.001  1.00 15.72 ? 95   LEU A CG  1 
ATOM   272  C CD1 . LEU A 1 45  ? -3.571  14.128  -4.520  1.00 15.36 ? 95   LEU A CD1 1 
ATOM   273  C CD2 . LEU A 1 45  ? -2.862  14.734  -6.843  1.00 16.15 ? 95   LEU A CD2 1 
ATOM   274  N N   . PRO A 1 46  ? -2.250  10.221  -8.247  1.00 13.45 ? 96   PRO A N   1 
ATOM   275  C CA  . PRO A 1 46  ? -1.854  8.820   -8.412  1.00 15.09 ? 96   PRO A CA  1 
ATOM   276  C C   . PRO A 1 46  ? -1.478  8.143   -7.092  1.00 14.72 ? 96   PRO A C   1 
ATOM   277  O O   . PRO A 1 46  ? -0.598  8.616   -6.374  1.00 14.73 ? 96   PRO A O   1 
ATOM   278  C CB  . PRO A 1 46  ? -0.675  8.910   -9.382  1.00 13.63 ? 96   PRO A CB  1 
ATOM   279  C CG  . PRO A 1 46  ? -0.019  10.203  -8.964  1.00 16.10 ? 96   PRO A CG  1 
ATOM   280  C CD  . PRO A 1 46  ? -1.211  11.133  -8.761  1.00 15.00 ? 96   PRO A CD  1 
ATOM   281  N N   . TRP A 1 47  ? -2.158  7.047   -6.770  1.00 14.15 ? 97   TRP A N   1 
ATOM   282  C CA  . TRP A 1 47  ? -1.865  6.310   -5.544  1.00 12.39 ? 97   TRP A CA  1 
ATOM   283  C C   . TRP A 1 47  ? -1.231  4.979   -5.913  1.00 12.05 ? 97   TRP A C   1 
ATOM   284  O O   . TRP A 1 47  ? -1.633  4.347   -6.889  1.00 12.44 ? 97   TRP A O   1 
ATOM   285  C CB  . TRP A 1 47  ? -3.141  6.068   -4.735  1.00 11.56 ? 97   TRP A CB  1 
ATOM   286  C CG  . TRP A 1 47  ? -3.836  7.325   -4.344  1.00 14.24 ? 97   TRP A CG  1 
ATOM   287  C CD1 . TRP A 1 47  ? -4.640  8.099   -5.131  1.00 11.85 ? 97   TRP A CD1 1 
ATOM   288  C CD2 . TRP A 1 47  ? -3.775  7.979   -3.065  1.00 13.27 ? 97   TRP A CD2 1 
ATOM   289  N NE1 . TRP A 1 47  ? -5.085  9.191   -4.424  1.00 14.95 ? 97   TRP A NE1 1 
ATOM   290  C CE2 . TRP A 1 47  ? -4.569  9.144   -3.154  1.00 13.83 ? 97   TRP A CE2 1 
ATOM   291  C CE3 . TRP A 1 47  ? -3.124  7.691   -1.856  1.00 13.95 ? 97   TRP A CE3 1 
ATOM   292  C CZ2 . TRP A 1 47  ? -4.736  10.027  -2.075  1.00 14.63 ? 97   TRP A CZ2 1 
ATOM   293  C CZ3 . TRP A 1 47  ? -3.286  8.569   -0.780  1.00 14.12 ? 97   TRP A CZ3 1 
ATOM   294  C CH2 . TRP A 1 47  ? -4.089  9.726   -0.901  1.00 14.34 ? 97   TRP A CH2 1 
ATOM   295  N N   . LYS A 1 48  ? -0.241  4.549   -5.136  1.00 13.51 ? 98   LYS A N   1 
ATOM   296  C CA  . LYS A 1 48  ? 0.437   3.293   -5.436  1.00 13.27 ? 98   LYS A CA  1 
ATOM   297  C C   . LYS A 1 48  ? 0.732   2.421   -4.222  1.00 13.78 ? 98   LYS A C   1 
ATOM   298  O O   . LYS A 1 48  ? 0.904   2.909   -3.100  1.00 12.77 ? 98   LYS A O   1 
ATOM   299  C CB  . LYS A 1 48  ? 1.766   3.565   -6.146  1.00 13.39 ? 98   LYS A CB  1 
ATOM   300  C CG  . LYS A 1 48  ? 1.677   4.342   -7.456  1.00 13.48 ? 98   LYS A CG  1 
ATOM   301  C CD  . LYS A 1 48  ? 3.077   4.619   -7.983  1.00 12.31 ? 98   LYS A CD  1 
ATOM   302  C CE  . LYS A 1 48  ? 3.055   5.450   -9.254  1.00 12.95 ? 98   LYS A CE  1 
ATOM   303  N NZ  . LYS A 1 48  ? 4.440   5.708   -9.735  1.00 14.95 ? 98   LYS A NZ  1 
ATOM   304  N N   . ILE A 1 49  ? 0.797   1.118   -4.468  1.00 12.42 ? 99   ILE A N   1 
ATOM   305  C CA  . ILE A 1 49  ? 1.126   0.172   -3.424  1.00 13.96 ? 99   ILE A CA  1 
ATOM   306  C C   . ILE A 1 49  ? 2.644   0.018   -3.472  1.00 14.25 ? 99   ILE A C   1 
ATOM   307  O O   . ILE A 1 49  ? 3.235   -0.079  -4.547  1.00 16.27 ? 99   ILE A O   1 
ATOM   308  C CB  . ILE A 1 49  ? 0.422   -1.192  -3.656  1.00 14.06 ? 99   ILE A CB  1 
ATOM   309  C CG1 . ILE A 1 49  ? -1.031  -1.094  -3.181  1.00 14.60 ? 99   ILE A CG1 1 
ATOM   310  C CG2 . ILE A 1 49  ? 1.147   -2.308  -2.903  1.00 14.90 ? 99   ILE A CG2 1 
ATOM   311  C CD1 . ILE A 1 49  ? -1.924  -2.237  -3.645  1.00 13.33 ? 99   ILE A CD1 1 
ATOM   312  N N   . MET A 1 50  ? 3.267   0.024   -2.302  1.00 14.01 ? 100  MET A N   1 
ATOM   313  C CA  . MET A 1 50  ? 4.709   -0.106  -2.197  1.00 15.10 ? 100  MET A CA  1 
ATOM   314  C C   . MET A 1 50  ? 5.003   -1.288  -1.289  1.00 15.19 ? 100  MET A C   1 
ATOM   315  O O   . MET A 1 50  ? 4.535   -1.339  -0.152  1.00 13.46 ? 100  MET A O   1 
ATOM   316  C CB  . MET A 1 50  ? 5.297   1.182   -1.609  1.00 17.66 ? 100  MET A CB  1 
ATOM   317  C CG  . MET A 1 50  ? 6.806   1.213   -1.506  1.00 24.61 ? 100  MET A CG  1 
ATOM   318  S SD  . MET A 1 50  ? 7.377   2.706   -0.642  1.00 33.54 ? 100  MET A SD  1 
ATOM   319  C CE  . MET A 1 50  ? 7.835   3.741   -2.010  1.00 28.51 ? 100  MET A CE  1 
ATOM   320  N N   . VAL A 1 51  ? 5.771   -2.245  -1.794  1.00 13.47 ? 101  VAL A N   1 
ATOM   321  C CA  . VAL A 1 51  ? 6.108   -3.427  -1.016  1.00 14.40 ? 101  VAL A CA  1 
ATOM   322  C C   . VAL A 1 51  ? 7.613   -3.631  -1.028  1.00 14.75 ? 101  VAL A C   1 
ATOM   323  O O   . VAL A 1 51  ? 8.259   -3.474  -2.062  1.00 16.03 ? 101  VAL A O   1 
ATOM   324  C CB  . VAL A 1 51  ? 5.406   -4.682  -1.586  1.00 14.53 ? 101  VAL A CB  1 
ATOM   325  C CG1 . VAL A 1 51  ? 5.828   -5.921  -0.818  1.00 12.97 ? 101  VAL A CG1 1 
ATOM   326  C CG2 . VAL A 1 51  ? 3.890   -4.502  -1.502  1.00 15.64 ? 101  VAL A CG2 1 
ATOM   327  N N   . MET A 1 52  ? 8.171   -3.972  0.127   1.00 15.46 ? 102  MET A N   1 
ATOM   328  C CA  . MET A 1 52  ? 9.608   -4.178  0.225   1.00 16.85 ? 102  MET A CA  1 
ATOM   329  C C   . MET A 1 52  ? 9.952   -5.066  1.408   1.00 18.48 ? 102  MET A C   1 
ATOM   330  O O   . MET A 1 52  ? 9.272   -5.040  2.430   1.00 17.69 ? 102  MET A O   1 
ATOM   331  C CB  . MET A 1 52  ? 10.312  -2.831  0.409   1.00 21.08 ? 102  MET A CB  1 
ATOM   332  C CG  . MET A 1 52  ? 9.885   -2.103  1.686   1.00 23.80 ? 102  MET A CG  1 
ATOM   333  S SD  . MET A 1 52  ? 10.533  -0.438  1.792   1.00 36.64 ? 102  MET A SD  1 
ATOM   334  C CE  . MET A 1 52  ? 9.189   0.486   1.069   1.00 30.70 ? 102  MET A CE  1 
ATOM   335  N N   . PRO A 1 53  ? 11.012  -5.877  1.281   1.00 19.48 ? 103  PRO A N   1 
ATOM   336  C CA  . PRO A 1 53  ? 11.367  -6.731  2.414   1.00 20.27 ? 103  PRO A CA  1 
ATOM   337  C C   . PRO A 1 53  ? 12.022  -5.844  3.471   1.00 20.53 ? 103  PRO A C   1 
ATOM   338  O O   . PRO A 1 53  ? 12.740  -4.905  3.136   1.00 19.74 ? 103  PRO A O   1 
ATOM   339  C CB  . PRO A 1 53  ? 12.339  -7.738  1.798   1.00 21.00 ? 103  PRO A CB  1 
ATOM   340  C CG  . PRO A 1 53  ? 12.997  -6.949  0.704   1.00 22.33 ? 103  PRO A CG  1 
ATOM   341  C CD  . PRO A 1 53  ? 11.848  -6.169  0.102   1.00 20.58 ? 103  PRO A CD  1 
ATOM   342  N N   . ARG A 1 54  ? 11.751  -6.124  4.740   1.00 21.41 ? 104  ARG A N   1 
ATOM   343  C CA  . ARG A 1 54  ? 12.326  -5.344  5.828   1.00 24.47 ? 104  ARG A CA  1 
ATOM   344  C C   . ARG A 1 54  ? 12.887  -6.276  6.897   1.00 27.44 ? 104  ARG A C   1 
ATOM   345  O O   . ARG A 1 54  ? 12.508  -7.448  6.971   1.00 27.17 ? 104  ARG A O   1 
ATOM   346  C CB  . ARG A 1 54  ? 11.268  -4.410  6.431   1.00 24.48 ? 104  ARG A CB  1 
ATOM   347  C CG  . ARG A 1 54  ? 10.762  -3.337  5.460   1.00 26.58 ? 104  ARG A CG  1 
ATOM   348  C CD  . ARG A 1 54  ? 11.879  -2.370  5.064   1.00 30.13 ? 104  ARG A CD  1 
ATOM   349  N NE  . ARG A 1 54  ? 12.196  -1.419  6.127   1.00 32.33 ? 104  ARG A NE  1 
ATOM   350  C CZ  . ARG A 1 54  ? 11.594  -0.242  6.287   1.00 34.70 ? 104  ARG A CZ  1 
ATOM   351  N NH1 . ARG A 1 54  ? 10.637  0.140   5.451   1.00 34.40 ? 104  ARG A NH1 1 
ATOM   352  N NH2 . ARG A 1 54  ? 11.946  0.556   7.287   1.00 35.55 ? 104  ARG A NH2 1 
ATOM   353  N N   . PHE A 1 55  ? 13.792  -5.755  7.719   1.00 30.31 ? 105  PHE A N   1 
ATOM   354  C CA  . PHE A 1 55  ? 14.421  -6.552  8.771   1.00 33.19 ? 105  PHE A CA  1 
ATOM   355  C C   . PHE A 1 55  ? 14.403  -5.815  10.103  1.00 34.31 ? 105  PHE A C   1 
ATOM   356  O O   . PHE A 1 55  ? 15.024  -4.764  10.242  1.00 35.76 ? 105  PHE A O   1 
ATOM   357  C CB  . PHE A 1 55  ? 15.871  -6.876  8.394   1.00 34.05 ? 105  PHE A CB  1 
ATOM   358  C CG  . PHE A 1 55  ? 16.015  -7.537  7.052   1.00 35.48 ? 105  PHE A CG  1 
ATOM   359  C CD1 . PHE A 1 55  ? 15.778  -6.823  5.878   1.00 36.13 ? 105  PHE A CD1 1 
ATOM   360  C CD2 . PHE A 1 55  ? 16.371  -8.875  6.960   1.00 36.66 ? 105  PHE A CD2 1 
ATOM   361  C CE1 . PHE A 1 55  ? 15.890  -7.434  4.635   1.00 37.44 ? 105  PHE A CE1 1 
ATOM   362  C CE2 . PHE A 1 55  ? 16.486  -9.495  5.722   1.00 37.42 ? 105  PHE A CE2 1 
ATOM   363  C CZ  . PHE A 1 55  ? 16.245  -8.774  4.556   1.00 38.62 ? 105  PHE A CZ  1 
ATOM   364  N N   . GLN A 1 62  ? 12.833  -11.245 3.394   1.00 40.50 ? 112  GLN A N   1 
ATOM   365  C CA  . GLN A 1 62  ? 13.200  -11.816 4.684   1.00 40.14 ? 112  GLN A CA  1 
ATOM   366  C C   . GLN A 1 62  ? 12.659  -10.985 5.849   1.00 38.49 ? 112  GLN A C   1 
ATOM   367  O O   . GLN A 1 62  ? 12.254  -9.837  5.672   1.00 40.76 ? 112  GLN A O   1 
ATOM   368  C CB  . GLN A 1 62  ? 14.720  -11.919 4.791   1.00 43.29 ? 112  GLN A CB  1 
ATOM   369  C CG  . GLN A 1 62  ? 15.381  -12.682 3.652   1.00 46.66 ? 112  GLN A CG  1 
ATOM   370  C CD  . GLN A 1 62  ? 16.894  -12.641 3.728   1.00 48.61 ? 112  GLN A CD  1 
ATOM   371  O OE1 . GLN A 1 62  ? 17.493  -13.089 4.710   1.00 49.51 ? 112  GLN A OE1 1 
ATOM   372  N NE2 . GLN A 1 62  ? 17.524  -12.099 2.689   1.00 50.21 ? 112  GLN A NE2 1 
ATOM   373  N N   . LYS A 1 63  ? 12.662  -11.581 7.038   1.00 35.53 ? 113  LYS A N   1 
ATOM   374  C CA  . LYS A 1 63  ? 12.176  -10.950 8.265   1.00 31.52 ? 113  LYS A CA  1 
ATOM   375  C C   . LYS A 1 63  ? 10.723  -10.469 8.217   1.00 27.89 ? 113  LYS A C   1 
ATOM   376  O O   . LYS A 1 63  ? 9.839   -11.137 8.747   1.00 24.80 ? 113  LYS A O   1 
ATOM   377  C CB  . LYS A 1 63  ? 13.079  -9.789  8.669   1.00 35.16 ? 113  LYS A CB  1 
ATOM   378  C CG  . LYS A 1 63  ? 13.181  -9.615  10.175  1.00 35.76 ? 113  LYS A CG  1 
ATOM   379  C CD  . LYS A 1 63  ? 13.780  -10.867 10.802  1.00 40.23 ? 113  LYS A CD  1 
ATOM   380  C CE  . LYS A 1 63  ? 14.055  -10.678 12.281  1.00 40.67 ? 113  LYS A CE  1 
ATOM   381  N NZ  . LYS A 1 63  ? 14.679  -11.891 12.868  1.00 42.79 ? 113  LYS A NZ  1 
ATOM   382  N N   . SER A 1 64  ? 10.465  -9.313  7.602   1.00 25.56 ? 114  SER A N   1 
ATOM   383  C CA  . SER A 1 64  ? 9.092   -8.816  7.532   1.00 23.35 ? 114  SER A CA  1 
ATOM   384  C C   . SER A 1 64  ? 8.717   -8.187  6.192   1.00 21.70 ? 114  SER A C   1 
ATOM   385  O O   . SER A 1 64  ? 9.576   -7.753  5.427   1.00 19.68 ? 114  SER A O   1 
ATOM   386  C CB  . SER A 1 64  ? 8.829   -7.794  8.646   1.00 24.43 ? 114  SER A CB  1 
ATOM   387  O OG  . SER A 1 64  ? 9.478   -6.561  8.374   1.00 24.96 ? 114  SER A OG  1 
ATOM   388  N N   . VAL A 1 65  ? 7.416   -8.140  5.924   1.00 21.30 ? 115  VAL A N   1 
ATOM   389  C CA  . VAL A 1 65  ? 6.913   -7.544  4.697   1.00 19.77 ? 115  VAL A CA  1 
ATOM   390  C C   . VAL A 1 65  ? 6.615   -6.070  4.935   1.00 19.00 ? 115  VAL A C   1 
ATOM   391  O O   . VAL A 1 65  ? 5.817   -5.734  5.808   1.00 18.50 ? 115  VAL A O   1 
ATOM   392  C CB  . VAL A 1 65  ? 5.595   -8.201  4.226   1.00 20.30 ? 115  VAL A CB  1 
ATOM   393  C CG1 . VAL A 1 65  ? 5.123   -7.534  2.930   1.00 21.49 ? 115  VAL A CG1 1 
ATOM   394  C CG2 . VAL A 1 65  ? 5.790   -9.693  4.018   1.00 20.83 ? 115  VAL A CG2 1 
ATOM   395  N N   . GLY A 1 66  ? 7.277   -5.204  4.169   1.00 17.58 ? 116  GLY A N   1 
ATOM   396  C CA  . GLY A 1 66  ? 7.043   -3.775  4.262   1.00 15.94 ? 116  GLY A CA  1 
ATOM   397  C C   . GLY A 1 66  ? 5.902   -3.513  3.292   1.00 15.35 ? 116  GLY A C   1 
ATOM   398  O O   . GLY A 1 66  ? 5.950   -3.968  2.147   1.00 15.58 ? 116  GLY A O   1 
ATOM   399  N N   . PHE A 1 67  ? 4.884   -2.786  3.740   1.00 13.98 ? 117  PHE A N   1 
ATOM   400  C CA  . PHE A 1 67  ? 3.700   -2.516  2.923   1.00 14.05 ? 117  PHE A CA  1 
ATOM   401  C C   . PHE A 1 67  ? 3.257   -1.070  3.165   1.00 14.51 ? 117  PHE A C   1 
ATOM   402  O O   . PHE A 1 67  ? 2.837   -0.715  4.269   1.00 14.27 ? 117  PHE A O   1 
ATOM   403  C CB  . PHE A 1 67  ? 2.617   -3.534  3.333   1.00 13.82 ? 117  PHE A CB  1 
ATOM   404  C CG  . PHE A 1 67  ? 1.314   -3.448  2.562   1.00 13.46 ? 117  PHE A CG  1 
ATOM   405  C CD1 . PHE A 1 67  ? 1.176   -2.656  1.424   1.00 15.08 ? 117  PHE A CD1 1 
ATOM   406  C CD2 . PHE A 1 67  ? 0.213   -4.194  2.993   1.00 14.82 ? 117  PHE A CD2 1 
ATOM   407  C CE1 . PHE A 1 67  ? -0.046  -2.609  0.730   1.00 13.08 ? 117  PHE A CE1 1 
ATOM   408  C CE2 . PHE A 1 67  ? -1.007  -4.157  2.309   1.00 11.80 ? 117  PHE A CE2 1 
ATOM   409  C CZ  . PHE A 1 67  ? -1.135  -3.363  1.176   1.00 13.44 ? 117  PHE A CZ  1 
ATOM   410  N N   . PHE A 1 68  ? 3.365   -0.233  2.135   1.00 14.26 ? 118  PHE A N   1 
ATOM   411  C CA  . PHE A 1 68  ? 3.003   1.178   2.274   1.00 13.48 ? 118  PHE A CA  1 
ATOM   412  C C   . PHE A 1 68  ? 2.111   1.692   1.157   1.00 14.19 ? 118  PHE A C   1 
ATOM   413  O O   . PHE A 1 68  ? 2.077   1.126   0.069   1.00 14.83 ? 118  PHE A O   1 
ATOM   414  C CB  . PHE A 1 68  ? 4.263   2.059   2.297   1.00 15.74 ? 118  PHE A CB  1 
ATOM   415  C CG  . PHE A 1 68  ? 5.268   1.673   3.349   1.00 15.89 ? 118  PHE A CG  1 
ATOM   416  C CD1 . PHE A 1 68  ? 6.046   0.526   3.203   1.00 15.39 ? 118  PHE A CD1 1 
ATOM   417  C CD2 . PHE A 1 68  ? 5.442   2.464   4.482   1.00 15.91 ? 118  PHE A CD2 1 
ATOM   418  C CE1 . PHE A 1 68  ? 6.983   0.172   4.170   1.00 14.45 ? 118  PHE A CE1 1 
ATOM   419  C CE2 . PHE A 1 68  ? 6.375   2.117   5.458   1.00 16.20 ? 118  PHE A CE2 1 
ATOM   420  C CZ  . PHE A 1 68  ? 7.147   0.970   5.301   1.00 17.02 ? 118  PHE A CZ  1 
ATOM   421  N N   . LEU A 1 69  ? 1.393   2.775   1.442   1.00 13.31 ? 119  LEU A N   1 
ATOM   422  C CA  . LEU A 1 69  ? 0.538   3.421   0.450   1.00 12.35 ? 119  LEU A CA  1 
ATOM   423  C C   . LEU A 1 69  ? 1.271   4.707   0.080   1.00 11.68 ? 119  LEU A C   1 
ATOM   424  O O   . LEU A 1 69  ? 1.651   5.481   0.953   1.00 11.33 ? 119  LEU A O   1 
ATOM   425  C CB  . LEU A 1 69  ? -0.836  3.764   1.036   1.00 12.46 ? 119  LEU A CB  1 
ATOM   426  C CG  . LEU A 1 69  ? -1.781  4.576   0.132   1.00 13.85 ? 119  LEU A CG  1 
ATOM   427  C CD1 . LEU A 1 69  ? -1.977  3.853   -1.196  1.00 12.90 ? 119  LEU A CD1 1 
ATOM   428  C CD2 . LEU A 1 69  ? -3.140  4.774   0.829   1.00 13.89 ? 119  LEU A CD2 1 
ATOM   429  N N   . GLN A 1 70  ? 1.472   4.928   -1.213  1.00 12.54 ? 120  GLN A N   1 
ATOM   430  C CA  . GLN A 1 70  ? 2.179   6.114   -1.677  1.00 12.60 ? 120  GLN A CA  1 
ATOM   431  C C   . GLN A 1 70  ? 1.249   7.028   -2.469  1.00 13.92 ? 120  GLN A C   1 
ATOM   432  O O   . GLN A 1 70  ? 0.369   6.560   -3.193  1.00 14.50 ? 120  GLN A O   1 
ATOM   433  C CB  . GLN A 1 70  ? 3.368   5.693   -2.542  1.00 11.93 ? 120  GLN A CB  1 
ATOM   434  C CG  . GLN A 1 70  ? 4.222   6.836   -3.058  1.00 13.23 ? 120  GLN A CG  1 
ATOM   435  C CD  . GLN A 1 70  ? 5.188   6.373   -4.139  1.00 13.77 ? 120  GLN A CD  1 
ATOM   436  O OE1 . GLN A 1 70  ? 6.373   6.129   -3.883  1.00 14.74 ? 120  GLN A OE1 1 
ATOM   437  N NE2 . GLN A 1 70  ? 4.677   6.238   -5.354  1.00 10.34 ? 120  GLN A NE2 1 
ATOM   438  N N   . CYS A 1 71  ? 1.452   8.333   -2.333  1.00 13.37 ? 121  CYS A N   1 
ATOM   439  C CA  . CYS A 1 71  ? 0.621   9.299   -3.031  1.00 14.55 ? 121  CYS A CA  1 
ATOM   440  C C   . CYS A 1 71  ? 1.378   10.417  -3.737  1.00 14.03 ? 121  CYS A C   1 
ATOM   441  O O   . CYS A 1 71  ? 2.197   11.098  -3.122  1.00 13.70 ? 121  CYS A O   1 
ATOM   442  C CB  . CYS A 1 71  ? -0.374  9.935   -2.049  1.00 14.49 ? 121  CYS A CB  1 
ATOM   443  S SG  . CYS A 1 71  ? -1.337  11.336  -2.722  1.00 14.55 ? 121  CYS A SG  1 
ATOM   444  N N   . ASN A 1 72  ? 1.107   10.584  -5.031  1.00 14.33 ? 122  ASN A N   1 
ATOM   445  C CA  . ASN A 1 72  ? 1.682   11.685  -5.807  1.00 14.31 ? 122  ASN A CA  1 
ATOM   446  C C   . ASN A 1 72  ? 3.191   11.861  -5.611  1.00 14.75 ? 122  ASN A C   1 
ATOM   447  O O   . ASN A 1 72  ? 3.684   12.992  -5.544  1.00 13.76 ? 122  ASN A O   1 
ATOM   448  C CB  . ASN A 1 72  ? 0.955   12.970  -5.375  1.00 14.67 ? 122  ASN A CB  1 
ATOM   449  C CG  . ASN A 1 72  ? 1.009   14.070  -6.411  1.00 15.98 ? 122  ASN A CG  1 
ATOM   450  O OD1 . ASN A 1 72  ? 0.960   15.255  -6.071  1.00 16.69 ? 122  ASN A OD1 1 
ATOM   451  N ND2 . ASN A 1 72  ? 1.082   13.694  -7.674  1.00 10.02 ? 122  ASN A ND2 1 
ATOM   452  N N   . ALA A 1 73  ? 3.924   10.755  -5.545  1.00 14.67 ? 123  ALA A N   1 
ATOM   453  C CA  . ALA A 1 73  ? 5.364   10.809  -5.308  1.00 16.26 ? 123  ALA A CA  1 
ATOM   454  C C   . ALA A 1 73  ? 6.223   11.361  -6.440  1.00 17.17 ? 123  ALA A C   1 
ATOM   455  O O   . ALA A 1 73  ? 7.276   11.951  -6.194  1.00 17.68 ? 123  ALA A O   1 
ATOM   456  C CB  . ALA A 1 73  ? 5.877   9.418   -4.911  1.00 15.01 ? 123  ALA A CB  1 
ATOM   457  N N   . GLU A 1 74  ? 5.779   11.173  -7.675  1.00 17.05 ? 124  GLU A N   1 
ATOM   458  C CA  . GLU A 1 74  ? 6.550   11.626  -8.826  1.00 18.78 ? 124  GLU A CA  1 
ATOM   459  C C   . GLU A 1 74  ? 6.451   13.117  -9.148  1.00 19.30 ? 124  GLU A C   1 
ATOM   460  O O   . GLU A 1 74  ? 7.303   13.663  -9.852  1.00 20.60 ? 124  GLU A O   1 
ATOM   461  C CB  . GLU A 1 74  ? 6.175   10.756  -10.029 1.00 19.21 ? 124  GLU A CB  1 
ATOM   462  C CG  . GLU A 1 74  ? 6.483   9.281   -9.743  1.00 23.39 ? 124  GLU A CG  1 
ATOM   463  C CD  . GLU A 1 74  ? 5.923   8.321   -10.772 1.00 26.52 ? 124  GLU A CD  1 
ATOM   464  O OE1 . GLU A 1 74  ? 4.681   8.280   -10.945 1.00 30.15 ? 124  GLU A OE1 1 
ATOM   465  O OE2 . GLU A 1 74  ? 6.726   7.602   -11.403 1.00 26.81 ? 124  GLU A OE2 1 
ATOM   466  N N   . SER A 1 75  ? 5.432   13.782  -8.616  1.00 19.15 ? 125  SER A N   1 
ATOM   467  C CA  . SER A 1 75  ? 5.261   15.214  -8.846  1.00 20.22 ? 125  SER A CA  1 
ATOM   468  C C   . SER A 1 75  ? 6.347   16.029  -8.147  1.00 20.37 ? 125  SER A C   1 
ATOM   469  O O   . SER A 1 75  ? 6.739   15.720  -7.022  1.00 18.40 ? 125  SER A O   1 
ATOM   470  C CB  . SER A 1 75  ? 3.892   15.676  -8.338  1.00 21.35 ? 125  SER A CB  1 
ATOM   471  O OG  . SER A 1 75  ? 3.788   17.090  -8.417  1.00 21.97 ? 125  SER A OG  1 
ATOM   472  N N   . ASP A 1 76  ? 6.830   17.072  -8.817  1.00 21.60 ? 126  ASP A N   1 
ATOM   473  C CA  . ASP A 1 76  ? 7.861   17.932  -8.246  1.00 23.40 ? 126  ASP A CA  1 
ATOM   474  C C   . ASP A 1 76  ? 7.242   19.066  -7.415  1.00 21.56 ? 126  ASP A C   1 
ATOM   475  O O   . ASP A 1 76  ? 7.950   19.918  -6.885  1.00 21.95 ? 126  ASP A O   1 
ATOM   476  C CB  . ASP A 1 76  ? 8.724   18.526  -9.359  1.00 29.02 ? 126  ASP A CB  1 
ATOM   477  C CG  . ASP A 1 76  ? 7.983   19.564  -10.172 1.00 33.55 ? 126  ASP A CG  1 
ATOM   478  O OD1 . ASP A 1 76  ? 6.909   19.242  -10.721 1.00 38.38 ? 126  ASP A OD1 1 
ATOM   479  O OD2 . ASP A 1 76  ? 8.473   20.709  -10.259 1.00 40.06 ? 126  ASP A OD2 1 
ATOM   480  N N   . SER A 1 77  ? 5.921   19.078  -7.303  1.00 18.47 ? 127  SER A N   1 
ATOM   481  C CA  . SER A 1 77  ? 5.249   20.108  -6.515  1.00 18.78 ? 127  SER A CA  1 
ATOM   482  C C   . SER A 1 77  ? 5.546   19.939  -5.028  1.00 18.34 ? 127  SER A C   1 
ATOM   483  O O   . SER A 1 77  ? 5.753   18.825  -4.550  1.00 17.96 ? 127  SER A O   1 
ATOM   484  C CB  . SER A 1 77  ? 3.736   20.038  -6.730  1.00 19.37 ? 127  SER A CB  1 
ATOM   485  O OG  . SER A 1 77  ? 3.054   20.856  -5.793  1.00 17.75 ? 127  SER A OG  1 
ATOM   486  N N   . THR A 1 78  ? 5.560   21.048  -4.297  1.00 18.48 ? 128  THR A N   1 
ATOM   487  C CA  . THR A 1 78  ? 5.804   21.005  -2.859  1.00 18.21 ? 128  THR A CA  1 
ATOM   488  C C   . THR A 1 78  ? 4.673   21.752  -2.170  1.00 16.91 ? 128  THR A C   1 
ATOM   489  O O   . THR A 1 78  ? 4.737   22.040  -0.979  1.00 17.65 ? 128  THR A O   1 
ATOM   490  C CB  . THR A 1 78  ? 7.147   21.672  -2.478  1.00 18.39 ? 128  THR A CB  1 
ATOM   491  O OG1 . THR A 1 78  ? 7.136   23.046  -2.885  1.00 20.56 ? 128  THR A OG1 1 
ATOM   492  C CG2 . THR A 1 78  ? 8.311   20.960  -3.158  1.00 21.04 ? 128  THR A CG2 1 
ATOM   493  N N   . SER A 1 79  ? 3.627   22.043  -2.930  1.00 16.57 ? 129  SER A N   1 
ATOM   494  C CA  . SER A 1 79  ? 2.481   22.776  -2.415  1.00 17.16 ? 129  SER A CA  1 
ATOM   495  C C   . SER A 1 79  ? 1.273   21.889  -2.118  1.00 14.83 ? 129  SER A C   1 
ATOM   496  O O   . SER A 1 79  ? 0.327   22.327  -1.465  1.00 14.44 ? 129  SER A O   1 
ATOM   497  C CB  . SER A 1 79  ? 2.068   23.852  -3.423  1.00 16.52 ? 129  SER A CB  1 
ATOM   498  O OG  . SER A 1 79  ? 1.575   23.257  -4.615  1.00 19.06 ? 129  SER A OG  1 
ATOM   499  N N   . TRP A 1 80  ? 1.303   20.647  -2.590  1.00 13.73 ? 130  TRP A N   1 
ATOM   500  C CA  . TRP A 1 80  ? 0.171   19.748  -2.402  1.00 12.10 ? 130  TRP A CA  1 
ATOM   501  C C   . TRP A 1 80  ? 0.083   18.999  -1.080  1.00 11.01 ? 130  TRP A C   1 
ATOM   502  O O   . TRP A 1 80  ? 1.085   18.766  -0.402  1.00 13.50 ? 130  TRP A O   1 
ATOM   503  C CB  . TRP A 1 80  ? 0.127   18.712  -3.537  1.00 13.81 ? 130  TRP A CB  1 
ATOM   504  C CG  . TRP A 1 80  ? 1.209   17.668  -3.446  1.00 14.03 ? 130  TRP A CG  1 
ATOM   505  C CD1 . TRP A 1 80  ? 2.494   17.766  -3.911  1.00 17.02 ? 130  TRP A CD1 1 
ATOM   506  C CD2 . TRP A 1 80  ? 1.114   16.393  -2.803  1.00 14.20 ? 130  TRP A CD2 1 
ATOM   507  N NE1 . TRP A 1 80  ? 3.201   16.631  -3.594  1.00 14.05 ? 130  TRP A NE1 1 
ATOM   508  C CE2 . TRP A 1 80  ? 2.378   15.771  -2.914  1.00 14.16 ? 130  TRP A CE2 1 
ATOM   509  C CE3 . TRP A 1 80  ? 0.079   15.712  -2.140  1.00 15.14 ? 130  TRP A CE3 1 
ATOM   510  C CZ2 . TRP A 1 80  ? 2.638   14.501  -2.388  1.00 13.94 ? 130  TRP A CZ2 1 
ATOM   511  C CZ3 . TRP A 1 80  ? 0.340   14.446  -1.616  1.00 14.22 ? 130  TRP A CZ3 1 
ATOM   512  C CH2 . TRP A 1 80  ? 1.610   13.856  -1.744  1.00 11.93 ? 130  TRP A CH2 1 
ATOM   513  N N   . SER A 1 81  ? -1.144  18.622  -0.728  1.00 12.79 ? 131  SER A N   1 
ATOM   514  C CA  . SER A 1 81  ? -1.414  17.825  0.463   1.00 12.79 ? 131  SER A CA  1 
ATOM   515  C C   . SER A 1 81  ? -2.767  17.140  0.290   1.00 13.70 ? 131  SER A C   1 
ATOM   516  O O   . SER A 1 81  ? -3.673  17.657  -0.372  1.00 13.99 ? 131  SER A O   1 
ATOM   517  C CB  . SER A 1 81  ? -1.412  18.681  1.741   1.00 13.08 ? 131  SER A CB  1 
ATOM   518  O OG  . SER A 1 81  ? -2.471  19.613  1.741   1.00 14.73 ? 131  SER A OG  1 
ATOM   519  N N   . CYS A 1 82  ? -2.891  15.953  0.860   1.00 12.34 ? 132  CYS A N   1 
ATOM   520  C CA  . CYS A 1 82  ? -4.133  15.215  0.776   1.00 13.41 ? 132  CYS A CA  1 
ATOM   521  C C   . CYS A 1 82  ? -4.253  14.296  1.973   1.00 13.11 ? 132  CYS A C   1 
ATOM   522  O O   . CYS A 1 82  ? -3.400  13.435  2.198   1.00 13.19 ? 132  CYS A O   1 
ATOM   523  C CB  . CYS A 1 82  ? -4.183  14.394  -0.514  1.00 14.34 ? 132  CYS A CB  1 
ATOM   524  S SG  . CYS A 1 82  ? -5.678  13.386  -0.678  1.00 15.46 ? 132  CYS A SG  1 
ATOM   525  N N   . HIS A 1 83  ? -5.299  14.493  2.760   1.00 12.42 ? 133  HIS A N   1 
ATOM   526  C CA  . HIS A 1 83  ? -5.487  13.637  3.911   1.00 14.08 ? 133  HIS A CA  1 
ATOM   527  C C   . HIS A 1 83  ? -6.335  12.451  3.481   1.00 12.71 ? 133  HIS A C   1 
ATOM   528  O O   . HIS A 1 83  ? -7.321  12.611  2.758   1.00 13.95 ? 133  HIS A O   1 
ATOM   529  C CB  . HIS A 1 83  ? -6.165  14.392  5.057   1.00 14.46 ? 133  HIS A CB  1 
ATOM   530  C CG  . HIS A 1 83  ? -6.051  13.689  6.371   1.00 17.29 ? 133  HIS A CG  1 
ATOM   531  N ND1 . HIS A 1 83  ? -6.764  12.548  6.668   1.00 21.16 ? 133  HIS A ND1 1 
ATOM   532  C CD2 . HIS A 1 83  ? -5.250  13.920  7.438   1.00 18.63 ? 133  HIS A CD2 1 
ATOM   533  C CE1 . HIS A 1 83  ? -6.404  12.104  7.859   1.00 19.15 ? 133  HIS A CE1 1 
ATOM   534  N NE2 . HIS A 1 83  ? -5.487  12.920  8.347   1.00 21.36 ? 133  HIS A NE2 1 
ATOM   535  N N   . ALA A 1 84  ? -5.936  11.260  3.911   1.00 14.90 ? 134  ALA A N   1 
ATOM   536  C CA  . ALA A 1 84  ? -6.666  10.050  3.561   1.00 14.49 ? 134  ALA A CA  1 
ATOM   537  C C   . ALA A 1 84  ? -6.563  8.962   4.609   1.00 16.12 ? 134  ALA A C   1 
ATOM   538  O O   . ALA A 1 84  ? -5.612  8.911   5.397   1.00 16.53 ? 134  ALA A O   1 
ATOM   539  C CB  . ALA A 1 84  ? -6.163  9.497   2.224   1.00 13.03 ? 134  ALA A CB  1 
ATOM   540  N N   . GLN A 1 85  ? -7.570  8.100   4.617   1.00 16.88 ? 135  GLN A N   1 
ATOM   541  C CA  . GLN A 1 85  ? -7.585  6.952   5.501   1.00 18.80 ? 135  GLN A CA  1 
ATOM   542  C C   . GLN A 1 85  ? -7.588  5.786   4.536   1.00 17.98 ? 135  GLN A C   1 
ATOM   543  O O   . GLN A 1 85  ? -8.117  5.896   3.429   1.00 17.80 ? 135  GLN A O   1 
ATOM   544  C CB  . GLN A 1 85  ? -8.842  6.922   6.364   1.00 21.52 ? 135  GLN A CB  1 
ATOM   545  C CG  . GLN A 1 85  ? -8.787  7.882   7.534   1.00 29.41 ? 135  GLN A CG  1 
ATOM   546  C CD  . GLN A 1 85  ? -9.937  7.680   8.491   1.00 33.06 ? 135  GLN A CD  1 
ATOM   547  O OE1 . GLN A 1 85  ? -11.102 7.787   8.106   1.00 34.54 ? 135  GLN A OE1 1 
ATOM   548  N NE2 . GLN A 1 85  ? -9.618  7.382   9.749   1.00 36.33 ? 135  GLN A NE2 1 
ATOM   549  N N   . ALA A 1 86  ? -6.983  4.680   4.934   1.00 15.18 ? 136  ALA A N   1 
ATOM   550  C CA  . ALA A 1 86  ? -6.945  3.529   4.054   1.00 15.29 ? 136  ALA A CA  1 
ATOM   551  C C   . ALA A 1 86  ? -6.808  2.221   4.795   1.00 13.83 ? 136  ALA A C   1 
ATOM   552  O O   . ALA A 1 86  ? -6.357  2.175   5.936   1.00 14.98 ? 136  ALA A O   1 
ATOM   553  C CB  . ALA A 1 86  ? -5.805  3.675   3.053   1.00 11.15 ? 136  ALA A CB  1 
ATOM   554  N N   . VAL A 1 87  ? -7.212  1.153   4.125   1.00 14.96 ? 137  VAL A N   1 
ATOM   555  C CA  . VAL A 1 87  ? -7.104  -0.180  4.682   1.00 15.05 ? 137  VAL A CA  1 
ATOM   556  C C   . VAL A 1 87  ? -6.114  -0.922  3.796   1.00 15.87 ? 137  VAL A C   1 
ATOM   557  O O   . VAL A 1 87  ? -6.355  -1.115  2.601   1.00 15.35 ? 137  VAL A O   1 
ATOM   558  C CB  . VAL A 1 87  ? -8.470  -0.913  4.677   1.00 17.00 ? 137  VAL A CB  1 
ATOM   559  C CG1 . VAL A 1 87  ? -8.307  -2.326  5.248   1.00 16.72 ? 137  VAL A CG1 1 
ATOM   560  C CG2 . VAL A 1 87  ? -9.487  -0.118  5.500   1.00 17.61 ? 137  VAL A CG2 1 
ATOM   561  N N   . LEU A 1 88  ? -4.975  -1.286  4.377   1.00 14.71 ? 138  LEU A N   1 
ATOM   562  C CA  . LEU A 1 88  ? -3.941  -2.020  3.663   1.00 14.29 ? 138  LEU A CA  1 
ATOM   563  C C   . LEU A 1 88  ? -4.170  -3.489  3.985   1.00 14.91 ? 138  LEU A C   1 
ATOM   564  O O   . LEU A 1 88  ? -4.196  -3.886  5.149   1.00 15.69 ? 138  LEU A O   1 
ATOM   565  C CB  . LEU A 1 88  ? -2.554  -1.564  4.119   1.00 13.72 ? 138  LEU A CB  1 
ATOM   566  C CG  . LEU A 1 88  ? -2.020  -0.291  3.447   1.00 12.77 ? 138  LEU A CG  1 
ATOM   567  C CD1 . LEU A 1 88  ? -2.992  0.872   3.628   1.00 13.27 ? 138  LEU A CD1 1 
ATOM   568  C CD2 . LEU A 1 88  ? -0.661  0.046   4.028   1.00 14.47 ? 138  LEU A CD2 1 
ATOM   569  N N   . LYS A 1 89  ? -4.328  -4.300  2.949   1.00 15.19 ? 139  LYS A N   1 
ATOM   570  C CA  . LYS A 1 89  ? -4.628  -5.704  3.167   1.00 16.58 ? 139  LYS A CA  1 
ATOM   571  C C   . LYS A 1 89  ? -3.858  -6.686  2.300   1.00 15.24 ? 139  LYS A C   1 
ATOM   572  O O   . LYS A 1 89  ? -3.653  -6.459  1.106   1.00 16.28 ? 139  LYS A O   1 
ATOM   573  C CB  . LYS A 1 89  ? -6.136  -5.909  2.970   1.00 18.16 ? 139  LYS A CB  1 
ATOM   574  C CG  . LYS A 1 89  ? -6.617  -7.352  3.053   1.00 18.86 ? 139  LYS A CG  1 
ATOM   575  C CD  . LYS A 1 89  ? -8.139  -7.427  3.139   1.00 24.14 ? 139  LYS A CD  1 
ATOM   576  C CE  . LYS A 1 89  ? -8.810  -6.871  1.902   1.00 27.04 ? 139  LYS A CE  1 
ATOM   577  N NZ  . LYS A 1 89  ? -10.300 -6.890  2.029   1.00 31.45 ? 139  LYS A NZ  1 
ATOM   578  N N   . ILE A 1 90  ? -3.407  -7.772  2.915   1.00 14.73 ? 140  ILE A N   1 
ATOM   579  C CA  . ILE A 1 90  ? -2.721  -8.812  2.166   1.00 15.39 ? 140  ILE A CA  1 
ATOM   580  C C   . ILE A 1 90  ? -3.768  -9.908  2.023   1.00 14.75 ? 140  ILE A C   1 
ATOM   581  O O   . ILE A 1 90  ? -4.259  -10.468 3.006   1.00 14.16 ? 140  ILE A O   1 
ATOM   582  C CB  . ILE A 1 90  ? -1.467  -9.336  2.891   1.00 15.43 ? 140  ILE A CB  1 
ATOM   583  C CG1 . ILE A 1 90  ? -0.447  -8.198  3.023   1.00 17.02 ? 140  ILE A CG1 1 
ATOM   584  C CG2 . ILE A 1 90  ? -0.859  -10.496 2.097   1.00 13.29 ? 140  ILE A CG2 1 
ATOM   585  C CD1 . ILE A 1 90  ? 0.899   -8.616  3.579   1.00 18.08 ? 140  ILE A CD1 1 
ATOM   586  N N   . ILE A 1 91  ? -4.124  -10.187 0.779   1.00 15.76 ? 141  ILE A N   1 
ATOM   587  C CA  . ILE A 1 91  ? -5.152  -11.162 0.477   1.00 16.19 ? 141  ILE A CA  1 
ATOM   588  C C   . ILE A 1 91  ? -4.788  -12.607 0.772   1.00 16.19 ? 141  ILE A C   1 
ATOM   589  O O   . ILE A 1 91  ? -3.687  -13.059 0.469   1.00 15.89 ? 141  ILE A O   1 
ATOM   590  C CB  . ILE A 1 91  ? -5.561  -11.068 -1.011  1.00 17.41 ? 141  ILE A CB  1 
ATOM   591  C CG1 . ILE A 1 91  ? -6.129  -9.676  -1.310  1.00 17.70 ? 141  ILE A CG1 1 
ATOM   592  C CG2 . ILE A 1 91  ? -6.569  -12.170 -1.354  1.00 18.09 ? 141  ILE A CG2 1 
ATOM   593  C CD1 . ILE A 1 91  ? -7.332  -9.298  -0.469  1.00 20.78 ? 141  ILE A CD1 1 
ATOM   594  N N   . ASN A 1 92  ? -5.717  -13.322 1.394   1.00 15.95 ? 142  ASN A N   1 
ATOM   595  C CA  . ASN A 1 92  ? -5.517  -14.740 1.652   1.00 16.91 ? 142  ASN A CA  1 
ATOM   596  C C   . ASN A 1 92  ? -6.381  -15.353 0.560   1.00 16.08 ? 142  ASN A C   1 
ATOM   597  O O   . ASN A 1 92  ? -7.607  -15.257 0.613   1.00 16.52 ? 142  ASN A O   1 
ATOM   598  C CB  . ASN A 1 92  ? -6.038  -15.141 3.031   1.00 15.77 ? 142  ASN A CB  1 
ATOM   599  C CG  . ASN A 1 92  ? -5.695  -16.577 3.373   1.00 16.81 ? 142  ASN A CG  1 
ATOM   600  O OD1 . ASN A 1 92  ? -6.250  -17.510 2.795   1.00 14.11 ? 142  ASN A OD1 1 
ATOM   601  N ND2 . ASN A 1 92  ? -4.759  -16.760 4.298   1.00 15.36 ? 142  ASN A ND2 1 
ATOM   602  N N   . TYR A 1 93  ? -5.745  -15.959 -0.437  1.00 18.79 ? 143  TYR A N   1 
ATOM   603  C CA  . TYR A 1 93  ? -6.483  -16.523 -1.564  1.00 22.93 ? 143  TYR A CA  1 
ATOM   604  C C   . TYR A 1 93  ? -7.371  -17.720 -1.232  1.00 22.59 ? 143  TYR A C   1 
ATOM   605  O O   . TYR A 1 93  ? -8.338  -17.982 -1.942  1.00 23.56 ? 143  TYR A O   1 
ATOM   606  C CB  . TYR A 1 93  ? -5.513  -16.867 -2.710  1.00 26.06 ? 143  TYR A CB  1 
ATOM   607  C CG  . TYR A 1 93  ? -4.723  -18.141 -2.524  1.00 31.58 ? 143  TYR A CG  1 
ATOM   608  C CD1 . TYR A 1 93  ? -5.279  -19.382 -2.840  1.00 33.34 ? 143  TYR A CD1 1 
ATOM   609  C CD2 . TYR A 1 93  ? -3.422  -18.110 -2.023  1.00 32.89 ? 143  TYR A CD2 1 
ATOM   610  C CE1 . TYR A 1 93  ? -4.559  -20.562 -2.661  1.00 35.84 ? 143  TYR A CE1 1 
ATOM   611  C CE2 . TYR A 1 93  ? -2.692  -19.285 -1.840  1.00 35.28 ? 143  TYR A CE2 1 
ATOM   612  C CZ  . TYR A 1 93  ? -3.267  -20.506 -2.161  1.00 36.58 ? 143  TYR A CZ  1 
ATOM   613  O OH  . TYR A 1 93  ? -2.554  -21.669 -1.980  1.00 38.81 ? 143  TYR A OH  1 
ATOM   614  N N   . ARG A 1 94  ? -7.064  -18.431 -0.153  1.00 23.28 ? 144  ARG A N   1 
ATOM   615  C CA  . ARG A 1 94  ? -7.865  -19.588 0.241   1.00 24.09 ? 144  ARG A CA  1 
ATOM   616  C C   . ARG A 1 94  ? -9.114  -19.216 1.022   1.00 25.19 ? 144  ARG A C   1 
ATOM   617  O O   . ARG A 1 94  ? -10.135 -19.897 0.929   1.00 24.97 ? 144  ARG A O   1 
ATOM   618  C CB  . ARG A 1 94  ? -7.054  -20.545 1.109   1.00 23.99 ? 144  ARG A CB  1 
ATOM   619  C CG  . ARG A 1 94  ? -5.936  -21.246 0.407   1.00 26.98 ? 144  ARG A CG  1 
ATOM   620  C CD  . ARG A 1 94  ? -5.221  -22.161 1.373   1.00 26.86 ? 144  ARG A CD  1 
ATOM   621  N NE  . ARG A 1 94  ? -4.060  -22.788 0.757   1.00 27.58 ? 144  ARG A NE  1 
ATOM   622  C CZ  . ARG A 1 94  ? -3.203  -23.559 1.413   1.00 29.21 ? 144  ARG A CZ  1 
ATOM   623  N NH1 . ARG A 1 94  ? -3.379  -23.797 2.707   1.00 28.17 ? 144  ARG A NH1 1 
ATOM   624  N NH2 . ARG A 1 94  ? -2.176  -24.096 0.775   1.00 31.06 ? 144  ARG A NH2 1 
ATOM   625  N N   . ASP A 1 95  ? -9.029  -18.139 1.797   1.00 24.29 ? 145  ASP A N   1 
ATOM   626  C CA  . ASP A 1 95  ? -10.142 -17.708 2.635   1.00 24.09 ? 145  ASP A CA  1 
ATOM   627  C C   . ASP A 1 95  ? -9.999  -16.214 2.909   1.00 23.43 ? 145  ASP A C   1 
ATOM   628  O O   . ASP A 1 95  ? -9.122  -15.807 3.670   1.00 22.96 ? 145  ASP A O   1 
ATOM   629  C CB  . ASP A 1 95  ? -10.084 -18.504 3.941   1.00 23.98 ? 145  ASP A CB  1 
ATOM   630  C CG  . ASP A 1 95  ? -11.224 -18.193 4.877   1.00 24.16 ? 145  ASP A CG  1 
ATOM   631  O OD1 . ASP A 1 95  ? -11.313 -18.877 5.921   1.00 26.73 ? 145  ASP A OD1 1 
ATOM   632  O OD2 . ASP A 1 95  ? -12.019 -17.278 4.586   1.00 24.34 ? 145  ASP A OD2 1 
ATOM   633  N N   . ASP A 1 96  ? -10.857 -15.394 2.311   1.00 24.32 ? 146  ASP A N   1 
ATOM   634  C CA  . ASP A 1 96  ? -10.726 -13.957 2.514   1.00 27.55 ? 146  ASP A CA  1 
ATOM   635  C C   . ASP A 1 96  ? -10.899 -13.491 3.951   1.00 28.17 ? 146  ASP A C   1 
ATOM   636  O O   . ASP A 1 96  ? -10.416 -12.419 4.311   1.00 28.06 ? 146  ASP A O   1 
ATOM   637  C CB  . ASP A 1 96  ? -11.677 -13.168 1.612   1.00 29.92 ? 146  ASP A CB  1 
ATOM   638  C CG  . ASP A 1 96  ? -11.402 -11.667 1.668   1.00 32.80 ? 146  ASP A CG  1 
ATOM   639  O OD1 . ASP A 1 96  ? -12.132 -10.946 2.381   1.00 33.23 ? 146  ASP A OD1 1 
ATOM   640  O OD2 . ASP A 1 96  ? -10.430 -11.212 1.020   1.00 32.35 ? 146  ASP A OD2 1 
ATOM   641  N N   . GLU A 1 97  ? -11.579 -14.280 4.778   1.00 27.32 ? 147  GLU A N   1 
ATOM   642  C CA  . GLU A 1 97  ? -11.762 -13.891 6.173   1.00 27.11 ? 147  GLU A CA  1 
ATOM   643  C C   . GLU A 1 97  ? -10.417 -13.973 6.877   1.00 25.45 ? 147  GLU A C   1 
ATOM   644  O O   . GLU A 1 97  ? -10.243 -13.445 7.980   1.00 24.63 ? 147  GLU A O   1 
ATOM   645  C CB  . GLU A 1 97  ? -12.768 -14.813 6.872   1.00 28.90 ? 147  GLU A CB  1 
ATOM   646  C CG  . GLU A 1 97  ? -14.159 -14.792 6.265   1.00 33.46 ? 147  GLU A CG  1 
ATOM   647  C CD  . GLU A 1 97  ? -15.182 -15.509 7.133   1.00 36.85 ? 147  GLU A CD  1 
ATOM   648  O OE1 . GLU A 1 97  ? -14.969 -16.697 7.451   1.00 38.28 ? 147  GLU A OE1 1 
ATOM   649  O OE2 . GLU A 1 97  ? -16.197 -14.880 7.498   1.00 39.64 ? 147  GLU A OE2 1 
ATOM   650  N N   . LYS A 1 98  ? -9.469  -14.639 6.227   1.00 22.75 ? 148  LYS A N   1 
ATOM   651  C CA  . LYS A 1 98  ? -8.125  -14.808 6.766   1.00 22.22 ? 148  LYS A CA  1 
ATOM   652  C C   . LYS A 1 98  ? -7.167  -13.764 6.194   1.00 21.07 ? 148  LYS A C   1 
ATOM   653  O O   . LYS A 1 98  ? -5.976  -13.768 6.503   1.00 20.46 ? 148  LYS A O   1 
ATOM   654  C CB  . LYS A 1 98  ? -7.605  -16.212 6.452   1.00 24.51 ? 148  LYS A CB  1 
ATOM   655  C CG  . LYS A 1 98  ? -8.378  -17.340 7.138   1.00 28.32 ? 148  LYS A CG  1 
ATOM   656  C CD  . LYS A 1 98  ? -8.132  -17.354 8.636   1.00 30.93 ? 148  LYS A CD  1 
ATOM   657  C CE  . LYS A 1 98  ? -8.815  -18.548 9.302   1.00 33.02 ? 148  LYS A CE  1 
ATOM   658  N NZ  . LYS A 1 98  ? -8.351  -19.851 8.739   1.00 32.17 ? 148  LYS A NZ  1 
ATOM   659  N N   . SER A 1 99  ? -7.678  -12.882 5.344   1.00 20.32 ? 149  SER A N   1 
ATOM   660  C CA  . SER A 1 99  ? -6.838  -11.829 4.787   1.00 20.91 ? 149  SER A CA  1 
ATOM   661  C C   . SER A 1 99  ? -6.429  -10.964 5.967   1.00 21.58 ? 149  SER A C   1 
ATOM   662  O O   . SER A 1 99  ? -7.208  -10.787 6.905   1.00 21.22 ? 149  SER A O   1 
ATOM   663  C CB  . SER A 1 99  ? -7.617  -11.003 3.764   1.00 19.57 ? 149  SER A CB  1 
ATOM   664  O OG  . SER A 1 99  ? -7.852  -11.766 2.593   1.00 20.88 ? 149  SER A OG  1 
ATOM   665  N N   . PHE A 1 100 ? -5.206  -10.447 5.941   1.00 21.14 ? 150  PHE A N   1 
ATOM   666  C CA  . PHE A 1 100 ? -4.737  -9.618  7.041   1.00 21.64 ? 150  PHE A CA  1 
ATOM   667  C C   . PHE A 1 100 ? -4.673  -8.151  6.656   1.00 20.23 ? 150  PHE A C   1 
ATOM   668  O O   . PHE A 1 100 ? -4.068  -7.793  5.644   1.00 19.94 ? 150  PHE A O   1 
ATOM   669  C CB  . PHE A 1 100 ? -3.359  -10.071 7.512   1.00 23.94 ? 150  PHE A CB  1 
ATOM   670  C CG  . PHE A 1 100 ? -2.875  -9.327  8.721   1.00 27.90 ? 150  PHE A CG  1 
ATOM   671  C CD1 . PHE A 1 100 ? -3.556  -9.435  9.933   1.00 29.87 ? 150  PHE A CD1 1 
ATOM   672  C CD2 . PHE A 1 100 ? -1.773  -8.487  8.645   1.00 27.51 ? 150  PHE A CD2 1 
ATOM   673  C CE1 . PHE A 1 100 ? -3.146  -8.712  11.051  1.00 30.83 ? 150  PHE A CE1 1 
ATOM   674  C CE2 . PHE A 1 100 ? -1.353  -7.758  9.756   1.00 29.47 ? 150  PHE A CE2 1 
ATOM   675  C CZ  . PHE A 1 100 ? -2.040  -7.868  10.961  1.00 30.43 ? 150  PHE A CZ  1 
ATOM   676  N N   . SER A 1 101 ? -5.280  -7.298  7.473   1.00 19.47 ? 151  SER A N   1 
ATOM   677  C CA  . SER A 1 101 ? -5.288  -5.875  7.174   1.00 20.28 ? 151  SER A CA  1 
ATOM   678  C C   . SER A 1 101 ? -4.995  -4.980  8.369   1.00 20.05 ? 151  SER A C   1 
ATOM   679  O O   . SER A 1 101 ? -5.148  -5.375  9.524   1.00 20.46 ? 151  SER A O   1 
ATOM   680  C CB  . SER A 1 101 ? -6.633  -5.475  6.570   1.00 21.06 ? 151  SER A CB  1 
ATOM   681  O OG  . SER A 1 101 ? -7.654  -5.512  7.551   1.00 25.69 ? 151  SER A OG  1 
ATOM   682  N N   . ARG A 1 102 ? -4.559  -3.765  8.059   1.00 19.70 ? 152  ARG A N   1 
ATOM   683  C CA  . ARG A 1 102 ? -4.249  -2.748  9.055   1.00 20.25 ? 152  ARG A CA  1 
ATOM   684  C C   . ARG A 1 102 ? -4.742  -1.438  8.451   1.00 20.83 ? 152  ARG A C   1 
ATOM   685  O O   . ARG A 1 102 ? -4.752  -1.275  7.232   1.00 19.46 ? 152  ARG A O   1 
ATOM   686  C CB  . ARG A 1 102 ? -2.738  -2.656  9.303   1.00 19.80 ? 152  ARG A CB  1 
ATOM   687  C CG  . ARG A 1 102 ? -2.079  -3.888  9.927   1.00 21.06 ? 152  ARG A CG  1 
ATOM   688  C CD  . ARG A 1 102 ? -0.562  -3.690  9.974   1.00 22.64 ? 152  ARG A CD  1 
ATOM   689  N NE  . ARG A 1 102 ? 0.184   -4.840  10.494  1.00 24.57 ? 152  ARG A NE  1 
ATOM   690  C CZ  . ARG A 1 102 ? 0.244   -5.188  11.778  1.00 25.72 ? 152  ARG A CZ  1 
ATOM   691  N NH1 . ARG A 1 102 ? -0.400  -4.481  12.697  1.00 25.51 ? 152  ARG A NH1 1 
ATOM   692  N NH2 . ARG A 1 102 ? 0.963   -6.239  12.147  1.00 24.46 ? 152  ARG A NH2 1 
ATOM   693  N N   . ARG A 1 103 ? -5.155  -0.506  9.294   1.00 20.83 ? 153  ARG A N   1 
ATOM   694  C CA  . ARG A 1 103 ? -5.636  0.765   8.789   1.00 22.56 ? 153  ARG A CA  1 
ATOM   695  C C   . ARG A 1 103 ? -4.635  1.878   9.048   1.00 20.01 ? 153  ARG A C   1 
ATOM   696  O O   . ARG A 1 103 ? -3.777  1.775   9.931   1.00 19.15 ? 153  ARG A O   1 
ATOM   697  C CB  . ARG A 1 103 ? -6.985  1.118   9.427   1.00 26.52 ? 153  ARG A CB  1 
ATOM   698  C CG  . ARG A 1 103 ? -6.963  1.164   10.942  1.00 34.35 ? 153  ARG A CG  1 
ATOM   699  C CD  . ARG A 1 103 ? -8.347  1.451   11.521  1.00 39.77 ? 153  ARG A CD  1 
ATOM   700  N NE  . ARG A 1 103 ? -8.333  1.427   12.983  1.00 43.94 ? 153  ARG A NE  1 
ATOM   701  C CZ  . ARG A 1 103 ? -8.069  0.344   13.712  1.00 46.00 ? 153  ARG A CZ  1 
ATOM   702  N NH1 . ARG A 1 103 ? -7.800  -0.811  13.118  1.00 46.54 ? 153  ARG A NH1 1 
ATOM   703  N NH2 . ARG A 1 103 ? -8.062  0.419   15.037  1.00 46.54 ? 153  ARG A NH2 1 
ATOM   704  N N   . ILE A 1 104 ? -4.737  2.930   8.248   1.00 18.83 ? 154  ILE A N   1 
ATOM   705  C CA  . ILE A 1 104 ? -3.875  4.095   8.392   1.00 18.01 ? 154  ILE A CA  1 
ATOM   706  C C   . ILE A 1 104 ? -4.715  5.345   8.158   1.00 17.16 ? 154  ILE A C   1 
ATOM   707  O O   . ILE A 1 104 ? -5.784  5.289   7.549   1.00 16.38 ? 154  ILE A O   1 
ATOM   708  C CB  . ILE A 1 104 ? -2.711  4.102   7.367   1.00 18.88 ? 154  ILE A CB  1 
ATOM   709  C CG1 . ILE A 1 104 ? -3.270  4.069   5.945   1.00 17.94 ? 154  ILE A CG1 1 
ATOM   710  C CG2 . ILE A 1 104 ? -1.768  2.923   7.620   1.00 16.70 ? 154  ILE A CG2 1 
ATOM   711  C CD1 . ILE A 1 104 ? -2.212  4.304   4.879   1.00 18.96 ? 154  ILE A CD1 1 
ATOM   712  N N   . SER A 1 105 ? -4.214  6.466   8.660   1.00 16.65 ? 155  SER A N   1 
ATOM   713  C CA  . SER A 1 105 ? -4.851  7.770   8.524   1.00 16.95 ? 155  SER A CA  1 
ATOM   714  C C   . SER A 1 105 ? -3.641  8.688   8.452   1.00 16.26 ? 155  SER A C   1 
ATOM   715  O O   . SER A 1 105 ? -2.840  8.730   9.387   1.00 17.96 ? 155  SER A O   1 
ATOM   716  C CB  . SER A 1 105 ? -5.693  8.088   9.759   1.00 17.62 ? 155  SER A CB  1 
ATOM   717  O OG  . SER A 1 105 ? -6.293  9.368   9.642   1.00 21.82 ? 155  SER A OG  1 
ATOM   718  N N   . HIS A 1 106 ? -3.501  9.427   7.356   1.00 15.62 ? 156  HIS A N   1 
ATOM   719  C CA  . HIS A 1 106 ? -2.319  10.257  7.191   1.00 14.93 ? 156  HIS A CA  1 
ATOM   720  C C   . HIS A 1 106 ? -2.498  11.455  6.263   1.00 14.35 ? 156  HIS A C   1 
ATOM   721  O O   . HIS A 1 106 ? -3.275  11.414  5.302   1.00 12.87 ? 156  HIS A O   1 
ATOM   722  C CB  . HIS A 1 106 ? -1.182  9.353   6.669   1.00 12.90 ? 156  HIS A CB  1 
ATOM   723  C CG  . HIS A 1 106 ? 0.093   10.074  6.348   1.00 16.06 ? 156  HIS A CG  1 
ATOM   724  N ND1 . HIS A 1 106 ? 0.870   10.687  7.307   1.00 16.79 ? 156  HIS A ND1 1 
ATOM   725  C CD2 . HIS A 1 106 ? 0.733   10.264  5.169   1.00 15.02 ? 156  HIS A CD2 1 
ATOM   726  C CE1 . HIS A 1 106 ? 1.930   11.228  6.733   1.00 17.13 ? 156  HIS A CE1 1 
ATOM   727  N NE2 . HIS A 1 106 ? 1.871   10.983  5.436   1.00 17.39 ? 156  HIS A NE2 1 
ATOM   728  N N   . LEU A 1 107 ? -1.784  12.532  6.570   1.00 13.30 ? 157  LEU A N   1 
ATOM   729  C CA  . LEU A 1 107 ? -1.813  13.716  5.724   1.00 14.79 ? 157  LEU A CA  1 
ATOM   730  C C   . LEU A 1 107 ? -0.636  13.551  4.771   1.00 13.90 ? 157  LEU A C   1 
ATOM   731  O O   . LEU A 1 107 ? 0.522   13.742  5.157   1.00 13.05 ? 157  LEU A O   1 
ATOM   732  C CB  . LEU A 1 107 ? -1.627  14.998  6.544   1.00 15.02 ? 157  LEU A CB  1 
ATOM   733  C CG  . LEU A 1 107 ? -1.484  16.253  5.677   1.00 18.26 ? 157  LEU A CG  1 
ATOM   734  C CD1 . LEU A 1 107 ? -2.791  16.523  4.930   1.00 16.85 ? 157  LEU A CD1 1 
ATOM   735  C CD2 . LEU A 1 107 ? -1.112  17.433  6.546   1.00 20.46 ? 157  LEU A CD2 1 
ATOM   736  N N   . PHE A 1 108 ? -0.922  13.171  3.531   1.00 13.61 ? 158  PHE A N   1 
ATOM   737  C CA  . PHE A 1 108 ? 0.143   12.990  2.553   1.00 13.91 ? 158  PHE A CA  1 
ATOM   738  C C   . PHE A 1 108 ? 0.578   14.324  1.941   1.00 13.33 ? 158  PHE A C   1 
ATOM   739  O O   . PHE A 1 108 ? -0.252  15.182  1.646   1.00 13.48 ? 158  PHE A O   1 
ATOM   740  C CB  . PHE A 1 108 ? -0.306  12.056  1.415   1.00 13.17 ? 158  PHE A CB  1 
ATOM   741  C CG  . PHE A 1 108 ? -0.583  10.640  1.849   1.00 12.77 ? 158  PHE A CG  1 
ATOM   742  C CD1 . PHE A 1 108 ? -1.776  10.306  2.475   1.00 11.49 ? 158  PHE A CD1 1 
ATOM   743  C CD2 . PHE A 1 108 ? 0.358   9.634   1.616   1.00 14.12 ? 158  PHE A CD2 1 
ATOM   744  C CE1 . PHE A 1 108 ? -2.039  8.986   2.864   1.00 13.70 ? 158  PHE A CE1 1 
ATOM   745  C CE2 . PHE A 1 108 ? 0.110   8.315   1.998   1.00 14.97 ? 158  PHE A CE2 1 
ATOM   746  C CZ  . PHE A 1 108 ? -1.094  7.988   2.625   1.00 12.53 ? 158  PHE A CZ  1 
ATOM   747  N N   . PHE A 1 109 ? 1.888   14.502  1.794   1.00 13.60 ? 159  PHE A N   1 
ATOM   748  C CA  . PHE A 1 109 ? 2.444   15.689  1.152   1.00 14.63 ? 159  PHE A CA  1 
ATOM   749  C C   . PHE A 1 109 ? 3.846   15.332  0.655   1.00 15.13 ? 159  PHE A C   1 
ATOM   750  O O   . PHE A 1 109 ? 4.327   14.226  0.916   1.00 14.40 ? 159  PHE A O   1 
ATOM   751  C CB  . PHE A 1 109 ? 2.411   16.939  2.067   1.00 12.80 ? 159  PHE A CB  1 
ATOM   752  C CG  . PHE A 1 109 ? 3.398   16.930  3.200   1.00 14.60 ? 159  PHE A CG  1 
ATOM   753  C CD1 . PHE A 1 109 ? 3.199   16.122  4.317   1.00 15.10 ? 159  PHE A CD1 1 
ATOM   754  C CD2 . PHE A 1 109 ? 4.485   17.802  3.185   1.00 14.68 ? 159  PHE A CD2 1 
ATOM   755  C CE1 . PHE A 1 109 ? 4.068   16.187  5.408   1.00 16.99 ? 159  PHE A CE1 1 
ATOM   756  C CE2 . PHE A 1 109 ? 5.363   17.880  4.268   1.00 14.47 ? 159  PHE A CE2 1 
ATOM   757  C CZ  . PHE A 1 109 ? 5.156   17.073  5.382   1.00 16.14 ? 159  PHE A CZ  1 
ATOM   758  N N   . HIS A 1 110 ? 4.497   16.236  -0.068  1.00 15.25 ? 160  HIS A N   1 
ATOM   759  C CA  . HIS A 1 110 ? 5.793   15.907  -0.652  1.00 17.73 ? 160  HIS A CA  1 
ATOM   760  C C   . HIS A 1 110 ? 6.863   15.310  0.262   1.00 17.69 ? 160  HIS A C   1 
ATOM   761  O O   . HIS A 1 110 ? 7.627   14.453  -0.178  1.00 17.24 ? 160  HIS A O   1 
ATOM   762  C CB  . HIS A 1 110 ? 6.350   17.110  -1.434  1.00 18.70 ? 160  HIS A CB  1 
ATOM   763  C CG  . HIS A 1 110 ? 6.979   18.166  -0.584  1.00 24.19 ? 160  HIS A CG  1 
ATOM   764  N ND1 . HIS A 1 110 ? 8.340   18.396  -0.574  1.00 27.41 ? 160  HIS A ND1 1 
ATOM   765  C CD2 . HIS A 1 110 ? 6.436   19.085  0.249   1.00 25.48 ? 160  HIS A CD2 1 
ATOM   766  C CE1 . HIS A 1 110 ? 8.605   19.413  0.226   1.00 26.92 ? 160  HIS A CE1 1 
ATOM   767  N NE2 . HIS A 1 110 ? 7.467   19.849  0.738   1.00 28.64 ? 160  HIS A NE2 1 
ATOM   768  N N   . LYS A 1 111 ? 6.909   15.729  1.525   1.00 16.94 ? 161  LYS A N   1 
ATOM   769  C CA  . LYS A 1 111 ? 7.906   15.205  2.463   1.00 18.17 ? 161  LYS A CA  1 
ATOM   770  C C   . LYS A 1 111 ? 7.491   13.907  3.169   1.00 17.76 ? 161  LYS A C   1 
ATOM   771  O O   . LYS A 1 111 ? 8.325   13.220  3.756   1.00 17.28 ? 161  LYS A O   1 
ATOM   772  C CB  . LYS A 1 111 ? 8.262   16.268  3.504   1.00 20.71 ? 161  LYS A CB  1 
ATOM   773  C CG  . LYS A 1 111 ? 9.112   17.406  2.951   1.00 23.56 ? 161  LYS A CG  1 
ATOM   774  C CD  . LYS A 1 111 ? 9.411   18.444  4.028   1.00 28.81 ? 161  LYS A CD  1 
ATOM   775  C CE  . LYS A 1 111 ? 10.238  19.602  3.484   1.00 31.31 ? 161  LYS A CE  1 
ATOM   776  N NZ  . LYS A 1 111 ? 10.487  20.643  4.524   1.00 33.32 ? 161  LYS A NZ  1 
ATOM   777  N N   . GLU A 1 112 ? 6.200   13.589  3.126   1.00 17.50 ? 162  GLU A N   1 
ATOM   778  C CA  . GLU A 1 112 ? 5.678   12.361  3.718   1.00 16.43 ? 162  GLU A CA  1 
ATOM   779  C C   . GLU A 1 112 ? 4.681   11.804  2.702   1.00 14.62 ? 162  GLU A C   1 
ATOM   780  O O   . GLU A 1 112 ? 3.472   11.747  2.958   1.00 14.20 ? 162  GLU A O   1 
ATOM   781  C CB  . GLU A 1 112 ? 5.003   12.659  5.069   1.00 17.66 ? 162  GLU A CB  1 
ATOM   782  C CG  . GLU A 1 112 ? 6.003   13.081  6.154   1.00 22.59 ? 162  GLU A CG  1 
ATOM   783  C CD  . GLU A 1 112 ? 5.391   13.257  7.544   1.00 27.54 ? 162  GLU A CD  1 
ATOM   784  O OE1 . GLU A 1 112 ? 6.166   13.491  8.500   1.00 30.50 ? 162  GLU A OE1 1 
ATOM   785  O OE2 . GLU A 1 112 ? 4.152   13.169  7.696   1.00 26.59 ? 162  GLU A OE2 1 
ATOM   786  N N   . ASN A 1 113 ? 5.196   11.393  1.543   1.00 13.39 ? 163  ASN A N   1 
ATOM   787  C CA  . ASN A 1 113 ? 4.331   10.904  0.478   1.00 13.43 ? 163  ASN A CA  1 
ATOM   788  C C   . ASN A 1 113 ? 3.898   9.442   0.537   1.00 14.03 ? 163  ASN A C   1 
ATOM   789  O O   . ASN A 1 113 ? 3.165   8.980   -0.339  1.00 13.50 ? 163  ASN A O   1 
ATOM   790  C CB  . ASN A 1 113 ? 4.929   11.231  -0.905  1.00 13.21 ? 163  ASN A CB  1 
ATOM   791  C CG  . ASN A 1 113 ? 6.179   10.431  -1.222  1.00 13.06 ? 163  ASN A CG  1 
ATOM   792  O OD1 . ASN A 1 113 ? 6.340   9.300   -0.773  1.00 14.12 ? 163  ASN A OD1 1 
ATOM   793  N ND2 . ASN A 1 113 ? 7.059   11.012  -2.028  1.00 12.24 ? 163  ASN A ND2 1 
ATOM   794  N N   . ASP A 1 114 ? 4.349   8.709   1.551   1.00 14.48 ? 164  ASP A N   1 
ATOM   795  C CA  . ASP A 1 114 ? 3.914   7.322   1.708   1.00 14.46 ? 164  ASP A CA  1 
ATOM   796  C C   . ASP A 1 114 ? 3.726   7.043   3.192   1.00 15.15 ? 164  ASP A C   1 
ATOM   797  O O   . ASP A 1 114 ? 4.319   7.713   4.040   1.00 15.64 ? 164  ASP A O   1 
ATOM   798  C CB  . ASP A 1 114 ? 4.894   6.328   1.047   1.00 15.38 ? 164  ASP A CB  1 
ATOM   799  C CG  . ASP A 1 114 ? 6.176   6.107   1.843   1.00 16.28 ? 164  ASP A CG  1 
ATOM   800  O OD1 . ASP A 1 114 ? 7.259   6.120   1.220   1.00 17.49 ? 164  ASP A OD1 1 
ATOM   801  O OD2 . ASP A 1 114 ? 6.114   5.891   3.070   1.00 19.67 ? 164  ASP A OD2 1 
ATOM   802  N N   . TRP A 1 115 ? 2.874   6.078   3.512   1.00 14.42 ? 165  TRP A N   1 
ATOM   803  C CA  . TRP A 1 115 ? 2.611   5.757   4.907   1.00 14.59 ? 165  TRP A CA  1 
ATOM   804  C C   . TRP A 1 115 ? 2.184   4.299   4.981   1.00 14.96 ? 165  TRP A C   1 
ATOM   805  O O   . TRP A 1 115 ? 1.427   3.821   4.129   1.00 15.10 ? 165  TRP A O   1 
ATOM   806  C CB  . TRP A 1 115 ? 1.499   6.673   5.434   1.00 14.85 ? 165  TRP A CB  1 
ATOM   807  C CG  . TRP A 1 115 ? 1.512   6.906   6.923   1.00 17.37 ? 165  TRP A CG  1 
ATOM   808  C CD1 . TRP A 1 115 ? 0.595   6.462   7.836   1.00 18.07 ? 165  TRP A CD1 1 
ATOM   809  C CD2 . TRP A 1 115 ? 2.464   7.686   7.658   1.00 17.64 ? 165  TRP A CD2 1 
ATOM   810  N NE1 . TRP A 1 115 ? 0.917   6.922   9.094   1.00 18.34 ? 165  TRP A NE1 1 
ATOM   811  C CE2 . TRP A 1 115 ? 2.059   7.676   9.013   1.00 18.68 ? 165  TRP A CE2 1 
ATOM   812  C CE3 . TRP A 1 115 ? 3.620   8.393   7.304   1.00 18.41 ? 165  TRP A CE3 1 
ATOM   813  C CZ2 . TRP A 1 115 ? 2.770   8.349   10.016  1.00 20.39 ? 165  TRP A CZ2 1 
ATOM   814  C CZ3 . TRP A 1 115 ? 4.327   9.063   8.299   1.00 21.84 ? 165  TRP A CZ3 1 
ATOM   815  C CH2 . TRP A 1 115 ? 3.897   9.035   9.639   1.00 21.22 ? 165  TRP A CH2 1 
ATOM   816  N N   . GLY A 1 116 ? 2.674   3.594   5.995   1.00 14.38 ? 166  GLY A N   1 
ATOM   817  C CA  . GLY A 1 116 ? 2.333   2.194   6.147   1.00 13.06 ? 166  GLY A CA  1 
ATOM   818  C C   . GLY A 1 116 ? 3.102   1.518   7.267   1.00 14.55 ? 166  GLY A C   1 
ATOM   819  O O   . GLY A 1 116 ? 3.409   2.138   8.287   1.00 16.72 ? 166  GLY A O   1 
ATOM   820  N N   . PHE A 1 117 ? 3.430   0.246   7.066   1.00 15.05 ? 167  PHE A N   1 
ATOM   821  C CA  . PHE A 1 117 ? 4.149   -0.521  8.072   1.00 16.37 ? 167  PHE A CA  1 
ATOM   822  C C   . PHE A 1 117 ? 5.348   -1.293  7.521   1.00 16.05 ? 167  PHE A C   1 
ATOM   823  O O   . PHE A 1 117 ? 5.216   -2.105  6.593   1.00 15.30 ? 167  PHE A O   1 
ATOM   824  C CB  . PHE A 1 117 ? 3.197   -1.506  8.756   1.00 17.48 ? 167  PHE A CB  1 
ATOM   825  C CG  . PHE A 1 117 ? 1.915   -0.882  9.243   1.00 17.30 ? 167  PHE A CG  1 
ATOM   826  C CD1 . PHE A 1 117 ? 0.870   -0.623  8.359   1.00 16.56 ? 167  PHE A CD1 1 
ATOM   827  C CD2 . PHE A 1 117 ? 1.749   -0.568  10.587  1.00 18.06 ? 167  PHE A CD2 1 
ATOM   828  C CE1 . PHE A 1 117 ? -0.324  -0.058  8.807   1.00 18.68 ? 167  PHE A CE1 1 
ATOM   829  C CE2 . PHE A 1 117 ? 0.557   -0.001  11.050  1.00 19.30 ? 167  PHE A CE2 1 
ATOM   830  C CZ  . PHE A 1 117 ? -0.480  0.253   10.158  1.00 19.31 ? 167  PHE A CZ  1 
ATOM   831  N N   . SER A 1 118 ? 6.519   -1.042  8.100   1.00 16.09 ? 168  SER A N   1 
ATOM   832  C CA  . SER A 1 118 ? 7.730   -1.740  7.692   1.00 17.12 ? 168  SER A CA  1 
ATOM   833  C C   . SER A 1 118 ? 7.605   -3.193  8.155   1.00 17.66 ? 168  SER A C   1 
ATOM   834  O O   . SER A 1 118 ? 8.164   -4.103  7.541   1.00 17.21 ? 168  SER A O   1 
ATOM   835  C CB  . SER A 1 118 ? 8.961   -1.097  8.328   1.00 18.88 ? 168  SER A CB  1 
ATOM   836  O OG  . SER A 1 118 ? 8.864   -1.120  9.739   1.00 21.56 ? 168  SER A OG  1 
ATOM   837  N N   . ASN A 1 119 ? 6.876   -3.394  9.249   1.00 17.52 ? 169  ASN A N   1 
ATOM   838  C CA  . ASN A 1 119 ? 6.643   -4.731  9.793   1.00 20.02 ? 169  ASN A CA  1 
ATOM   839  C C   . ASN A 1 119 ? 5.151   -5.049  9.693   1.00 19.65 ? 169  ASN A C   1 
ATOM   840  O O   . ASN A 1 119 ? 4.481   -5.275  10.703  1.00 19.57 ? 169  ASN A O   1 
ATOM   841  C CB  . ASN A 1 119 ? 7.082   -4.808  11.259  1.00 24.65 ? 169  ASN A CB  1 
ATOM   842  C CG  . ASN A 1 119 ? 6.901   -6.204  11.852  1.00 30.89 ? 169  ASN A CG  1 
ATOM   843  O OD1 . ASN A 1 119 ? 7.153   -6.427  13.038  1.00 35.90 ? 169  ASN A OD1 1 
ATOM   844  N ND2 . ASN A 1 119 ? 6.462   -7.150  11.025  1.00 32.26 ? 169  ASN A ND2 1 
ATOM   845  N N   . PHE A 1 120 ? 4.634   -5.066  8.467   1.00 17.32 ? 170  PHE A N   1 
ATOM   846  C CA  . PHE A 1 120 ? 3.216   -5.338  8.251   1.00 16.89 ? 170  PHE A CA  1 
ATOM   847  C C   . PHE A 1 120 ? 2.845   -6.760  8.661   1.00 17.05 ? 170  PHE A C   1 
ATOM   848  O O   . PHE A 1 120 ? 1.827   -6.979  9.309   1.00 18.08 ? 170  PHE A O   1 
ATOM   849  C CB  . PHE A 1 120 ? 2.852   -5.106  6.783   1.00 14.23 ? 170  PHE A CB  1 
ATOM   850  C CG  . PHE A 1 120 ? 1.379   -5.141  6.518   1.00 15.30 ? 170  PHE A CG  1 
ATOM   851  C CD1 . PHE A 1 120 ? 0.728   -6.348  6.285   1.00 14.60 ? 170  PHE A CD1 1 
ATOM   852  C CD2 . PHE A 1 120 ? 0.631   -3.966  6.534   1.00 15.44 ? 170  PHE A CD2 1 
ATOM   853  C CE1 . PHE A 1 120 ? -0.648  -6.385  6.070   1.00 17.58 ? 170  PHE A CE1 1 
ATOM   854  C CE2 . PHE A 1 120 ? -0.744  -3.996  6.323   1.00 16.57 ? 170  PHE A CE2 1 
ATOM   855  C CZ  . PHE A 1 120 ? -1.383  -5.209  6.090   1.00 16.79 ? 170  PHE A CZ  1 
ATOM   856  N N   . MET A 1 121 ? 3.679   -7.716  8.268   1.00 17.93 ? 171  MET A N   1 
ATOM   857  C CA  . MET A 1 121 ? 3.479   -9.128  8.588   1.00 19.07 ? 171  MET A CA  1 
ATOM   858  C C   . MET A 1 121 ? 4.833   -9.817  8.597   1.00 16.86 ? 171  MET A C   1 
ATOM   859  O O   . MET A 1 121 ? 5.765   -9.362  7.945   1.00 16.93 ? 171  MET A O   1 
ATOM   860  C CB  . MET A 1 121 ? 2.621   -9.824  7.527   1.00 19.75 ? 171  MET A CB  1 
ATOM   861  C CG  . MET A 1 121 ? 1.131   -9.700  7.683   1.00 27.84 ? 171  MET A CG  1 
ATOM   862  S SD  . MET A 1 121 ? 0.320   -10.787 6.477   1.00 33.41 ? 171  MET A SD  1 
ATOM   863  C CE  . MET A 1 121 ? 0.315   -12.351 7.361   1.00 31.55 ? 171  MET A CE  1 
ATOM   864  N N   . ALA A 1 122 ? 4.931   -10.925 9.325   1.00 17.21 ? 172  ALA A N   1 
ATOM   865  C CA  . ALA A 1 122 ? 6.172   -11.687 9.369   1.00 16.41 ? 172  ALA A CA  1 
ATOM   866  C C   . ALA A 1 122 ? 6.409   -12.278 7.981   1.00 15.74 ? 172  ALA A C   1 
ATOM   867  O O   . ALA A 1 122 ? 5.485   -12.801 7.358   1.00 15.48 ? 172  ALA A O   1 
ATOM   868  C CB  . ALA A 1 122 ? 6.064   -12.809 10.406  1.00 16.81 ? 172  ALA A CB  1 
ATOM   869  N N   . TRP A 1 123 ? 7.641   -12.196 7.491   1.00 16.06 ? 173  TRP A N   1 
ATOM   870  C CA  . TRP A 1 123 ? 7.959   -12.734 6.175   1.00 17.72 ? 173  TRP A CA  1 
ATOM   871  C C   . TRP A 1 123 ? 7.709   -14.241 6.135   1.00 18.84 ? 173  TRP A C   1 
ATOM   872  O O   . TRP A 1 123 ? 7.206   -14.771 5.139   1.00 17.98 ? 173  TRP A O   1 
ATOM   873  C CB  . TRP A 1 123 ? 9.419   -12.442 5.823   1.00 17.53 ? 173  TRP A CB  1 
ATOM   874  C CG  . TRP A 1 123 ? 9.774   -12.757 4.394   1.00 19.44 ? 173  TRP A CG  1 
ATOM   875  C CD1 . TRP A 1 123 ? 10.278  -13.930 3.908   1.00 20.47 ? 173  TRP A CD1 1 
ATOM   876  C CD2 . TRP A 1 123 ? 9.652   -11.877 3.270   1.00 19.36 ? 173  TRP A CD2 1 
ATOM   877  N NE1 . TRP A 1 123 ? 10.482  -13.834 2.549   1.00 21.99 ? 173  TRP A NE1 1 
ATOM   878  C CE2 . TRP A 1 123 ? 10.106  -12.584 2.132   1.00 21.19 ? 173  TRP A CE2 1 
ATOM   879  C CE3 . TRP A 1 123 ? 9.202   -10.558 3.113   1.00 18.53 ? 173  TRP A CE3 1 
ATOM   880  C CZ2 . TRP A 1 123 ? 10.127  -12.015 0.854   1.00 19.98 ? 173  TRP A CZ2 1 
ATOM   881  C CZ3 . TRP A 1 123 ? 9.223   -9.992  1.840   1.00 21.96 ? 173  TRP A CZ3 1 
ATOM   882  C CH2 . TRP A 1 123 ? 9.683   -10.723 0.728   1.00 19.50 ? 173  TRP A CH2 1 
ATOM   883  N N   . SER A 1 124 ? 8.055   -14.921 7.225   1.00 18.57 ? 174  SER A N   1 
ATOM   884  C CA  . SER A 1 124 ? 7.885   -16.370 7.326   1.00 19.95 ? 174  SER A CA  1 
ATOM   885  C C   . SER A 1 124 ? 6.427   -16.797 7.216   1.00 19.47 ? 174  SER A C   1 
ATOM   886  O O   . SER A 1 124 ? 6.125   -17.857 6.669   1.00 21.43 ? 174  SER A O   1 
ATOM   887  C CB  . SER A 1 124 ? 8.471   -16.876 8.648   1.00 20.00 ? 174  SER A CB  1 
ATOM   888  O OG  . SER A 1 124 ? 7.837   -16.264 9.756   1.00 20.84 ? 174  SER A OG  1 
ATOM   889  N N   . GLU A 1 125 ? 5.523   -15.973 7.735   1.00 18.61 ? 175  GLU A N   1 
ATOM   890  C CA  . GLU A 1 125 ? 4.102   -16.280 7.679   1.00 18.19 ? 175  GLU A CA  1 
ATOM   891  C C   . GLU A 1 125 ? 3.521   -16.065 6.281   1.00 17.61 ? 175  GLU A C   1 
ATOM   892  O O   . GLU A 1 125 ? 2.819   -16.926 5.755   1.00 16.22 ? 175  GLU A O   1 
ATOM   893  C CB  . GLU A 1 125 ? 3.338   -15.424 8.693   1.00 20.20 ? 175  GLU A CB  1 
ATOM   894  C CG  . GLU A 1 125 ? 1.825   -15.612 8.651   1.00 22.08 ? 175  GLU A CG  1 
ATOM   895  C CD  . GLU A 1 125 ? 1.105   -14.765 9.684   1.00 26.64 ? 175  GLU A CD  1 
ATOM   896  O OE1 . GLU A 1 125 ? -0.143  -14.693 9.633   1.00 27.66 ? 175  GLU A OE1 1 
ATOM   897  O OE2 . GLU A 1 125 ? 1.789   -14.176 10.549  1.00 30.29 ? 175  GLU A OE2 1 
ATOM   898  N N   . VAL A 1 126 ? 3.817   -14.921 5.673   1.00 17.61 ? 176  VAL A N   1 
ATOM   899  C CA  . VAL A 1 126 ? 3.289   -14.638 4.340   1.00 18.02 ? 176  VAL A CA  1 
ATOM   900  C C   . VAL A 1 126 ? 3.779   -15.640 3.294   1.00 17.32 ? 176  VAL A C   1 
ATOM   901  O O   . VAL A 1 126 ? 3.029   -16.019 2.394   1.00 16.52 ? 176  VAL A O   1 
ATOM   902  C CB  . VAL A 1 126 ? 3.664   -13.208 3.880   1.00 17.75 ? 176  VAL A CB  1 
ATOM   903  C CG1 . VAL A 1 126 ? 3.043   -12.913 2.519   1.00 20.11 ? 176  VAL A CG1 1 
ATOM   904  C CG2 . VAL A 1 126 ? 3.172   -12.198 4.896   1.00 21.32 ? 176  VAL A CG2 1 
ATOM   905  N N   . THR A 1 127 ? 5.030   -16.075 3.418   1.00 16.68 ? 177  THR A N   1 
ATOM   906  C CA  . THR A 1 127 ? 5.598   -17.017 2.461   1.00 19.34 ? 177  THR A CA  1 
ATOM   907  C C   . THR A 1 127 ? 5.341   -18.486 2.812   1.00 20.28 ? 177  THR A C   1 
ATOM   908  O O   . THR A 1 127 ? 5.773   -19.382 2.089   1.00 20.21 ? 177  THR A O   1 
ATOM   909  C CB  . THR A 1 127 ? 7.123   -16.811 2.305   1.00 19.66 ? 177  THR A CB  1 
ATOM   910  O OG1 . THR A 1 127 ? 7.766   -16.995 3.575   1.00 19.49 ? 177  THR A OG1 1 
ATOM   911  C CG2 . THR A 1 127 ? 7.423   -15.406 1.783   1.00 19.87 ? 177  THR A CG2 1 
ATOM   912  N N   . ASP A 1 128 ? 4.641   -18.732 3.917   1.00 19.82 ? 178  ASP A N   1 
ATOM   913  C CA  . ASP A 1 128 ? 4.336   -20.101 4.339   1.00 22.22 ? 178  ASP A CA  1 
ATOM   914  C C   . ASP A 1 128 ? 3.233   -20.646 3.430   1.00 22.01 ? 178  ASP A C   1 
ATOM   915  O O   . ASP A 1 128 ? 2.094   -20.202 3.499   1.00 20.09 ? 178  ASP A O   1 
ATOM   916  C CB  . ASP A 1 128 ? 3.865   -20.116 5.801   1.00 21.92 ? 178  ASP A CB  1 
ATOM   917  C CG  . ASP A 1 128 ? 3.752   -21.526 6.375   1.00 24.29 ? 178  ASP A CG  1 
ATOM   918  O OD1 . ASP A 1 128 ? 3.511   -22.479 5.605   1.00 21.54 ? 178  ASP A OD1 1 
ATOM   919  O OD2 . ASP A 1 128 ? 3.893   -21.675 7.608   1.00 25.77 ? 178  ASP A OD2 1 
ATOM   920  N N   . PRO A 1 129 ? 3.561   -21.628 2.576   1.00 23.46 ? 179  PRO A N   1 
ATOM   921  C CA  . PRO A 1 129 ? 2.584   -22.220 1.654   1.00 25.66 ? 179  PRO A CA  1 
ATOM   922  C C   . PRO A 1 129 ? 1.316   -22.784 2.295   1.00 25.86 ? 179  PRO A C   1 
ATOM   923  O O   . PRO A 1 129 ? 0.283   -22.893 1.640   1.00 26.95 ? 179  PRO A O   1 
ATOM   924  C CB  . PRO A 1 129 ? 3.398   -23.292 0.929   1.00 26.75 ? 179  PRO A CB  1 
ATOM   925  C CG  . PRO A 1 129 ? 4.423   -23.688 1.949   1.00 26.02 ? 179  PRO A CG  1 
ATOM   926  C CD  . PRO A 1 129 ? 4.840   -22.357 2.518   1.00 24.99 ? 179  PRO A CD  1 
ATOM   927  N N   . GLU A 1 130 ? 1.384   -23.128 3.576   1.00 25.06 ? 180  GLU A N   1 
ATOM   928  C CA  . GLU A 1 130 ? 0.221   -23.686 4.254   1.00 25.82 ? 180  GLU A CA  1 
ATOM   929  C C   . GLU A 1 130 ? -0.721  -22.609 4.799   1.00 25.37 ? 180  GLU A C   1 
ATOM   930  O O   . GLU A 1 130 ? -1.840  -22.919 5.213   1.00 24.63 ? 180  GLU A O   1 
ATOM   931  C CB  . GLU A 1 130 ? 0.677   -24.595 5.401   1.00 29.37 ? 180  GLU A CB  1 
ATOM   932  C CG  . GLU A 1 130 ? 1.706   -25.658 4.998   1.00 33.34 ? 180  GLU A CG  1 
ATOM   933  C CD  . GLU A 1 130 ? 1.172   -26.655 3.975   1.00 35.29 ? 180  GLU A CD  1 
ATOM   934  O OE1 . GLU A 1 130 ? 0.158   -27.325 4.264   1.00 35.80 ? 180  GLU A OE1 1 
ATOM   935  O OE2 . GLU A 1 130 ? 1.770   -26.773 2.884   1.00 35.22 ? 180  GLU A OE2 1 
ATOM   936  N N   . LYS A 1 131 ? -0.283  -21.349 4.776   1.00 22.38 ? 181  LYS A N   1 
ATOM   937  C CA  . LYS A 1 131 ? -1.087  -20.250 5.315   1.00 20.93 ? 181  LYS A CA  1 
ATOM   938  C C   . LYS A 1 131 ? -2.151  -19.670 4.387   1.00 19.65 ? 181  LYS A C   1 
ATOM   939  O O   . LYS A 1 131 ? -3.122  -19.070 4.853   1.00 18.31 ? 181  LYS A O   1 
ATOM   940  C CB  . LYS A 1 131 ? -0.172  -19.127 5.807   1.00 21.50 ? 181  LYS A CB  1 
ATOM   941  C CG  . LYS A 1 131 ? 0.795   -19.560 6.903   1.00 25.46 ? 181  LYS A CG  1 
ATOM   942  C CD  . LYS A 1 131 ? 0.059   -20.146 8.099   1.00 27.87 ? 181  LYS A CD  1 
ATOM   943  C CE  . LYS A 1 131 ? 1.033   -20.553 9.193   1.00 28.93 ? 181  LYS A CE  1 
ATOM   944  N NZ  . LYS A 1 131 ? 0.326   -21.112 10.372  1.00 31.78 ? 181  LYS A NZ  1 
ATOM   945  N N   . GLY A 1 132 ? -1.965  -19.827 3.081   1.00 18.70 ? 182  GLY A N   1 
ATOM   946  C CA  . GLY A 1 132 ? -2.954  -19.328 2.144   1.00 18.32 ? 182  GLY A CA  1 
ATOM   947  C C   . GLY A 1 132 ? -2.768  -17.934 1.571   1.00 19.69 ? 182  GLY A C   1 
ATOM   948  O O   . GLY A 1 132 ? -3.679  -17.426 0.917   1.00 20.04 ? 182  GLY A O   1 
ATOM   949  N N   . PHE A 1 133 ? -1.613  -17.311 1.804   1.00 19.65 ? 183  PHE A N   1 
ATOM   950  C CA  . PHE A 1 133 ? -1.362  -15.970 1.269   1.00 19.73 ? 183  PHE A CA  1 
ATOM   951  C C   . PHE A 1 133 ? -0.551  -16.025 -0.015  1.00 20.08 ? 183  PHE A C   1 
ATOM   952  O O   . PHE A 1 133 ? -0.667  -15.148 -0.871  1.00 21.66 ? 183  PHE A O   1 
ATOM   953  C CB  . PHE A 1 133 ? -0.589  -15.100 2.265   1.00 18.46 ? 183  PHE A CB  1 
ATOM   954  C CG  . PHE A 1 133 ? -1.321  -14.839 3.548   1.00 20.36 ? 183  PHE A CG  1 
ATOM   955  C CD1 . PHE A 1 133 ? -0.990  -15.537 4.705   1.00 21.45 ? 183  PHE A CD1 1 
ATOM   956  C CD2 . PHE A 1 133 ? -2.324  -13.880 3.607   1.00 20.31 ? 183  PHE A CD2 1 
ATOM   957  C CE1 . PHE A 1 133 ? -1.649  -15.280 5.905   1.00 22.18 ? 183  PHE A CE1 1 
ATOM   958  C CE2 . PHE A 1 133 ? -2.986  -13.618 4.797   1.00 22.06 ? 183  PHE A CE2 1 
ATOM   959  C CZ  . PHE A 1 133 ? -2.646  -14.321 5.950   1.00 21.87 ? 183  PHE A CZ  1 
ATOM   960  N N   . ILE A 1 134 ? 0.272   -17.057 -0.148  1.00 18.06 ? 184  ILE A N   1 
ATOM   961  C CA  . ILE A 1 134 ? 1.126   -17.180 -1.317  1.00 16.86 ? 184  ILE A CA  1 
ATOM   962  C C   . ILE A 1 134 ? 0.762   -18.359 -2.219  1.00 16.77 ? 184  ILE A C   1 
ATOM   963  O O   . ILE A 1 134 ? 0.393   -19.430 -1.743  1.00 17.30 ? 184  ILE A O   1 
ATOM   964  C CB  . ILE A 1 134 ? 2.604   -17.289 -0.876  1.00 17.03 ? 184  ILE A CB  1 
ATOM   965  C CG1 . ILE A 1 134 ? 3.531   -17.071 -2.074  1.00 16.51 ? 184  ILE A CG1 1 
ATOM   966  C CG2 . ILE A 1 134 ? 2.857   -18.652 -0.227  1.00 17.75 ? 184  ILE A CG2 1 
ATOM   967  C CD1 . ILE A 1 134 ? 4.979   -16.812 -1.679  1.00 19.19 ? 184  ILE A CD1 1 
ATOM   968  N N   . ASP A 1 135 ? 0.864   -18.143 -3.524  1.00 16.49 ? 185  ASP A N   1 
ATOM   969  C CA  . ASP A 1 135 ? 0.555   -19.177 -4.510  1.00 19.92 ? 185  ASP A CA  1 
ATOM   970  C C   . ASP A 1 135 ? 1.393   -18.936 -5.753  1.00 17.99 ? 185  ASP A C   1 
ATOM   971  O O   . ASP A 1 135 ? 1.352   -17.851 -6.328  1.00 17.78 ? 185  ASP A O   1 
ATOM   972  C CB  . ASP A 1 135 ? -0.932  -19.142 -4.871  1.00 22.38 ? 185  ASP A CB  1 
ATOM   973  C CG  . ASP A 1 135 ? -1.317  -20.232 -5.852  1.00 26.81 ? 185  ASP A CG  1 
ATOM   974  O OD1 . ASP A 1 135 ? -1.079  -21.424 -5.555  1.00 29.03 ? 185  ASP A OD1 1 
ATOM   975  O OD2 . ASP A 1 135 ? -1.859  -19.895 -6.921  1.00 28.96 ? 185  ASP A OD2 1 
ATOM   976  N N   . ASP A 1 136 ? 2.154   -19.945 -6.168  1.00 19.37 ? 186  ASP A N   1 
ATOM   977  C CA  . ASP A 1 136 ? 3.020   -19.811 -7.339  1.00 20.37 ? 186  ASP A CA  1 
ATOM   978  C C   . ASP A 1 136 ? 3.959   -18.625 -7.099  1.00 18.91 ? 186  ASP A C   1 
ATOM   979  O O   . ASP A 1 136 ? 4.269   -17.859 -8.015  1.00 19.39 ? 186  ASP A O   1 
ATOM   980  C CB  . ASP A 1 136 ? 2.188   -19.561 -8.600  1.00 21.89 ? 186  ASP A CB  1 
ATOM   981  C CG  . ASP A 1 136 ? 3.002   -19.707 -9.874  1.00 26.62 ? 186  ASP A CG  1 
ATOM   982  O OD1 . ASP A 1 136 ? 2.602   -19.127 -10.907 1.00 28.39 ? 186  ASP A OD1 1 
ATOM   983  O OD2 . ASP A 1 136 ? 4.036   -20.409 -9.847  1.00 28.01 ? 186  ASP A OD2 1 
ATOM   984  N N   . ASP A 1 137 ? 4.398   -18.490 -5.852  1.00 17.43 ? 187  ASP A N   1 
ATOM   985  C CA  . ASP A 1 137 ? 5.283   -17.412 -5.423  1.00 17.80 ? 187  ASP A CA  1 
ATOM   986  C C   . ASP A 1 137 ? 4.715   -16.028 -5.719  1.00 15.98 ? 187  ASP A C   1 
ATOM   987  O O   . ASP A 1 137 ? 5.457   -15.101 -6.044  1.00 16.50 ? 187  ASP A O   1 
ATOM   988  C CB  . ASP A 1 137 ? 6.667   -17.534 -6.068  1.00 17.74 ? 187  ASP A CB  1 
ATOM   989  C CG  . ASP A 1 137 ? 7.770   -17.014 -5.162  1.00 19.99 ? 187  ASP A CG  1 
ATOM   990  O OD1 . ASP A 1 137 ? 8.915   -16.851 -5.628  1.00 20.06 ? 187  ASP A OD1 1 
ATOM   991  O OD2 . ASP A 1 137 ? 7.486   -16.776 -3.966  1.00 19.73 ? 187  ASP A OD2 1 
ATOM   992  N N   . LYS A 1 138 ? 3.398   -15.898 -5.617  1.00 14.63 ? 188  LYS A N   1 
ATOM   993  C CA  . LYS A 1 138 ? 2.740   -14.612 -5.836  1.00 14.84 ? 188  LYS A CA  1 
ATOM   994  C C   . LYS A 1 138 ? 1.932   -14.230 -4.607  1.00 15.07 ? 188  LYS A C   1 
ATOM   995  O O   . LYS A 1 138 ? 1.301   -15.085 -3.973  1.00 13.73 ? 188  LYS A O   1 
ATOM   996  C CB  . LYS A 1 138 ? 1.798   -14.670 -7.042  1.00 14.86 ? 188  LYS A CB  1 
ATOM   997  C CG  . LYS A 1 138 ? 2.486   -14.925 -8.368  1.00 18.49 ? 188  LYS A CG  1 
ATOM   998  C CD  . LYS A 1 138 ? 1.470   -15.016 -9.500  1.00 22.61 ? 188  LYS A CD  1 
ATOM   999  C CE  . LYS A 1 138 ? 2.154   -15.376 -10.817 1.00 26.02 ? 188  LYS A CE  1 
ATOM   1000 N NZ  . LYS A 1 138 ? 1.200   -15.447 -11.966 1.00 27.52 ? 188  LYS A NZ  1 
ATOM   1001 N N   . VAL A 1 139 ? 1.954   -12.944 -4.273  1.00 13.79 ? 189  VAL A N   1 
ATOM   1002 C CA  . VAL A 1 139 ? 1.195   -12.432 -3.135  1.00 13.74 ? 189  VAL A CA  1 
ATOM   1003 C C   . VAL A 1 139 ? 0.459   -11.177 -3.602  1.00 14.83 ? 189  VAL A C   1 
ATOM   1004 O O   . VAL A 1 139 ? 1.048   -10.294 -4.238  1.00 14.75 ? 189  VAL A O   1 
ATOM   1005 C CB  . VAL A 1 139 ? 2.114   -12.085 -1.940  1.00 14.57 ? 189  VAL A CB  1 
ATOM   1006 C CG1 . VAL A 1 139 ? 1.278   -11.556 -0.782  1.00 12.74 ? 189  VAL A CG1 1 
ATOM   1007 C CG2 . VAL A 1 139 ? 2.899   -13.327 -1.503  1.00 13.16 ? 189  VAL A CG2 1 
ATOM   1008 N N   . THR A 1 140 ? -0.832  -11.100 -3.298  1.00 13.43 ? 190  THR A N   1 
ATOM   1009 C CA  . THR A 1 140 ? -1.632  -9.963  -3.724  1.00 13.92 ? 190  THR A CA  1 
ATOM   1010 C C   . THR A 1 140 ? -1.902  -8.994  -2.595  1.00 14.49 ? 190  THR A C   1 
ATOM   1011 O O   . THR A 1 140 ? -2.347  -9.385  -1.511  1.00 14.48 ? 190  THR A O   1 
ATOM   1012 C CB  . THR A 1 140 ? -2.968  -10.422 -4.324  1.00 13.71 ? 190  THR A CB  1 
ATOM   1013 O OG1 . THR A 1 140 ? -2.701  -11.273 -5.445  1.00 15.67 ? 190  THR A OG1 1 
ATOM   1014 C CG2 . THR A 1 140 ? -3.797  -9.218  -4.782  1.00 14.26 ? 190  THR A CG2 1 
ATOM   1015 N N   . PHE A 1 141 ? -1.618  -7.727  -2.875  1.00 13.99 ? 191  PHE A N   1 
ATOM   1016 C CA  . PHE A 1 141 ? -1.793  -6.640  -1.924  1.00 13.81 ? 191  PHE A CA  1 
ATOM   1017 C C   . PHE A 1 141 ? -2.984  -5.797  -2.340  1.00 13.88 ? 191  PHE A C   1 
ATOM   1018 O O   . PHE A 1 141 ? -3.232  -5.608  -3.528  1.00 15.08 ? 191  PHE A O   1 
ATOM   1019 C CB  . PHE A 1 141 ? -0.525  -5.785  -1.891  1.00 13.76 ? 191  PHE A CB  1 
ATOM   1020 C CG  . PHE A 1 141 ? 0.677   -6.523  -1.374  1.00 13.21 ? 191  PHE A CG  1 
ATOM   1021 C CD1 . PHE A 1 141 ? 1.096   -6.361  -0.055  1.00 14.27 ? 191  PHE A CD1 1 
ATOM   1022 C CD2 . PHE A 1 141 ? 1.352   -7.432  -2.185  1.00 13.36 ? 191  PHE A CD2 1 
ATOM   1023 C CE1 . PHE A 1 141 ? 2.167   -7.093  0.452   1.00 13.09 ? 191  PHE A CE1 1 
ATOM   1024 C CE2 . PHE A 1 141 ? 2.428   -8.171  -1.687  1.00 11.83 ? 191  PHE A CE2 1 
ATOM   1025 C CZ  . PHE A 1 141 ? 2.834   -8.000  -0.365  1.00 13.49 ? 191  PHE A CZ  1 
ATOM   1026 N N   . GLU A 1 142 ? -3.721  -5.291  -1.360  1.00 14.05 ? 192  GLU A N   1 
ATOM   1027 C CA  . GLU A 1 142 ? -4.886  -4.480  -1.658  1.00 15.32 ? 192  GLU A CA  1 
ATOM   1028 C C   . GLU A 1 142 ? -4.961  -3.247  -0.781  1.00 14.64 ? 192  GLU A C   1 
ATOM   1029 O O   . GLU A 1 142 ? -4.606  -3.281  0.402   1.00 15.02 ? 192  GLU A O   1 
ATOM   1030 C CB  . GLU A 1 142 ? -6.175  -5.291  -1.481  1.00 16.05 ? 192  GLU A CB  1 
ATOM   1031 C CG  . GLU A 1 142 ? -7.453  -4.465  -1.667  1.00 16.88 ? 192  GLU A CG  1 
ATOM   1032 C CD  . GLU A 1 142 ? -8.715  -5.246  -1.325  1.00 18.94 ? 192  GLU A CD  1 
ATOM   1033 O OE1 . GLU A 1 142 ? -9.118  -6.113  -2.126  1.00 19.38 ? 192  GLU A OE1 1 
ATOM   1034 O OE2 . GLU A 1 142 ? -9.293  -4.996  -0.247  1.00 19.53 ? 192  GLU A OE2 1 
ATOM   1035 N N   . VAL A 1 143 ? -5.424  -2.160  -1.384  1.00 12.07 ? 193  VAL A N   1 
ATOM   1036 C CA  . VAL A 1 143 ? -5.600  -0.913  -0.672  1.00 12.85 ? 193  VAL A CA  1 
ATOM   1037 C C   . VAL A 1 143 ? -6.972  -0.328  -0.972  1.00 14.30 ? 193  VAL A C   1 
ATOM   1038 O O   . VAL A 1 143 ? -7.386  -0.244  -2.132  1.00 14.83 ? 193  VAL A O   1 
ATOM   1039 C CB  . VAL A 1 143 ? -4.543  0.136   -1.070  1.00 12.75 ? 193  VAL A CB  1 
ATOM   1040 C CG1 . VAL A 1 143 ? -4.989  1.526   -0.596  1.00 13.59 ? 193  VAL A CG1 1 
ATOM   1041 C CG2 . VAL A 1 143 ? -3.198  -0.221  -0.458  1.00 12.17 ? 193  VAL A CG2 1 
ATOM   1042 N N   . PHE A 1 144 ? -7.680  0.038   0.088   1.00 14.05 ? 194  PHE A N   1 
ATOM   1043 C CA  . PHE A 1 144 ? -8.971  0.699   -0.026  1.00 15.46 ? 194  PHE A CA  1 
ATOM   1044 C C   . PHE A 1 144 ? -8.660  2.079   0.535   1.00 15.93 ? 194  PHE A C   1 
ATOM   1045 O O   . PHE A 1 144 ? -8.425  2.230   1.734   1.00 17.31 ? 194  PHE A O   1 
ATOM   1046 C CB  . PHE A 1 144 ? -10.043 0.027   0.835   1.00 15.42 ? 194  PHE A CB  1 
ATOM   1047 C CG  . PHE A 1 144 ? -11.318 0.833   0.948   1.00 16.23 ? 194  PHE A CG  1 
ATOM   1048 C CD1 . PHE A 1 144 ? -11.940 1.343   -0.191  1.00 15.01 ? 194  PHE A CD1 1 
ATOM   1049 C CD2 . PHE A 1 144 ? -11.889 1.091   2.192   1.00 18.14 ? 194  PHE A CD2 1 
ATOM   1050 C CE1 . PHE A 1 144 ? -13.113 2.102   -0.096  1.00 18.84 ? 194  PHE A CE1 1 
ATOM   1051 C CE2 . PHE A 1 144 ? -13.064 1.850   2.304   1.00 19.24 ? 194  PHE A CE2 1 
ATOM   1052 C CZ  . PHE A 1 144 ? -13.676 2.356   1.155   1.00 17.44 ? 194  PHE A CZ  1 
ATOM   1053 N N   . VAL A 1 145 ? -8.619  3.077   -0.338  1.00 16.44 ? 195  VAL A N   1 
ATOM   1054 C CA  . VAL A 1 145 ? -8.308  4.431   0.090   1.00 14.94 ? 195  VAL A CA  1 
ATOM   1055 C C   . VAL A 1 145 ? -9.501  5.374   -0.032  1.00 14.37 ? 195  VAL A C   1 
ATOM   1056 O O   . VAL A 1 145 ? -10.225 5.351   -1.022  1.00 16.42 ? 195  VAL A O   1 
ATOM   1057 C CB  . VAL A 1 145 ? -7.116  5.007   -0.724  1.00 15.46 ? 195  VAL A CB  1 
ATOM   1058 C CG1 . VAL A 1 145 ? -7.422  4.955   -2.214  1.00 15.85 ? 195  VAL A CG1 1 
ATOM   1059 C CG2 . VAL A 1 145 ? -6.832  6.444   -0.291  1.00 16.09 ? 195  VAL A CG2 1 
ATOM   1060 N N   . GLN A 1 146 ? -9.705  6.177   1.007   1.00 16.29 ? 196  GLN A N   1 
ATOM   1061 C CA  . GLN A 1 146 ? -10.776 7.169   1.052   1.00 16.47 ? 196  GLN A CA  1 
ATOM   1062 C C   . GLN A 1 146 ? -10.036 8.470   1.317   1.00 15.86 ? 196  GLN A C   1 
ATOM   1063 O O   . GLN A 1 146 ? -9.603  8.727   2.437   1.00 15.97 ? 196  GLN A O   1 
ATOM   1064 C CB  . GLN A 1 146 ? -11.747 6.878   2.202   1.00 17.40 ? 196  GLN A CB  1 
ATOM   1065 C CG  . GLN A 1 146 ? -12.303 5.461   2.186   1.00 19.61 ? 196  GLN A CG  1 
ATOM   1066 C CD  . GLN A 1 146 ? -13.303 5.218   3.292   1.00 19.18 ? 196  GLN A CD  1 
ATOM   1067 O OE1 . GLN A 1 146 ? -14.479 5.553   3.164   1.00 22.19 ? 196  GLN A OE1 1 
ATOM   1068 N NE2 . GLN A 1 146 ? -12.838 4.647   4.391   1.00 16.80 ? 196  GLN A NE2 1 
ATOM   1069 N N   . ALA A 1 147 ? -9.887  9.281   0.277   1.00 16.35 ? 197  ALA A N   1 
ATOM   1070 C CA  . ALA A 1 147 ? -9.149  10.533  0.388   1.00 15.64 ? 197  ALA A CA  1 
ATOM   1071 C C   . ALA A 1 147 ? -10.022 11.775  0.366   1.00 15.07 ? 197  ALA A C   1 
ATOM   1072 O O   . ALA A 1 147 ? -11.017 11.830  -0.352  1.00 15.27 ? 197  ALA A O   1 
ATOM   1073 C CB  . ALA A 1 147 ? -8.129  10.618  -0.734  1.00 14.65 ? 197  ALA A CB  1 
ATOM   1074 N N   . ASP A 1 148 ? -9.636  12.777  1.153   1.00 16.29 ? 198  ASP A N   1 
ATOM   1075 C CA  . ASP A 1 148 ? -10.367 14.040  1.178   1.00 16.26 ? 198  ASP A CA  1 
ATOM   1076 C C   . ASP A 1 148 ? -9.931  14.837  -0.045  1.00 17.50 ? 198  ASP A C   1 
ATOM   1077 O O   . ASP A 1 148 ? -8.984  14.455  -0.741  1.00 15.07 ? 198  ASP A O   1 
ATOM   1078 C CB  . ASP A 1 148 ? -10.027 14.873  2.418   1.00 17.30 ? 198  ASP A CB  1 
ATOM   1079 C CG  . ASP A 1 148 ? -10.474 14.228  3.709   1.00 20.56 ? 198  ASP A CG  1 
ATOM   1080 O OD1 . ASP A 1 148 ? -11.413 13.415  3.683   1.00 20.59 ? 198  ASP A OD1 1 
ATOM   1081 O OD2 . ASP A 1 148 ? -9.887  14.554  4.762   1.00 23.52 ? 198  ASP A OD2 1 
ATOM   1082 N N   . ALA A 1 149 ? -10.624 15.942  -0.305  1.00 16.39 ? 199  ALA A N   1 
ATOM   1083 C CA  . ALA A 1 149 ? -10.263 16.805  -1.425  1.00 15.98 ? 199  ALA A CA  1 
ATOM   1084 C C   . ALA A 1 149 ? -8.856  17.318  -1.119  1.00 16.00 ? 199  ALA A C   1 
ATOM   1085 O O   . ALA A 1 149 ? -8.564  17.719  0.010   1.00 14.59 ? 199  ALA A O   1 
ATOM   1086 C CB  . ALA A 1 149 ? -11.242 17.967  -1.530  1.00 16.32 ? 199  ALA A CB  1 
ATOM   1087 N N   . PRO A 1 150 ? -7.955  17.287  -2.113  1.00 15.61 ? 200  PRO A N   1 
ATOM   1088 C CA  . PRO A 1 150 ? -6.584  17.760  -1.896  1.00 17.06 ? 200  PRO A CA  1 
ATOM   1089 C C   . PRO A 1 150 ? -6.483  19.283  -1.877  1.00 16.71 ? 200  PRO A C   1 
ATOM   1090 O O   . PRO A 1 150 ? -7.391  19.982  -2.321  1.00 16.98 ? 200  PRO A O   1 
ATOM   1091 C CB  . PRO A 1 150 ? -5.812  17.185  -3.091  1.00 17.27 ? 200  PRO A CB  1 
ATOM   1092 C CG  . PRO A 1 150 ? -6.724  16.105  -3.655  1.00 19.40 ? 200  PRO A CG  1 
ATOM   1093 C CD  . PRO A 1 150 ? -8.095  16.669  -3.441  1.00 17.87 ? 200  PRO A CD  1 
ATOM   1094 N N   . HIS A 1 151 ? -5.373  19.779  -1.344  1.00 16.98 ? 201  HIS A N   1 
ATOM   1095 C CA  . HIS A 1 151 ? -5.094  21.206  -1.320  1.00 16.57 ? 201  HIS A CA  1 
ATOM   1096 C C   . HIS A 1 151 ? -3.812  21.415  -2.115  1.00 16.50 ? 201  HIS A C   1 
ATOM   1097 O O   . HIS A 1 151 ? -2.976  20.511  -2.216  1.00 14.65 ? 201  HIS A O   1 
ATOM   1098 C CB  . HIS A 1 151 ? -4.884  21.718  0.109   1.00 14.96 ? 201  HIS A CB  1 
ATOM   1099 C CG  . HIS A 1 151 ? -6.149  22.097  0.809   1.00 16.30 ? 201  HIS A CG  1 
ATOM   1100 N ND1 . HIS A 1 151 ? -6.754  21.288  1.746   1.00 18.61 ? 201  HIS A ND1 1 
ATOM   1101 C CD2 . HIS A 1 151 ? -6.932  23.196  0.698   1.00 14.06 ? 201  HIS A CD2 1 
ATOM   1102 C CE1 . HIS A 1 151 ? -7.857  21.872  2.183   1.00 14.97 ? 201  HIS A CE1 1 
ATOM   1103 N NE2 . HIS A 1 151 ? -7.987  23.030  1.561   1.00 19.65 ? 201  HIS A NE2 1 
ATOM   1104 N N   . GLY A 1 152 ? -3.666  22.601  -2.693  1.00 17.03 ? 202  GLY A N   1 
ATOM   1105 C CA  . GLY A 1 152 ? -2.465  22.911  -3.445  1.00 19.59 ? 202  GLY A CA  1 
ATOM   1106 C C   . GLY A 1 152 ? -2.230  22.122  -4.719  1.00 22.02 ? 202  GLY A C   1 
ATOM   1107 O O   . GLY A 1 152 ? -1.088  21.987  -5.146  1.00 22.39 ? 202  GLY A O   1 
ATOM   1108 N N   . VAL A 1 153 ? -3.291  21.591  -5.320  1.00 24.39 ? 203  VAL A N   1 
ATOM   1109 C CA  . VAL A 1 153 ? -3.163  20.844  -6.569  1.00 28.81 ? 203  VAL A CA  1 
ATOM   1110 C C   . VAL A 1 153 ? -3.937  21.613  -7.636  1.00 32.08 ? 203  VAL A C   1 
ATOM   1111 O O   . VAL A 1 153 ? -3.350  22.331  -8.442  1.00 33.65 ? 203  VAL A O   1 
ATOM   1112 C CB  . VAL A 1 153 ? -3.745  19.416  -6.451  1.00 28.37 ? 203  VAL A CB  1 
ATOM   1113 C CG1 . VAL A 1 153 ? -3.484  18.640  -7.734  1.00 27.13 ? 203  VAL A CG1 1 
ATOM   1114 C CG2 . VAL A 1 153 ? -3.126  18.700  -5.268  1.00 26.89 ? 203  VAL A CG2 1 
ATOM   1115 N N   . ALA A 1 154 ? -5.256  21.460  -7.637  1.00 35.53 ? 204  ALA A N   1 
ATOM   1116 C CA  . ALA A 1 154 ? -6.107  22.172  -8.583  1.00 38.60 ? 204  ALA A CA  1 
ATOM   1117 C C   . ALA A 1 154 ? -6.541  23.445  -7.864  1.00 39.28 ? 204  ALA A C   1 
ATOM   1118 O O   . ALA A 1 154 ? -7.281  23.388  -6.881  1.00 41.53 ? 204  ALA A O   1 
ATOM   1119 C CB  . ALA A 1 154 ? -7.322  21.322  -8.946  1.00 39.10 ? 204  ALA A CB  1 
ATOM   1120 N N   . TRP A 1 155 ? -6.072  24.591  -8.340  1.00 39.11 ? 205  TRP A N   1 
ATOM   1121 C CA  . TRP A 1 155 ? -6.410  25.853  -7.694  1.00 39.73 ? 205  TRP A CA  1 
ATOM   1122 C C   . TRP A 1 155 ? -7.652  26.507  -8.300  1.00 41.06 ? 205  TRP A C   1 
ATOM   1123 O O   . TRP A 1 155 ? -8.744  26.355  -7.712  1.00 41.54 ? 205  TRP A O   1 
ATOM   1124 C CB  . TRP A 1 155 ? -5.221  26.817  -7.781  1.00 37.66 ? 205  TRP A CB  1 
ATOM   1125 C CG  . TRP A 1 155 ? -3.879  26.178  -7.521  1.00 36.05 ? 205  TRP A CG  1 
ATOM   1126 C CD1 . TRP A 1 155 ? -3.169  25.379  -8.377  1.00 35.37 ? 205  TRP A CD1 1 
ATOM   1127 C CD2 . TRP A 1 155 ? -3.078  26.306  -6.338  1.00 34.14 ? 205  TRP A CD2 1 
ATOM   1128 N NE1 . TRP A 1 155 ? -1.975  25.005  -7.800  1.00 34.33 ? 205  TRP A NE1 1 
ATOM   1129 C CE2 . TRP A 1 155 ? -1.895  25.560  -6.550  1.00 33.52 ? 205  TRP A CE2 1 
ATOM   1130 C CE3 . TRP A 1 155 ? -3.243  26.979  -5.119  1.00 33.35 ? 205  TRP A CE3 1 
ATOM   1131 C CZ2 . TRP A 1 155 ? -0.882  25.470  -5.587  1.00 31.99 ? 205  TRP A CZ2 1 
ATOM   1132 C CZ3 . TRP A 1 155 ? -2.232  26.890  -4.160  1.00 32.14 ? 205  TRP A CZ3 1 
ATOM   1133 C CH2 . TRP A 1 155 ? -1.069  26.141  -4.403  1.00 31.32 ? 205  TRP A CH2 1 
ATOM   1134 O OXT . TRP A 1 155 ? -7.526  27.156  -9.360  1.00 42.52 ? 205  TRP A OXT 1 
ATOM   1135 N N   . GLY B 2 1   ? -2.832  -2.573  12.602  1.00 49.05 ? 361  GLY B N   1 
ATOM   1136 C CA  . GLY B 2 1   ? -2.619  -1.140  12.934  1.00 49.65 ? 361  GLY B CA  1 
ATOM   1137 C C   . GLY B 2 1   ? -1.827  -0.970  14.213  1.00 49.70 ? 361  GLY B C   1 
ATOM   1138 O O   . GLY B 2 1   ? -2.383  -1.032  15.313  1.00 50.52 ? 361  GLY B O   1 
ATOM   1139 N N   . ALA B 2 2   ? -0.523  -0.760  14.072  1.00 48.90 ? 362  ALA B N   1 
ATOM   1140 C CA  . ALA B 2 2   ? 0.358   -0.577  15.218  1.00 47.39 ? 362  ALA B CA  1 
ATOM   1141 C C   . ALA B 2 2   ? 1.502   0.363   14.856  1.00 45.99 ? 362  ALA B C   1 
ATOM   1142 O O   . ALA B 2 2   ? 2.592   -0.079  14.484  1.00 46.10 ? 362  ALA B O   1 
ATOM   1143 C CB  . ALA B 2 2   ? 0.906   -1.924  15.679  1.00 48.25 ? 362  ALA B CB  1 
ATOM   1144 N N   . ARG B 2 3   ? 1.234   1.662   14.959  1.00 43.94 ? 363  ARG B N   1 
ATOM   1145 C CA  . ARG B 2 3   ? 2.210   2.705   14.661  1.00 40.75 ? 363  ARG B CA  1 
ATOM   1146 C C   . ARG B 2 3   ? 2.621   2.783   13.186  1.00 35.84 ? 363  ARG B C   1 
ATOM   1147 O O   . ARG B 2 3   ? 3.703   2.337   12.811  1.00 34.68 ? 363  ARG B O   1 
ATOM   1148 C CB  . ARG B 2 3   ? 3.459   2.528   15.536  1.00 43.30 ? 363  ARG B CB  1 
ATOM   1149 C CG  . ARG B 2 3   ? 4.539   3.569   15.269  1.00 48.42 ? 363  ARG B CG  1 
ATOM   1150 C CD  . ARG B 2 3   ? 5.704   3.479   16.245  1.00 50.65 ? 363  ARG B CD  1 
ATOM   1151 N NE  . ARG B 2 3   ? 6.773   4.408   15.875  1.00 53.91 ? 363  ARG B NE  1 
ATOM   1152 C CZ  . ARG B 2 3   ? 7.852   4.652   16.614  1.00 54.64 ? 363  ARG B CZ  1 
ATOM   1153 N NH1 . ARG B 2 3   ? 8.017   4.036   17.779  1.00 54.84 ? 363  ARG B NH1 1 
ATOM   1154 N NH2 . ARG B 2 3   ? 8.770   5.511   16.189  1.00 53.91 ? 363  ARG B NH2 1 
ATOM   1155 N N   . ALA B 2 4   ? 1.756   3.355   12.356  1.00 32.12 ? 364  ALA B N   1 
ATOM   1156 C CA  . ALA B 2 4   ? 2.055   3.503   10.935  1.00 28.10 ? 364  ALA B CA  1 
ATOM   1157 C C   . ALA B 2 4   ? 3.147   4.566   10.796  1.00 26.37 ? 364  ALA B C   1 
ATOM   1158 O O   . ALA B 2 4   ? 3.302   5.417   11.670  1.00 24.80 ? 364  ALA B O   1 
ATOM   1159 C CB  . ALA B 2 4   ? 0.805   3.917   10.179  1.00 26.12 ? 364  ALA B CB  1 
ATOM   1160 N N   . HIS B 2 5   ? 3.904   4.514   9.703   1.00 23.61 ? 365  HIS B N   1 
ATOM   1161 C CA  . HIS B 2 5   ? 4.989   5.466   9.480   1.00 22.03 ? 365  HIS B CA  1 
ATOM   1162 C C   . HIS B 2 5   ? 5.441   5.485   8.022   1.00 20.85 ? 365  HIS B C   1 
ATOM   1163 O O   . HIS B 2 5   ? 4.907   4.761   7.186   1.00 18.88 ? 365  HIS B O   1 
ATOM   1164 C CB  . HIS B 2 5   ? 6.184   5.104   10.361  1.00 23.96 ? 365  HIS B CB  1 
ATOM   1165 C CG  . HIS B 2 5   ? 6.689   3.713   10.135  1.00 26.34 ? 365  HIS B CG  1 
ATOM   1166 N ND1 . HIS B 2 5   ? 5.999   2.595   10.552  1.00 28.92 ? 365  HIS B ND1 1 
ATOM   1167 C CD2 . HIS B 2 5   ? 7.782   3.258   9.479   1.00 26.83 ? 365  HIS B CD2 1 
ATOM   1168 C CE1 . HIS B 2 5   ? 6.645   1.511   10.162  1.00 27.03 ? 365  HIS B CE1 1 
ATOM   1169 N NE2 . HIS B 2 5   ? 7.730   1.886   9.509   1.00 28.88 ? 365  HIS B NE2 1 
ATOM   1170 N N   . SER B 2 6   ? 6.436   6.318   7.732   1.00 20.61 ? 366  SER B N   1 
ATOM   1171 C CA  . SER B 2 6   ? 6.983   6.442   6.386   1.00 22.02 ? 366  SER B CA  1 
ATOM   1172 C C   . SER B 2 6   ? 7.961   5.310   6.105   1.00 20.47 ? 366  SER B C   1 
ATOM   1173 O O   . SER B 2 6   ? 8.576   4.769   7.026   1.00 18.56 ? 366  SER B O   1 
ATOM   1174 C CB  . SER B 2 6   ? 7.716   7.780   6.234   1.00 25.29 ? 366  SER B CB  1 
ATOM   1175 O OG  . SER B 2 6   ? 6.866   8.867   6.561   1.00 34.76 ? 366  SER B OG  1 
ATOM   1176 N N   . SER B 2 7   ? 8.105   4.960   4.830   1.00 19.80 ? 367  SER B N   1 
ATOM   1177 C CA  . SER B 2 7   ? 9.023   3.899   4.425   1.00 20.54 ? 367  SER B CA  1 
ATOM   1178 C C   . SER B 2 7   ? 10.472  4.349   4.594   1.00 22.30 ? 367  SER B C   1 
ATOM   1179 O O   . SER B 2 7   ? 11.337  3.475   4.821   1.00 20.52 ? 367  SER B O   1 
ATOM   1180 C CB  . SER B 2 7   ? 8.780   3.498   2.965   1.00 20.61 ? 367  SER B CB  1 
ATOM   1181 O OG  . SER B 2 7   ? 9.170   4.525   2.071   1.00 20.78 ? 367  SER B OG  1 
ATOM   1182 O OXT . SER B 2 7   ? 10.722  5.570   4.480   1.00 22.33 ? 367  SER B OXT 1 
HETATM 1183 O O   . HOH C 3 .   ? -1.399  21.827  0.705   1.00 11.57 ? 1001 HOH A O   1 
HETATM 1184 O O   . HOH C 3 .   ? 4.164   3.022   -10.930 1.00 16.82 ? 1002 HOH A O   1 
HETATM 1185 O O   . HOH C 3 .   ? -7.368  4.777   -11.656 1.00 17.27 ? 1003 HOH A O   1 
HETATM 1186 O O   . HOH C 3 .   ? 7.410   6.961   -1.283  1.00 17.25 ? 1004 HOH A O   1 
HETATM 1187 O O   . HOH C 3 .   ? 5.232   23.570  -5.716  1.00 21.20 ? 1005 HOH A O   1 
HETATM 1188 O O   . HOH C 3 .   ? 3.577   18.918  -0.696  1.00 17.02 ? 1006 HOH A O   1 
HETATM 1189 O O   . HOH C 3 .   ? 0.990   -17.928 2.684   1.00 15.72 ? 1007 HOH A O   1 
HETATM 1190 O O   . HOH C 3 .   ? 2.713   7.955   -6.147  1.00 15.39 ? 1008 HOH A O   1 
HETATM 1191 O O   . HOH C 3 .   ? 2.946   12.247  -8.887  1.00 15.65 ? 1009 HOH A O   1 
HETATM 1192 O O   . HOH C 3 .   ? 5.898   6.764   -7.785  1.00 15.20 ? 1010 HOH A O   1 
HETATM 1193 O O   . HOH C 3 .   ? 5.932   -15.983 -9.288  1.00 15.70 ? 1011 HOH A O   1 
HETATM 1194 O O   . HOH C 3 .   ? -7.080  16.908  2.083   1.00 18.33 ? 1012 HOH A O   1 
HETATM 1195 O O   . HOH C 3 .   ? 7.209   4.959   -10.660 1.00 15.43 ? 1013 HOH A O   1 
HETATM 1196 O O   . HOH C 3 .   ? -3.004  0.200   -9.619  1.00 18.24 ? 1014 HOH A O   1 
HETATM 1197 O O   . HOH C 3 .   ? 11.748  -11.154 -6.724  1.00 18.64 ? 1015 HOH A O   1 
HETATM 1198 O O   . HOH C 3 .   ? 3.343   9.385   -8.533  1.00 17.80 ? 1016 HOH A O   1 
HETATM 1199 O O   . HOH C 3 .   ? 5.479   14.896  -4.651  1.00 19.43 ? 1017 HOH A O   1 
HETATM 1200 O O   . HOH C 3 .   ? -2.120  -13.069 -1.700  1.00 16.52 ? 1018 HOH A O   1 
HETATM 1201 O O   . HOH C 3 .   ? -1.355  -6.703  -10.191 1.00 17.38 ? 1019 HOH A O   1 
HETATM 1202 O O   . HOH C 3 .   ? -4.883  18.557  2.646   1.00 16.45 ? 1020 HOH A O   1 
HETATM 1203 O O   . HOH C 3 .   ? 0.946   17.771  -7.775  1.00 20.92 ? 1021 HOH A O   1 
HETATM 1204 O O   . HOH C 3 .   ? -9.250  -20.726 6.057   1.00 23.75 ? 1022 HOH A O   1 
HETATM 1205 O O   . HOH C 3 .   ? -10.763 -22.232 2.547   1.00 17.80 ? 1023 HOH A O   1 
HETATM 1206 O O   . HOH C 3 .   ? 8.132   11.383  1.271   1.00 19.78 ? 1024 HOH A O   1 
HETATM 1207 O O   . HOH C 3 .   ? -12.592 -18.328 8.079   1.00 25.69 ? 1025 HOH A O   1 
HETATM 1208 O O   . HOH C 3 .   ? -1.949  -2.468  -9.274  1.00 18.68 ? 1026 HOH A O   1 
HETATM 1209 O O   . HOH C 3 .   ? -8.602  17.226  4.336   1.00 18.18 ? 1027 HOH A O   1 
HETATM 1210 O O   . HOH C 3 .   ? 9.754   -13.751 9.114   1.00 19.16 ? 1028 HOH A O   1 
HETATM 1211 O O   . HOH C 3 .   ? -10.058 19.102  1.981   1.00 23.08 ? 1029 HOH A O   1 
HETATM 1212 O O   . HOH C 3 .   ? -6.725  -3.226  -9.039  1.00 25.45 ? 1030 HOH A O   1 
HETATM 1213 O O   . HOH C 3 .   ? -13.014 10.073  0.993   1.00 21.11 ? 1031 HOH A O   1 
HETATM 1214 O O   . HOH C 3 .   ? 7.010   -19.141 -2.666  1.00 24.42 ? 1032 HOH A O   1 
HETATM 1215 O O   . HOH C 3 .   ? -2.028  5.899   10.370  1.00 23.92 ? 1033 HOH A O   1 
HETATM 1216 O O   . HOH C 3 .   ? -8.390  -3.135  1.747   1.00 21.55 ? 1034 HOH A O   1 
HETATM 1217 O O   . HOH C 3 .   ? -12.896 16.654  1.358   1.00 20.74 ? 1035 HOH A O   1 
HETATM 1218 O O   . HOH C 3 .   ? 0.595   10.808  9.917   1.00 25.18 ? 1036 HOH A O   1 
HETATM 1219 O O   . HOH C 3 .   ? -0.912  13.178  9.219   1.00 19.76 ? 1037 HOH A O   1 
HETATM 1220 O O   . HOH C 3 .   ? 4.464   -20.275 -3.765  1.00 23.48 ? 1038 HOH A O   1 
HETATM 1221 O O   . HOH C 3 .   ? -15.252 8.638   -0.078  1.00 30.94 ? 1039 HOH A O   1 
HETATM 1222 O O   . HOH C 3 .   ? -1.678  -16.825 9.097   1.00 25.83 ? 1040 HOH A O   1 
HETATM 1223 O O   . HOH C 3 .   ? -6.594  -19.936 4.697   1.00 25.98 ? 1042 HOH A O   1 
HETATM 1224 O O   . HOH C 3 .   ? 1.369   -9.336  -11.170 1.00 21.50 ? 1043 HOH A O   1 
HETATM 1225 O O   . HOH C 3 .   ? -9.111  11.381  6.100   1.00 34.83 ? 1044 HOH A O   1 
HETATM 1226 O O   . HOH C 3 .   ? -14.474 -18.003 5.207   1.00 26.04 ? 1045 HOH A O   1 
HETATM 1227 O O   . HOH C 3 .   ? 11.810  -15.710 1.088   1.00 29.64 ? 1046 HOH A O   1 
HETATM 1228 O O   . HOH C 3 .   ? -9.513  -14.636 -1.266  1.00 28.36 ? 1047 HOH A O   1 
HETATM 1229 O O   . HOH C 3 .   ? -6.046  16.741  -7.471  1.00 21.24 ? 1048 HOH A O   1 
HETATM 1230 O O   . HOH C 3 .   ? -10.694 -8.095  -0.861  1.00 28.60 ? 1049 HOH A O   1 
HETATM 1231 O O   . HOH C 3 .   ? 7.877   17.145  -4.909  1.00 24.40 ? 1050 HOH A O   1 
HETATM 1232 O O   . HOH C 3 .   ? -0.336  -20.545 0.738   1.00 29.98 ? 1051 HOH A O   1 
HETATM 1233 O O   . HOH C 3 .   ? 2.762   -11.711 10.978  1.00 24.52 ? 1052 HOH A O   1 
HETATM 1234 O O   . HOH C 3 .   ? -13.810 0.591   -3.371  1.00 29.91 ? 1053 HOH A O   1 
HETATM 1235 O O   . HOH C 3 .   ? -9.811  21.479  -1.527  1.00 26.86 ? 1054 HOH A O   1 
HETATM 1236 O O   . HOH C 3 .   ? 0.115   -18.110 -11.234 1.00 34.60 ? 1055 HOH A O   1 
HETATM 1237 O O   . HOH C 3 .   ? 7.131   13.680  -3.054  1.00 28.73 ? 1056 HOH A O   1 
HETATM 1238 O O   . HOH C 3 .   ? 9.828   -17.948 -7.702  1.00 29.70 ? 1057 HOH A O   1 
HETATM 1239 O O   . HOH C 3 .   ? -9.453  20.205  -4.032  1.00 27.13 ? 1058 HOH A O   1 
HETATM 1240 O O   . HOH C 3 .   ? 4.493   24.635  0.076   1.00 24.29 ? 1059 HOH A O   1 
HETATM 1241 O O   . HOH C 3 .   ? -12.819 0.785   -6.488  1.00 26.47 ? 1060 HOH A O   1 
HETATM 1242 O O   . HOH C 3 .   ? 13.538  -12.312 -0.385  1.00 28.35 ? 1062 HOH A O   1 
HETATM 1243 O O   . HOH C 3 .   ? 9.607   9.967   -3.184  1.00 29.70 ? 1064 HOH A O   1 
HETATM 1244 O O   . HOH C 3 .   ? 13.173  -7.419  -5.876  1.00 30.44 ? 1065 HOH A O   1 
HETATM 1245 O O   . HOH C 3 .   ? -2.911  21.409  -10.894 1.00 33.97 ? 1066 HOH A O   1 
HETATM 1246 O O   . HOH C 3 .   ? -5.411  -1.534  12.055  1.00 31.75 ? 1068 HOH A O   1 
HETATM 1247 O O   . HOH C 3 .   ? 0.211   14.737  -9.987  1.00 29.31 ? 1069 HOH A O   1 
HETATM 1248 O O   . HOH C 3 .   ? -3.435  -7.843  -8.986  1.00 25.32 ? 1070 HOH A O   1 
HETATM 1249 O O   . HOH C 3 .   ? 7.815   -20.065 5.612   1.00 27.84 ? 1073 HOH A O   1 
HETATM 1250 O O   . HOH C 3 .   ? 9.007   5.423   -4.999  1.00 28.49 ? 1074 HOH A O   1 
HETATM 1251 O O   . HOH C 3 .   ? -13.290 12.678  1.861   1.00 35.66 ? 1075 HOH A O   1 
HETATM 1252 O O   . HOH C 3 .   ? -5.918  -8.689  -8.463  1.00 30.69 ? 1076 HOH A O   1 
HETATM 1253 O O   . HOH C 3 .   ? -15.974 2.225   -2.600  1.00 42.45 ? 1077 HOH A O   1 
HETATM 1254 O O   . HOH C 3 .   ? 9.813   12.824  -0.065  1.00 30.74 ? 1078 HOH A O   1 
HETATM 1255 O O   . HOH C 3 .   ? -3.308  13.731  10.427  1.00 35.38 ? 1079 HOH A O   1 
HETATM 1256 O O   . HOH C 3 .   ? -5.352  3.533   -13.134 1.00 27.62 ? 1080 HOH A O   1 
HETATM 1257 O O   . HOH C 3 .   ? -2.103  -26.277 3.467   1.00 35.37 ? 1082 HOH A O   1 
HETATM 1258 O O   . HOH C 3 .   ? -8.266  4.811   9.245   1.00 39.85 ? 1083 HOH A O   1 
HETATM 1259 O O   . HOH C 3 .   ? -10.158 13.628  7.368   1.00 35.65 ? 1084 HOH A O   1 
HETATM 1260 O O   . HOH C 3 .   ? -10.440 3.524   4.708   1.00 33.21 ? 1087 HOH A O   1 
HETATM 1261 O O   . HOH C 3 .   ? -6.264  21.172  -4.874  1.00 30.89 ? 1088 HOH A O   1 
HETATM 1262 O O   . HOH C 3 .   ? 12.997  -0.091  -6.138  1.00 28.53 ? 1089 HOH A O   1 
HETATM 1263 O O   . HOH C 3 .   ? 3.846   -8.170  12.002  1.00 33.79 ? 1090 HOH A O   1 
HETATM 1264 O O   . HOH C 3 .   ? -10.825 10.694  4.150   1.00 35.49 ? 1091 HOH A O   1 
HETATM 1265 O O   . HOH C 3 .   ? 15.294  -9.949  0.628   1.00 31.90 ? 1092 HOH A O   1 
HETATM 1266 O O   . HOH C 3 .   ? -12.873 -16.520 0.614   1.00 39.09 ? 1093 HOH A O   1 
HETATM 1267 O O   . HOH C 3 .   ? 5.918   -18.377 10.537  1.00 37.63 ? 1095 HOH A O   1 
HETATM 1268 O O   . HOH C 3 .   ? -1.581  -13.775 -5.345  1.00 28.03 ? 1096 HOH A O   1 
HETATM 1269 O O   . HOH C 3 .   ? -13.193 13.393  5.614   1.00 42.81 ? 1097 HOH A O   1 
HETATM 1270 O O   . HOH C 3 .   ? -5.428  17.342  -10.113 1.00 31.14 ? 1098 HOH A O   1 
HETATM 1271 O O   . HOH C 3 .   ? -12.748 -2.325  -0.477  1.00 29.82 ? 1099 HOH A O   1 
HETATM 1272 O O   . HOH C 3 .   ? -10.905 12.032  -15.242 1.00 43.40 ? 1100 HOH A O   1 
HETATM 1273 O O   . HOH C 3 .   ? -17.575 3.159   1.322   1.00 36.75 ? 1102 HOH A O   1 
HETATM 1274 O O   . HOH C 3 .   ? 6.328   -20.621 -8.746  1.00 36.10 ? 1103 HOH A O   1 
HETATM 1275 O O   . HOH C 3 .   ? 9.540   -13.518 -16.782 1.00 49.51 ? 1104 HOH A O   1 
HETATM 1276 O O   . HOH C 3 .   ? 3.412   -15.163 12.272  1.00 37.01 ? 1105 HOH A O   1 
HETATM 1277 O O   . HOH C 3 .   ? 8.139   -9.428  11.755  1.00 37.97 ? 1106 HOH A O   1 
HETATM 1278 O O   . HOH C 3 .   ? 2.229   -22.518 -5.401  1.00 34.56 ? 1108 HOH A O   1 
HETATM 1279 O O   . HOH C 3 .   ? 14.236  -3.140  1.834   1.00 41.44 ? 1109 HOH A O   1 
HETATM 1280 O O   . HOH C 3 .   ? -6.887  -8.406  9.713   1.00 41.75 ? 1110 HOH A O   1 
HETATM 1281 O O   . HOH C 3 .   ? 1.696   14.556  7.601   1.00 15.72 ? 1111 HOH A O   1 
HETATM 1282 O O   . HOH C 3 .   ? -11.963 6.071   -12.641 1.00 38.79 ? 1112 HOH A O   1 
HETATM 1283 O O   . HOH C 3 .   ? -16.576 -18.677 8.358   1.00 38.81 ? 2002 HOH A O   1 
HETATM 1284 O O   . HOH C 3 .   ? -8.177  19.791  5.359   1.00 36.87 ? 2003 HOH A O   1 
HETATM 1285 O O   . HOH C 3 .   ? -11.173 21.384  0.776   1.00 27.46 ? 2004 HOH A O   1 
HETATM 1286 O O   . HOH C 3 .   ? -10.373 22.130  3.700   1.00 39.17 ? 2005 HOH A O   1 
HETATM 1287 O O   . HOH C 3 .   ? -9.666  -4.545  -6.549  1.00 35.12 ? 2006 HOH A O   1 
HETATM 1288 O O   . HOH C 3 .   ? -9.429  -10.446 -3.483  1.00 31.25 ? 2007 HOH A O   1 
HETATM 1289 O O   . HOH C 3 .   ? 7.969   -17.819 -9.674  1.00 30.57 ? 2008 HOH A O   1 
HETATM 1290 O O   . HOH C 3 .   ? 5.130   -15.218 -11.886 1.00 36.82 ? 2009 HOH A O   1 
HETATM 1291 O O   . HOH C 3 .   ? -0.412  7.749   11.548  1.00 37.58 ? 2010 HOH A O   1 
HETATM 1292 O O   . HOH C 3 .   ? 2.784   12.467  10.598  1.00 44.16 ? 2011 HOH A O   1 
HETATM 1293 O O   . HOH C 3 .   ? 1.352   14.979  11.725  1.00 29.09 ? 2012 HOH A O   1 
HETATM 1294 O O   . HOH C 3 .   ? 0.693   16.217  9.516   1.00 21.76 ? 2013 HOH A O   1 
HETATM 1295 O O   . HOH C 3 .   ? -10.865 -3.106  2.832   1.00 33.44 ? 2014 HOH A O   1 
HETATM 1296 O O   . HOH C 3 .   ? -12.752 -1.829  4.572   1.00 36.55 ? 2015 HOH A O   1 
HETATM 1297 O O   . HOH C 3 .   ? -10.359 -5.312  5.452   1.00 42.30 ? 2016 HOH A O   1 
HETATM 1298 O O   . HOH C 3 .   ? 13.741  -15.278 2.811   1.00 36.38 ? 2018 HOH A O   1 
HETATM 1299 O O   . HOH C 3 .   ? -4.855  -14.002 9.060   1.00 40.30 ? 2019 HOH A O   1 
HETATM 1300 O O   . HOH C 3 .   ? -3.855  -18.453 7.627   1.00 41.58 ? 2020 HOH A O   1 
HETATM 1301 O O   . HOH C 3 .   ? -0.961  -8.533  -12.291 1.00 19.99 ? 2022 HOH A O   1 
HETATM 1302 O O   . HOH C 3 .   ? -3.635  -8.881  -15.203 1.00 39.82 ? 2023 HOH A O   1 
HETATM 1303 O O   . HOH C 3 .   ? -8.475  14.841  9.166   1.00 39.46 ? 2024 HOH A O   1 
HETATM 1304 O O   . HOH C 3 .   ? -7.723  13.032  11.334  1.00 40.54 ? 2025 HOH A O   1 
HETATM 1305 O O   . HOH C 3 .   ? 10.677  -18.110 1.449   1.00 45.47 ? 2026 HOH A O   1 
HETATM 1306 O O   . HOH C 3 .   ? -11.269 -16.458 -1.884  1.00 36.66 ? 2027 HOH A O   1 
HETATM 1307 O O   . HOH C 3 .   ? -7.009  18.988  -6.641  1.00 34.76 ? 2028 HOH A O   1 
HETATM 1308 O O   . HOH C 3 .   ? 2.666   23.724  -7.130  1.00 32.01 ? 2030 HOH A O   1 
HETATM 1309 O O   . HOH C 3 .   ? 0.564   20.823  -6.965  1.00 34.21 ? 2031 HOH A O   1 
HETATM 1310 O O   . HOH C 3 .   ? 3.146   12.719  -11.518 1.00 28.24 ? 2032 HOH A O   1 
HETATM 1311 O O   . HOH C 3 .   ? -1.421  19.155  -11.261 1.00 46.86 ? 2035 HOH A O   1 
HETATM 1312 O O   . HOH C 3 .   ? -4.579  -5.447  -12.147 1.00 39.99 ? 2036 HOH A O   1 
HETATM 1313 O O   . HOH C 3 .   ? 9.821   6.915   -2.529  1.00 29.40 ? 2038 HOH A O   1 
HETATM 1314 O O   . HOH C 3 .   ? 11.405  2.262   -1.221  1.00 41.55 ? 2039 HOH A O   1 
HETATM 1315 O O   . HOH C 3 .   ? -3.232  -9.844  -12.150 1.00 40.91 ? 2042 HOH A O   1 
HETATM 1316 O O   . HOH C 3 .   ? -6.345  -7.153  -14.344 1.00 40.81 ? 2043 HOH A O   1 
HETATM 1317 O O   . HOH C 3 .   ? -5.530  0.853   -10.423 1.00 40.57 ? 2044 HOH A O   1 
HETATM 1318 O O   . HOH C 3 .   ? -8.695  2.024   -11.219 1.00 32.65 ? 2045 HOH A O   1 
HETATM 1319 O O   . HOH C 3 .   ? -9.248  6.561   -12.992 1.00 35.72 ? 2046 HOH A O   1 
HETATM 1320 O O   . HOH C 3 .   ? 16.534  -7.521  1.019   1.00 44.36 ? 2048 HOH A O   1 
HETATM 1321 O O   . HOH C 3 .   ? -10.002 -23.223 4.962   1.00 26.40 ? 2049 HOH A O   1 
HETATM 1322 O O   . HOH D 3 .   ? 7.407   8.195   9.863   1.00 27.24 ? 1063 HOH B O   1 
HETATM 1323 O O   . HOH D 3 .   ? 6.529   9.259   4.046   1.00 25.89 ? 2001 HOH B O   1 
HETATM 1324 O O   . HOH D 3 .   ? 8.051   10.527  8.785   1.00 33.18 ? 2034 HOH B O   1 
# 
loop_
_pdbx_poly_seq_scheme.asym_id 
_pdbx_poly_seq_scheme.entity_id 
_pdbx_poly_seq_scheme.seq_id 
_pdbx_poly_seq_scheme.mon_id 
_pdbx_poly_seq_scheme.ndb_seq_num 
_pdbx_poly_seq_scheme.pdb_seq_num 
_pdbx_poly_seq_scheme.auth_seq_num 
_pdbx_poly_seq_scheme.pdb_mon_id 
_pdbx_poly_seq_scheme.auth_mon_id 
_pdbx_poly_seq_scheme.pdb_strand_id 
_pdbx_poly_seq_scheme.pdb_ins_code 
_pdbx_poly_seq_scheme.hetero 
A 1 1   GLY 1   51  ?   ?   ?   A . n 
A 1 2   SER 2   52  ?   ?   ?   A . n 
A 1 3   HIS 3   53  ?   ?   ?   A . n 
A 1 4   THR 4   54  ?   ?   ?   A . n 
A 1 5   ALA 5   55  ?   ?   ?   A . n 
A 1 6   GLU 6   56  ?   ?   ?   A . n 
A 1 7   GLU 7   57  ?   ?   ?   A . n 
A 1 8   ASP 8   58  ?   ?   ?   A . n 
A 1 9   MET 9   59  ?   ?   ?   A . n 
A 1 10  GLU 10  60  ?   ?   ?   A . n 
A 1 11  ASP 11  61  ?   ?   ?   A . n 
A 1 12  ASP 12  62  ?   ?   ?   A . n 
A 1 13  THR 13  63  63  THR THR A . n 
A 1 14  SER 14  64  64  SER SER A . n 
A 1 15  TRP 15  65  65  TRP TRP A . n 
A 1 16  ARG 16  66  66  ARG ARG A . n 
A 1 17  SER 17  67  67  SER SER A . n 
A 1 18  GLU 18  68  68  GLU GLU A . n 
A 1 19  ALA 19  69  69  ALA ALA A . n 
A 1 20  THR 20  70  70  THR THR A . n 
A 1 21  PHE 21  71  71  PHE PHE A . n 
A 1 22  GLN 22  72  72  GLN GLN A . n 
A 1 23  PHE 23  73  73  PHE PHE A . n 
A 1 24  THR 24  74  74  THR THR A . n 
A 1 25  VAL 25  75  75  VAL VAL A . n 
A 1 26  GLU 26  76  76  GLU GLU A . n 
A 1 27  ARG 27  77  77  ARG ARG A . n 
A 1 28  PHE 28  78  78  PHE PHE A . n 
A 1 29  SER 29  79  79  SER SER A . n 
A 1 30  ARG 30  80  80  ARG ARG A . n 
A 1 31  LEU 31  81  81  LEU LEU A . n 
A 1 32  SER 32  82  82  SER SER A . n 
A 1 33  GLU 33  83  83  GLU GLU A . n 
A 1 34  SER 34  84  84  SER SER A . n 
A 1 35  VAL 35  85  85  VAL VAL A . n 
A 1 36  LEU 36  86  86  LEU LEU A . n 
A 1 37  SER 37  87  87  SER SER A . n 
A 1 38  PRO 38  88  88  PRO PRO A . n 
A 1 39  PRO 39  89  89  PRO PRO A . n 
A 1 40  CYS 40  90  90  CYS CYS A . n 
A 1 41  PHE 41  91  91  PHE PHE A . n 
A 1 42  VAL 42  92  92  VAL VAL A . n 
A 1 43  ARG 43  93  93  ARG ARG A . n 
A 1 44  ASN 44  94  94  ASN ASN A . n 
A 1 45  LEU 45  95  95  LEU LEU A . n 
A 1 46  PRO 46  96  96  PRO PRO A . n 
A 1 47  TRP 47  97  97  TRP TRP A . n 
A 1 48  LYS 48  98  98  LYS LYS A . n 
A 1 49  ILE 49  99  99  ILE ILE A . n 
A 1 50  MET 50  100 100 MET MET A . n 
A 1 51  VAL 51  101 101 VAL VAL A . n 
A 1 52  MET 52  102 102 MET MET A . n 
A 1 53  PRO 53  103 103 PRO PRO A . n 
A 1 54  ARG 54  104 104 ARG ARG A . n 
A 1 55  PHE 55  105 105 PHE PHE A . n 
A 1 56  TYR 56  106 ?   ?   ?   A . n 
A 1 57  PRO 57  107 ?   ?   ?   A . n 
A 1 58  ASP 58  108 ?   ?   ?   A . n 
A 1 59  ARG 59  109 ?   ?   ?   A . n 
A 1 60  PRO 60  110 ?   ?   ?   A . n 
A 1 61  HIS 61  111 ?   ?   ?   A . n 
A 1 62  GLN 62  112 112 GLN GLN A . n 
A 1 63  LYS 63  113 113 LYS LYS A . n 
A 1 64  SER 64  114 114 SER SER A . n 
A 1 65  VAL 65  115 115 VAL VAL A . n 
A 1 66  GLY 66  116 116 GLY GLY A . n 
A 1 67  PHE 67  117 117 PHE PHE A . n 
A 1 68  PHE 68  118 118 PHE PHE A . n 
A 1 69  LEU 69  119 119 LEU LEU A . n 
A 1 70  GLN 70  120 120 GLN GLN A . n 
A 1 71  CYS 71  121 121 CYS CYS A . n 
A 1 72  ASN 72  122 122 ASN ASN A . n 
A 1 73  ALA 73  123 123 ALA ALA A . n 
A 1 74  GLU 74  124 124 GLU GLU A . n 
A 1 75  SER 75  125 125 SER SER A . n 
A 1 76  ASP 76  126 126 ASP ASP A . n 
A 1 77  SER 77  127 127 SER SER A . n 
A 1 78  THR 78  128 128 THR THR A . n 
A 1 79  SER 79  129 129 SER SER A . n 
A 1 80  TRP 80  130 130 TRP TRP A . n 
A 1 81  SER 81  131 131 SER SER A . n 
A 1 82  CYS 82  132 132 CYS CYS A . n 
A 1 83  HIS 83  133 133 HIS HIS A . n 
A 1 84  ALA 84  134 134 ALA ALA A . n 
A 1 85  GLN 85  135 135 GLN GLN A . n 
A 1 86  ALA 86  136 136 ALA ALA A . n 
A 1 87  VAL 87  137 137 VAL VAL A . n 
A 1 88  LEU 88  138 138 LEU LEU A . n 
A 1 89  LYS 89  139 139 LYS LYS A . n 
A 1 90  ILE 90  140 140 ILE ILE A . n 
A 1 91  ILE 91  141 141 ILE ILE A . n 
A 1 92  ASN 92  142 142 ASN ASN A . n 
A 1 93  TYR 93  143 143 TYR TYR A . n 
A 1 94  ARG 94  144 144 ARG ARG A . n 
A 1 95  ASP 95  145 145 ASP ASP A . n 
A 1 96  ASP 96  146 146 ASP ASP A . n 
A 1 97  GLU 97  147 147 GLU GLU A . n 
A 1 98  LYS 98  148 148 LYS LYS A . n 
A 1 99  SER 99  149 149 SER SER A . n 
A 1 100 PHE 100 150 150 PHE PHE A . n 
A 1 101 SER 101 151 151 SER SER A . n 
A 1 102 ARG 102 152 152 ARG ARG A . n 
A 1 103 ARG 103 153 153 ARG ARG A . n 
A 1 104 ILE 104 154 154 ILE ILE A . n 
A 1 105 SER 105 155 155 SER SER A . n 
A 1 106 HIS 106 156 156 HIS HIS A . n 
A 1 107 LEU 107 157 157 LEU LEU A . n 
A 1 108 PHE 108 158 158 PHE PHE A . n 
A 1 109 PHE 109 159 159 PHE PHE A . n 
A 1 110 HIS 110 160 160 HIS HIS A . n 
A 1 111 LYS 111 161 161 LYS LYS A . n 
A 1 112 GLU 112 162 162 GLU GLU A . n 
A 1 113 ASN 113 163 163 ASN ASN A . n 
A 1 114 ASP 114 164 164 ASP ASP A . n 
A 1 115 TRP 115 165 165 TRP TRP A . n 
A 1 116 GLY 116 166 166 GLY GLY A . n 
A 1 117 PHE 117 167 167 PHE PHE A . n 
A 1 118 SER 118 168 168 SER SER A . n 
A 1 119 ASN 119 169 169 ASN ASN A . n 
A 1 120 PHE 120 170 170 PHE PHE A . n 
A 1 121 MET 121 171 171 MET MET A . n 
A 1 122 ALA 122 172 172 ALA ALA A . n 
A 1 123 TRP 123 173 173 TRP TRP A . n 
A 1 124 SER 124 174 174 SER SER A . n 
A 1 125 GLU 125 175 175 GLU GLU A . n 
A 1 126 VAL 126 176 176 VAL VAL A . n 
A 1 127 THR 127 177 177 THR THR A . n 
A 1 128 ASP 128 178 178 ASP ASP A . n 
A 1 129 PRO 129 179 179 PRO PRO A . n 
A 1 130 GLU 130 180 180 GLU GLU A . n 
A 1 131 LYS 131 181 181 LYS LYS A . n 
A 1 132 GLY 132 182 182 GLY GLY A . n 
A 1 133 PHE 133 183 183 PHE PHE A . n 
A 1 134 ILE 134 184 184 ILE ILE A . n 
A 1 135 ASP 135 185 185 ASP ASP A . n 
A 1 136 ASP 136 186 186 ASP ASP A . n 
A 1 137 ASP 137 187 187 ASP ASP A . n 
A 1 138 LYS 138 188 188 LYS LYS A . n 
A 1 139 VAL 139 189 189 VAL VAL A . n 
A 1 140 THR 140 190 190 THR THR A . n 
A 1 141 PHE 141 191 191 PHE PHE A . n 
A 1 142 GLU 142 192 192 GLU GLU A . n 
A 1 143 VAL 143 193 193 VAL VAL A . n 
A 1 144 PHE 144 194 194 PHE PHE A . n 
A 1 145 VAL 145 195 195 VAL VAL A . n 
A 1 146 GLN 146 196 196 GLN GLN A . n 
A 1 147 ALA 147 197 197 ALA ALA A . n 
A 1 148 ASP 148 198 198 ASP ASP A . n 
A 1 149 ALA 149 199 199 ALA ALA A . n 
A 1 150 PRO 150 200 200 PRO PRO A . n 
A 1 151 HIS 151 201 201 HIS HIS A . n 
A 1 152 GLY 152 202 202 GLY GLY A . n 
A 1 153 VAL 153 203 203 VAL VAL A . n 
A 1 154 ALA 154 204 204 ALA ALA A . n 
A 1 155 TRP 155 205 205 TRP TRP A . n 
B 2 1   GLY 1   361 361 GLY GLY B . n 
B 2 2   ALA 2   362 362 ALA ALA B . n 
B 2 3   ARG 3   363 363 ARG ARG B . n 
B 2 4   ALA 4   364 364 ALA ALA B . n 
B 2 5   HIS 5   365 365 HIS HIS B . n 
B 2 6   SER 6   366 366 SER SER B . n 
B 2 7   SER 7   367 367 SER SER B . n 
# 
loop_
_pdbx_nonpoly_scheme.asym_id 
_pdbx_nonpoly_scheme.entity_id 
_pdbx_nonpoly_scheme.mon_id 
_pdbx_nonpoly_scheme.ndb_seq_num 
_pdbx_nonpoly_scheme.pdb_seq_num 
_pdbx_nonpoly_scheme.auth_seq_num 
_pdbx_nonpoly_scheme.pdb_mon_id 
_pdbx_nonpoly_scheme.auth_mon_id 
_pdbx_nonpoly_scheme.pdb_strand_id 
_pdbx_nonpoly_scheme.pdb_ins_code 
C 3 HOH 1   1001 1001 HOH TIP A . 
C 3 HOH 2   1002 1002 HOH TIP A . 
C 3 HOH 3   1003 1003 HOH TIP A . 
C 3 HOH 4   1004 1004 HOH TIP A . 
C 3 HOH 5   1005 1005 HOH TIP A . 
C 3 HOH 6   1006 1006 HOH TIP A . 
C 3 HOH 7   1007 1007 HOH TIP A . 
C 3 HOH 8   1008 1008 HOH TIP A . 
C 3 HOH 9   1009 1009 HOH TIP A . 
C 3 HOH 10  1010 1010 HOH TIP A . 
C 3 HOH 11  1011 1011 HOH TIP A . 
C 3 HOH 12  1012 1012 HOH TIP A . 
C 3 HOH 13  1013 1013 HOH TIP A . 
C 3 HOH 14  1014 1014 HOH TIP A . 
C 3 HOH 15  1015 1015 HOH TIP A . 
C 3 HOH 16  1016 1016 HOH TIP A . 
C 3 HOH 17  1017 1017 HOH TIP A . 
C 3 HOH 18  1018 1018 HOH TIP A . 
C 3 HOH 19  1019 1019 HOH TIP A . 
C 3 HOH 20  1020 1020 HOH TIP A . 
C 3 HOH 21  1021 1021 HOH TIP A . 
C 3 HOH 22  1022 1022 HOH TIP A . 
C 3 HOH 23  1023 1023 HOH TIP A . 
C 3 HOH 24  1024 1024 HOH TIP A . 
C 3 HOH 25  1025 1025 HOH TIP A . 
C 3 HOH 26  1026 1026 HOH TIP A . 
C 3 HOH 27  1027 1027 HOH TIP A . 
C 3 HOH 28  1028 1028 HOH TIP A . 
C 3 HOH 29  1029 1029 HOH TIP A . 
C 3 HOH 30  1030 1030 HOH TIP A . 
C 3 HOH 31  1031 1031 HOH TIP A . 
C 3 HOH 32  1032 1032 HOH TIP A . 
C 3 HOH 33  1033 1033 HOH TIP A . 
C 3 HOH 34  1034 1034 HOH TIP A . 
C 3 HOH 35  1035 1035 HOH TIP A . 
C 3 HOH 36  1036 1036 HOH TIP A . 
C 3 HOH 37  1037 1037 HOH TIP A . 
C 3 HOH 38  1038 1038 HOH TIP A . 
C 3 HOH 39  1039 1039 HOH TIP A . 
C 3 HOH 40  1040 1040 HOH TIP A . 
C 3 HOH 41  1042 1042 HOH TIP A . 
C 3 HOH 42  1043 1043 HOH TIP A . 
C 3 HOH 43  1044 1044 HOH TIP A . 
C 3 HOH 44  1045 1045 HOH TIP A . 
C 3 HOH 45  1046 1046 HOH TIP A . 
C 3 HOH 46  1047 1047 HOH TIP A . 
C 3 HOH 47  1048 1048 HOH TIP A . 
C 3 HOH 48  1049 1049 HOH TIP A . 
C 3 HOH 49  1050 1050 HOH TIP A . 
C 3 HOH 50  1051 1051 HOH TIP A . 
C 3 HOH 51  1052 1052 HOH TIP A . 
C 3 HOH 52  1053 1053 HOH TIP A . 
C 3 HOH 53  1054 1054 HOH TIP A . 
C 3 HOH 54  1055 1055 HOH TIP A . 
C 3 HOH 55  1056 1056 HOH TIP A . 
C 3 HOH 56  1057 1057 HOH TIP A . 
C 3 HOH 57  1058 1058 HOH TIP A . 
C 3 HOH 58  1059 1059 HOH TIP A . 
C 3 HOH 59  1060 1060 HOH TIP A . 
C 3 HOH 60  1062 1062 HOH TIP A . 
C 3 HOH 61  1064 1064 HOH TIP A . 
C 3 HOH 62  1065 1065 HOH TIP A . 
C 3 HOH 63  1066 1066 HOH TIP A . 
C 3 HOH 64  1068 1068 HOH TIP A . 
C 3 HOH 65  1069 1069 HOH TIP A . 
C 3 HOH 66  1070 1070 HOH TIP A . 
C 3 HOH 67  1073 1073 HOH TIP A . 
C 3 HOH 68  1074 1074 HOH TIP A . 
C 3 HOH 69  1075 1075 HOH TIP A . 
C 3 HOH 70  1076 1076 HOH TIP A . 
C 3 HOH 71  1077 1077 HOH TIP A . 
C 3 HOH 72  1078 1078 HOH TIP A . 
C 3 HOH 73  1079 1079 HOH TIP A . 
C 3 HOH 74  1080 1080 HOH TIP A . 
C 3 HOH 75  1082 1082 HOH TIP A . 
C 3 HOH 76  1083 1083 HOH TIP A . 
C 3 HOH 77  1084 1084 HOH TIP A . 
C 3 HOH 78  1087 1087 HOH TIP A . 
C 3 HOH 79  1088 1088 HOH TIP A . 
C 3 HOH 80  1089 1089 HOH TIP A . 
C 3 HOH 81  1090 1090 HOH TIP A . 
C 3 HOH 82  1091 1091 HOH TIP A . 
C 3 HOH 83  1092 1092 HOH TIP A . 
C 3 HOH 84  1093 1093 HOH TIP A . 
C 3 HOH 85  1095 1095 HOH TIP A . 
C 3 HOH 86  1096 1096 HOH TIP A . 
C 3 HOH 87  1097 1097 HOH TIP A . 
C 3 HOH 88  1098 1098 HOH TIP A . 
C 3 HOH 89  1099 1099 HOH TIP A . 
C 3 HOH 90  1100 1100 HOH TIP A . 
C 3 HOH 91  1102 1102 HOH TIP A . 
C 3 HOH 92  1103 1103 HOH TIP A . 
C 3 HOH 93  1104 1104 HOH TIP A . 
C 3 HOH 94  1105 1105 HOH TIP A . 
C 3 HOH 95  1106 1106 HOH TIP A . 
C 3 HOH 96  1108 1108 HOH TIP A . 
C 3 HOH 97  1109 1109 HOH TIP A . 
C 3 HOH 98  1110 1110 HOH TIP A . 
C 3 HOH 99  1111 1111 HOH TIP A . 
C 3 HOH 100 1112 1112 HOH TIP A . 
C 3 HOH 101 2002 2002 HOH TIP A . 
C 3 HOH 102 2003 2003 HOH TIP A . 
C 3 HOH 103 2004 2004 HOH TIP A . 
C 3 HOH 104 2005 2005 HOH TIP A . 
C 3 HOH 105 2006 2006 HOH TIP A . 
C 3 HOH 106 2007 2007 HOH TIP A . 
C 3 HOH 107 2008 2008 HOH TIP A . 
C 3 HOH 108 2009 2009 HOH TIP A . 
C 3 HOH 109 2010 2010 HOH TIP A . 
C 3 HOH 110 2011 2011 HOH TIP A . 
C 3 HOH 111 2012 2012 HOH TIP A . 
C 3 HOH 112 2013 2013 HOH TIP A . 
C 3 HOH 113 2014 2014 HOH TIP A . 
C 3 HOH 114 2015 2015 HOH TIP A . 
C 3 HOH 115 2016 2016 HOH TIP A . 
C 3 HOH 116 2018 2018 HOH TIP A . 
C 3 HOH 117 2019 2019 HOH TIP A . 
C 3 HOH 118 2020 2020 HOH TIP A . 
C 3 HOH 119 2022 2022 HOH TIP A . 
C 3 HOH 120 2023 2023 HOH TIP A . 
C 3 HOH 121 2024 2024 HOH TIP A . 
C 3 HOH 122 2025 2025 HOH TIP A . 
C 3 HOH 123 2026 2026 HOH TIP A . 
C 3 HOH 124 2027 2027 HOH TIP A . 
C 3 HOH 125 2028 2028 HOH TIP A . 
C 3 HOH 126 2030 2030 HOH TIP A . 
C 3 HOH 127 2031 2031 HOH TIP A . 
C 3 HOH 128 2032 2032 HOH TIP A . 
C 3 HOH 129 2035 2035 HOH TIP A . 
C 3 HOH 130 2036 2036 HOH TIP A . 
C 3 HOH 131 2038 2038 HOH TIP A . 
C 3 HOH 132 2039 2039 HOH TIP A . 
C 3 HOH 133 2042 2042 HOH TIP A . 
C 3 HOH 134 2043 2043 HOH TIP A . 
C 3 HOH 135 2044 2044 HOH TIP A . 
C 3 HOH 136 2045 2045 HOH TIP A . 
C 3 HOH 137 2046 2046 HOH TIP A . 
C 3 HOH 138 2048 2048 HOH TIP A . 
C 3 HOH 139 2049 2049 HOH TIP A . 
D 3 HOH 1   1063 1063 HOH TIP B . 
D 3 HOH 2   2001 2001 HOH TIP B . 
D 3 HOH 3   2034 2034 HOH TIP B . 
# 
_pdbx_struct_assembly.id                   1 
_pdbx_struct_assembly.details              author_defined_assembly 
_pdbx_struct_assembly.method_details       ? 
_pdbx_struct_assembly.oligomeric_details   dimeric 
_pdbx_struct_assembly.oligomeric_count     2 
# 
_pdbx_struct_assembly_gen.assembly_id       1 
_pdbx_struct_assembly_gen.oper_expression   1 
_pdbx_struct_assembly_gen.asym_id_list      A,B,C,D 
# 
_pdbx_struct_oper_list.id                   1 
_pdbx_struct_oper_list.type                 'identity operation' 
_pdbx_struct_oper_list.name                 1_555 
_pdbx_struct_oper_list.symmetry_operation   x,y,z 
_pdbx_struct_oper_list.matrix[1][1]         1.0000000000 
_pdbx_struct_oper_list.matrix[1][2]         0.0000000000 
_pdbx_struct_oper_list.matrix[1][3]         0.0000000000 
_pdbx_struct_oper_list.vector[1]            0.0000000000 
_pdbx_struct_oper_list.matrix[2][1]         0.0000000000 
_pdbx_struct_oper_list.matrix[2][2]         1.0000000000 
_pdbx_struct_oper_list.matrix[2][3]         0.0000000000 
_pdbx_struct_oper_list.vector[2]            0.0000000000 
_pdbx_struct_oper_list.matrix[3][1]         0.0000000000 
_pdbx_struct_oper_list.matrix[3][2]         0.0000000000 
_pdbx_struct_oper_list.matrix[3][3]         1.0000000000 
_pdbx_struct_oper_list.vector[3]            0.0000000000 
# 
loop_
_pdbx_audit_revision_history.ordinal 
_pdbx_audit_revision_history.data_content_type 
_pdbx_audit_revision_history.major_revision 
_pdbx_audit_revision_history.minor_revision 
_pdbx_audit_revision_history.revision_date 
1 'Structure model' 1 0 2006-02-14 
2 'Structure model' 1 1 2008-05-01 
3 'Structure model' 1 2 2011-07-13 
4 'Structure model' 1 3 2016-12-21 
5 'Structure model' 1 4 2023-08-30 
# 
_pdbx_audit_revision_details.ordinal             1 
_pdbx_audit_revision_details.revision_ordinal    1 
_pdbx_audit_revision_details.data_content_type   'Structure model' 
_pdbx_audit_revision_details.provider            repository 
_pdbx_audit_revision_details.type                'Initial release' 
_pdbx_audit_revision_details.description         ? 
_pdbx_audit_revision_details.details             ? 
# 
loop_
_pdbx_audit_revision_group.ordinal 
_pdbx_audit_revision_group.revision_ordinal 
_pdbx_audit_revision_group.data_content_type 
_pdbx_audit_revision_group.group 
1 2 'Structure model' 'Version format compliance' 
2 3 'Structure model' 'Version format compliance' 
3 4 'Structure model' 'Structure summary'         
4 5 'Structure model' 'Data collection'           
5 5 'Structure model' 'Database references'       
6 5 'Structure model' 'Refinement description'    
# 
loop_
_pdbx_audit_revision_category.ordinal 
_pdbx_audit_revision_category.revision_ordinal 
_pdbx_audit_revision_category.data_content_type 
_pdbx_audit_revision_category.category 
1 5 'Structure model' chem_comp_atom                
2 5 'Structure model' chem_comp_bond                
3 5 'Structure model' database_2                    
4 5 'Structure model' pdbx_initial_refinement_model 
5 5 'Structure model' struct_ref_seq_dif            
# 
loop_
_pdbx_audit_revision_item.ordinal 
_pdbx_audit_revision_item.revision_ordinal 
_pdbx_audit_revision_item.data_content_type 
_pdbx_audit_revision_item.item 
1 5 'Structure model' '_database_2.pdbx_DOI'                
2 5 'Structure model' '_database_2.pdbx_database_accession' 
3 5 'Structure model' '_struct_ref_seq_dif.details'         
# 
loop_
_software.name 
_software.classification 
_software.version 
_software.citation_id 
_software.pdbx_ordinal 
CNS       refinement       1.1 ? 1 
HKL-2000  'data reduction' .   ? 2 
SCALEPACK 'data scaling'   .   ? 3 
CNS       phasing          .   ? 4 
# 
loop_
_pdbx_validate_torsion.id 
_pdbx_validate_torsion.PDB_model_num 
_pdbx_validate_torsion.auth_comp_id 
_pdbx_validate_torsion.auth_asym_id 
_pdbx_validate_torsion.auth_seq_id 
_pdbx_validate_torsion.PDB_ins_code 
_pdbx_validate_torsion.label_alt_id 
_pdbx_validate_torsion.phi 
_pdbx_validate_torsion.psi 
1 1 LYS A 113 ? ? 57.30   -79.37 
2 1 ASN A 169 ? ? -115.24 61.07  
3 1 VAL A 203 ? ? -116.62 -79.22 
4 1 ARG B 363 ? ? 66.40   76.86  
# 
loop_
_pdbx_unobs_or_zero_occ_residues.id 
_pdbx_unobs_or_zero_occ_residues.PDB_model_num 
_pdbx_unobs_or_zero_occ_residues.polymer_flag 
_pdbx_unobs_or_zero_occ_residues.occupancy_flag 
_pdbx_unobs_or_zero_occ_residues.auth_asym_id 
_pdbx_unobs_or_zero_occ_residues.auth_comp_id 
_pdbx_unobs_or_zero_occ_residues.auth_seq_id 
_pdbx_unobs_or_zero_occ_residues.PDB_ins_code 
_pdbx_unobs_or_zero_occ_residues.label_asym_id 
_pdbx_unobs_or_zero_occ_residues.label_comp_id 
_pdbx_unobs_or_zero_occ_residues.label_seq_id 
1  1 Y 1 A GLY 51  ? A GLY 1  
2  1 Y 1 A SER 52  ? A SER 2  
3  1 Y 1 A HIS 53  ? A HIS 3  
4  1 Y 1 A THR 54  ? A THR 4  
5  1 Y 1 A ALA 55  ? A ALA 5  
6  1 Y 1 A GLU 56  ? A GLU 6  
7  1 Y 1 A GLU 57  ? A GLU 7  
8  1 Y 1 A ASP 58  ? A ASP 8  
9  1 Y 1 A MET 59  ? A MET 9  
10 1 Y 1 A GLU 60  ? A GLU 10 
11 1 Y 1 A ASP 61  ? A ASP 11 
12 1 Y 1 A ASP 62  ? A ASP 12 
13 1 Y 1 A TYR 106 ? A TYR 56 
14 1 Y 1 A PRO 107 ? A PRO 57 
15 1 Y 1 A ASP 108 ? A ASP 58 
16 1 Y 1 A ARG 109 ? A ARG 59 
17 1 Y 1 A PRO 110 ? A PRO 60 
18 1 Y 1 A HIS 111 ? A HIS 61 
# 
loop_
_chem_comp_atom.comp_id 
_chem_comp_atom.atom_id 
_chem_comp_atom.type_symbol 
_chem_comp_atom.pdbx_aromatic_flag 
_chem_comp_atom.pdbx_stereo_config 
_chem_comp_atom.pdbx_ordinal 
ALA N    N N N 1   
ALA CA   C N S 2   
ALA C    C N N 3   
ALA O    O N N 4   
ALA CB   C N N 5   
ALA OXT  O N N 6   
ALA H    H N N 7   
ALA H2   H N N 8   
ALA HA   H N N 9   
ALA HB1  H N N 10  
ALA HB2  H N N 11  
ALA HB3  H N N 12  
ALA HXT  H N N 13  
ARG N    N N N 14  
ARG CA   C N S 15  
ARG C    C N N 16  
ARG O    O N N 17  
ARG CB   C N N 18  
ARG CG   C N N 19  
ARG CD   C N N 20  
ARG NE   N N N 21  
ARG CZ   C N N 22  
ARG NH1  N N N 23  
ARG NH2  N N N 24  
ARG OXT  O N N 25  
ARG H    H N N 26  
ARG H2   H N N 27  
ARG HA   H N N 28  
ARG HB2  H N N 29  
ARG HB3  H N N 30  
ARG HG2  H N N 31  
ARG HG3  H N N 32  
ARG HD2  H N N 33  
ARG HD3  H N N 34  
ARG HE   H N N 35  
ARG HH11 H N N 36  
ARG HH12 H N N 37  
ARG HH21 H N N 38  
ARG HH22 H N N 39  
ARG HXT  H N N 40  
ASN N    N N N 41  
ASN CA   C N S 42  
ASN C    C N N 43  
ASN O    O N N 44  
ASN CB   C N N 45  
ASN CG   C N N 46  
ASN OD1  O N N 47  
ASN ND2  N N N 48  
ASN OXT  O N N 49  
ASN H    H N N 50  
ASN H2   H N N 51  
ASN HA   H N N 52  
ASN HB2  H N N 53  
ASN HB3  H N N 54  
ASN HD21 H N N 55  
ASN HD22 H N N 56  
ASN HXT  H N N 57  
ASP N    N N N 58  
ASP CA   C N S 59  
ASP C    C N N 60  
ASP O    O N N 61  
ASP CB   C N N 62  
ASP CG   C N N 63  
ASP OD1  O N N 64  
ASP OD2  O N N 65  
ASP OXT  O N N 66  
ASP H    H N N 67  
ASP H2   H N N 68  
ASP HA   H N N 69  
ASP HB2  H N N 70  
ASP HB3  H N N 71  
ASP HD2  H N N 72  
ASP HXT  H N N 73  
CYS N    N N N 74  
CYS CA   C N R 75  
CYS C    C N N 76  
CYS O    O N N 77  
CYS CB   C N N 78  
CYS SG   S N N 79  
CYS OXT  O N N 80  
CYS H    H N N 81  
CYS H2   H N N 82  
CYS HA   H N N 83  
CYS HB2  H N N 84  
CYS HB3  H N N 85  
CYS HG   H N N 86  
CYS HXT  H N N 87  
GLN N    N N N 88  
GLN CA   C N S 89  
GLN C    C N N 90  
GLN O    O N N 91  
GLN CB   C N N 92  
GLN CG   C N N 93  
GLN CD   C N N 94  
GLN OE1  O N N 95  
GLN NE2  N N N 96  
GLN OXT  O N N 97  
GLN H    H N N 98  
GLN H2   H N N 99  
GLN HA   H N N 100 
GLN HB2  H N N 101 
GLN HB3  H N N 102 
GLN HG2  H N N 103 
GLN HG3  H N N 104 
GLN HE21 H N N 105 
GLN HE22 H N N 106 
GLN HXT  H N N 107 
GLU N    N N N 108 
GLU CA   C N S 109 
GLU C    C N N 110 
GLU O    O N N 111 
GLU CB   C N N 112 
GLU CG   C N N 113 
GLU CD   C N N 114 
GLU OE1  O N N 115 
GLU OE2  O N N 116 
GLU OXT  O N N 117 
GLU H    H N N 118 
GLU H2   H N N 119 
GLU HA   H N N 120 
GLU HB2  H N N 121 
GLU HB3  H N N 122 
GLU HG2  H N N 123 
GLU HG3  H N N 124 
GLU HE2  H N N 125 
GLU HXT  H N N 126 
GLY N    N N N 127 
GLY CA   C N N 128 
GLY C    C N N 129 
GLY O    O N N 130 
GLY OXT  O N N 131 
GLY H    H N N 132 
GLY H2   H N N 133 
GLY HA2  H N N 134 
GLY HA3  H N N 135 
GLY HXT  H N N 136 
HIS N    N N N 137 
HIS CA   C N S 138 
HIS C    C N N 139 
HIS O    O N N 140 
HIS CB   C N N 141 
HIS CG   C Y N 142 
HIS ND1  N Y N 143 
HIS CD2  C Y N 144 
HIS CE1  C Y N 145 
HIS NE2  N Y N 146 
HIS OXT  O N N 147 
HIS H    H N N 148 
HIS H2   H N N 149 
HIS HA   H N N 150 
HIS HB2  H N N 151 
HIS HB3  H N N 152 
HIS HD1  H N N 153 
HIS HD2  H N N 154 
HIS HE1  H N N 155 
HIS HE2  H N N 156 
HIS HXT  H N N 157 
HOH O    O N N 158 
HOH H1   H N N 159 
HOH H2   H N N 160 
ILE N    N N N 161 
ILE CA   C N S 162 
ILE C    C N N 163 
ILE O    O N N 164 
ILE CB   C N S 165 
ILE CG1  C N N 166 
ILE CG2  C N N 167 
ILE CD1  C N N 168 
ILE OXT  O N N 169 
ILE H    H N N 170 
ILE H2   H N N 171 
ILE HA   H N N 172 
ILE HB   H N N 173 
ILE HG12 H N N 174 
ILE HG13 H N N 175 
ILE HG21 H N N 176 
ILE HG22 H N N 177 
ILE HG23 H N N 178 
ILE HD11 H N N 179 
ILE HD12 H N N 180 
ILE HD13 H N N 181 
ILE HXT  H N N 182 
LEU N    N N N 183 
LEU CA   C N S 184 
LEU C    C N N 185 
LEU O    O N N 186 
LEU CB   C N N 187 
LEU CG   C N N 188 
LEU CD1  C N N 189 
LEU CD2  C N N 190 
LEU OXT  O N N 191 
LEU H    H N N 192 
LEU H2   H N N 193 
LEU HA   H N N 194 
LEU HB2  H N N 195 
LEU HB3  H N N 196 
LEU HG   H N N 197 
LEU HD11 H N N 198 
LEU HD12 H N N 199 
LEU HD13 H N N 200 
LEU HD21 H N N 201 
LEU HD22 H N N 202 
LEU HD23 H N N 203 
LEU HXT  H N N 204 
LYS N    N N N 205 
LYS CA   C N S 206 
LYS C    C N N 207 
LYS O    O N N 208 
LYS CB   C N N 209 
LYS CG   C N N 210 
LYS CD   C N N 211 
LYS CE   C N N 212 
LYS NZ   N N N 213 
LYS OXT  O N N 214 
LYS H    H N N 215 
LYS H2   H N N 216 
LYS HA   H N N 217 
LYS HB2  H N N 218 
LYS HB3  H N N 219 
LYS HG2  H N N 220 
LYS HG3  H N N 221 
LYS HD2  H N N 222 
LYS HD3  H N N 223 
LYS HE2  H N N 224 
LYS HE3  H N N 225 
LYS HZ1  H N N 226 
LYS HZ2  H N N 227 
LYS HZ3  H N N 228 
LYS HXT  H N N 229 
MET N    N N N 230 
MET CA   C N S 231 
MET C    C N N 232 
MET O    O N N 233 
MET CB   C N N 234 
MET CG   C N N 235 
MET SD   S N N 236 
MET CE   C N N 237 
MET OXT  O N N 238 
MET H    H N N 239 
MET H2   H N N 240 
MET HA   H N N 241 
MET HB2  H N N 242 
MET HB3  H N N 243 
MET HG2  H N N 244 
MET HG3  H N N 245 
MET HE1  H N N 246 
MET HE2  H N N 247 
MET HE3  H N N 248 
MET HXT  H N N 249 
PHE N    N N N 250 
PHE CA   C N S 251 
PHE C    C N N 252 
PHE O    O N N 253 
PHE CB   C N N 254 
PHE CG   C Y N 255 
PHE CD1  C Y N 256 
PHE CD2  C Y N 257 
PHE CE1  C Y N 258 
PHE CE2  C Y N 259 
PHE CZ   C Y N 260 
PHE OXT  O N N 261 
PHE H    H N N 262 
PHE H2   H N N 263 
PHE HA   H N N 264 
PHE HB2  H N N 265 
PHE HB3  H N N 266 
PHE HD1  H N N 267 
PHE HD2  H N N 268 
PHE HE1  H N N 269 
PHE HE2  H N N 270 
PHE HZ   H N N 271 
PHE HXT  H N N 272 
PRO N    N N N 273 
PRO CA   C N S 274 
PRO C    C N N 275 
PRO O    O N N 276 
PRO CB   C N N 277 
PRO CG   C N N 278 
PRO CD   C N N 279 
PRO OXT  O N N 280 
PRO H    H N N 281 
PRO HA   H N N 282 
PRO HB2  H N N 283 
PRO HB3  H N N 284 
PRO HG2  H N N 285 
PRO HG3  H N N 286 
PRO HD2  H N N 287 
PRO HD3  H N N 288 
PRO HXT  H N N 289 
SER N    N N N 290 
SER CA   C N S 291 
SER C    C N N 292 
SER O    O N N 293 
SER CB   C N N 294 
SER OG   O N N 295 
SER OXT  O N N 296 
SER H    H N N 297 
SER H2   H N N 298 
SER HA   H N N 299 
SER HB2  H N N 300 
SER HB3  H N N 301 
SER HG   H N N 302 
SER HXT  H N N 303 
THR N    N N N 304 
THR CA   C N S 305 
THR C    C N N 306 
THR O    O N N 307 
THR CB   C N R 308 
THR OG1  O N N 309 
THR CG2  C N N 310 
THR OXT  O N N 311 
THR H    H N N 312 
THR H2   H N N 313 
THR HA   H N N 314 
THR HB   H N N 315 
THR HG1  H N N 316 
THR HG21 H N N 317 
THR HG22 H N N 318 
THR HG23 H N N 319 
THR HXT  H N N 320 
TRP N    N N N 321 
TRP CA   C N S 322 
TRP C    C N N 323 
TRP O    O N N 324 
TRP CB   C N N 325 
TRP CG   C Y N 326 
TRP CD1  C Y N 327 
TRP CD2  C Y N 328 
TRP NE1  N Y N 329 
TRP CE2  C Y N 330 
TRP CE3  C Y N 331 
TRP CZ2  C Y N 332 
TRP CZ3  C Y N 333 
TRP CH2  C Y N 334 
TRP OXT  O N N 335 
TRP H    H N N 336 
TRP H2   H N N 337 
TRP HA   H N N 338 
TRP HB2  H N N 339 
TRP HB3  H N N 340 
TRP HD1  H N N 341 
TRP HE1  H N N 342 
TRP HE3  H N N 343 
TRP HZ2  H N N 344 
TRP HZ3  H N N 345 
TRP HH2  H N N 346 
TRP HXT  H N N 347 
TYR N    N N N 348 
TYR CA   C N S 349 
TYR C    C N N 350 
TYR O    O N N 351 
TYR CB   C N N 352 
TYR CG   C Y N 353 
TYR CD1  C Y N 354 
TYR CD2  C Y N 355 
TYR CE1  C Y N 356 
TYR CE2  C Y N 357 
TYR CZ   C Y N 358 
TYR OH   O N N 359 
TYR OXT  O N N 360 
TYR H    H N N 361 
TYR H2   H N N 362 
TYR HA   H N N 363 
TYR HB2  H N N 364 
TYR HB3  H N N 365 
TYR HD1  H N N 366 
TYR HD2  H N N 367 
TYR HE1  H N N 368 
TYR HE2  H N N 369 
TYR HH   H N N 370 
TYR HXT  H N N 371 
VAL N    N N N 372 
VAL CA   C N S 373 
VAL C    C N N 374 
VAL O    O N N 375 
VAL CB   C N N 376 
VAL CG1  C N N 377 
VAL CG2  C N N 378 
VAL OXT  O N N 379 
VAL H    H N N 380 
VAL H2   H N N 381 
VAL HA   H N N 382 
VAL HB   H N N 383 
VAL HG11 H N N 384 
VAL HG12 H N N 385 
VAL HG13 H N N 386 
VAL HG21 H N N 387 
VAL HG22 H N N 388 
VAL HG23 H N N 389 
VAL HXT  H N N 390 
# 
loop_
_chem_comp_bond.comp_id 
_chem_comp_bond.atom_id_1 
_chem_comp_bond.atom_id_2 
_chem_comp_bond.value_order 
_chem_comp_bond.pdbx_aromatic_flag 
_chem_comp_bond.pdbx_stereo_config 
_chem_comp_bond.pdbx_ordinal 
ALA N   CA   sing N N 1   
ALA N   H    sing N N 2   
ALA N   H2   sing N N 3   
ALA CA  C    sing N N 4   
ALA CA  CB   sing N N 5   
ALA CA  HA   sing N N 6   
ALA C   O    doub N N 7   
ALA C   OXT  sing N N 8   
ALA CB  HB1  sing N N 9   
ALA CB  HB2  sing N N 10  
ALA CB  HB3  sing N N 11  
ALA OXT HXT  sing N N 12  
ARG N   CA   sing N N 13  
ARG N   H    sing N N 14  
ARG N   H2   sing N N 15  
ARG CA  C    sing N N 16  
ARG CA  CB   sing N N 17  
ARG CA  HA   sing N N 18  
ARG C   O    doub N N 19  
ARG C   OXT  sing N N 20  
ARG CB  CG   sing N N 21  
ARG CB  HB2  sing N N 22  
ARG CB  HB3  sing N N 23  
ARG CG  CD   sing N N 24  
ARG CG  HG2  sing N N 25  
ARG CG  HG3  sing N N 26  
ARG CD  NE   sing N N 27  
ARG CD  HD2  sing N N 28  
ARG CD  HD3  sing N N 29  
ARG NE  CZ   sing N N 30  
ARG NE  HE   sing N N 31  
ARG CZ  NH1  sing N N 32  
ARG CZ  NH2  doub N N 33  
ARG NH1 HH11 sing N N 34  
ARG NH1 HH12 sing N N 35  
ARG NH2 HH21 sing N N 36  
ARG NH2 HH22 sing N N 37  
ARG OXT HXT  sing N N 38  
ASN N   CA   sing N N 39  
ASN N   H    sing N N 40  
ASN N   H2   sing N N 41  
ASN CA  C    sing N N 42  
ASN CA  CB   sing N N 43  
ASN CA  HA   sing N N 44  
ASN C   O    doub N N 45  
ASN C   OXT  sing N N 46  
ASN CB  CG   sing N N 47  
ASN CB  HB2  sing N N 48  
ASN CB  HB3  sing N N 49  
ASN CG  OD1  doub N N 50  
ASN CG  ND2  sing N N 51  
ASN ND2 HD21 sing N N 52  
ASN ND2 HD22 sing N N 53  
ASN OXT HXT  sing N N 54  
ASP N   CA   sing N N 55  
ASP N   H    sing N N 56  
ASP N   H2   sing N N 57  
ASP CA  C    sing N N 58  
ASP CA  CB   sing N N 59  
ASP CA  HA   sing N N 60  
ASP C   O    doub N N 61  
ASP C   OXT  sing N N 62  
ASP CB  CG   sing N N 63  
ASP CB  HB2  sing N N 64  
ASP CB  HB3  sing N N 65  
ASP CG  OD1  doub N N 66  
ASP CG  OD2  sing N N 67  
ASP OD2 HD2  sing N N 68  
ASP OXT HXT  sing N N 69  
CYS N   CA   sing N N 70  
CYS N   H    sing N N 71  
CYS N   H2   sing N N 72  
CYS CA  C    sing N N 73  
CYS CA  CB   sing N N 74  
CYS CA  HA   sing N N 75  
CYS C   O    doub N N 76  
CYS C   OXT  sing N N 77  
CYS CB  SG   sing N N 78  
CYS CB  HB2  sing N N 79  
CYS CB  HB3  sing N N 80  
CYS SG  HG   sing N N 81  
CYS OXT HXT  sing N N 82  
GLN N   CA   sing N N 83  
GLN N   H    sing N N 84  
GLN N   H2   sing N N 85  
GLN CA  C    sing N N 86  
GLN CA  CB   sing N N 87  
GLN CA  HA   sing N N 88  
GLN C   O    doub N N 89  
GLN C   OXT  sing N N 90  
GLN CB  CG   sing N N 91  
GLN CB  HB2  sing N N 92  
GLN CB  HB3  sing N N 93  
GLN CG  CD   sing N N 94  
GLN CG  HG2  sing N N 95  
GLN CG  HG3  sing N N 96  
GLN CD  OE1  doub N N 97  
GLN CD  NE2  sing N N 98  
GLN NE2 HE21 sing N N 99  
GLN NE2 HE22 sing N N 100 
GLN OXT HXT  sing N N 101 
GLU N   CA   sing N N 102 
GLU N   H    sing N N 103 
GLU N   H2   sing N N 104 
GLU CA  C    sing N N 105 
GLU CA  CB   sing N N 106 
GLU CA  HA   sing N N 107 
GLU C   O    doub N N 108 
GLU C   OXT  sing N N 109 
GLU CB  CG   sing N N 110 
GLU CB  HB2  sing N N 111 
GLU CB  HB3  sing N N 112 
GLU CG  CD   sing N N 113 
GLU CG  HG2  sing N N 114 
GLU CG  HG3  sing N N 115 
GLU CD  OE1  doub N N 116 
GLU CD  OE2  sing N N 117 
GLU OE2 HE2  sing N N 118 
GLU OXT HXT  sing N N 119 
GLY N   CA   sing N N 120 
GLY N   H    sing N N 121 
GLY N   H2   sing N N 122 
GLY CA  C    sing N N 123 
GLY CA  HA2  sing N N 124 
GLY CA  HA3  sing N N 125 
GLY C   O    doub N N 126 
GLY C   OXT  sing N N 127 
GLY OXT HXT  sing N N 128 
HIS N   CA   sing N N 129 
HIS N   H    sing N N 130 
HIS N   H2   sing N N 131 
HIS CA  C    sing N N 132 
HIS CA  CB   sing N N 133 
HIS CA  HA   sing N N 134 
HIS C   O    doub N N 135 
HIS C   OXT  sing N N 136 
HIS CB  CG   sing N N 137 
HIS CB  HB2  sing N N 138 
HIS CB  HB3  sing N N 139 
HIS CG  ND1  sing Y N 140 
HIS CG  CD2  doub Y N 141 
HIS ND1 CE1  doub Y N 142 
HIS ND1 HD1  sing N N 143 
HIS CD2 NE2  sing Y N 144 
HIS CD2 HD2  sing N N 145 
HIS CE1 NE2  sing Y N 146 
HIS CE1 HE1  sing N N 147 
HIS NE2 HE2  sing N N 148 
HIS OXT HXT  sing N N 149 
HOH O   H1   sing N N 150 
HOH O   H2   sing N N 151 
ILE N   CA   sing N N 152 
ILE N   H    sing N N 153 
ILE N   H2   sing N N 154 
ILE CA  C    sing N N 155 
ILE CA  CB   sing N N 156 
ILE CA  HA   sing N N 157 
ILE C   O    doub N N 158 
ILE C   OXT  sing N N 159 
ILE CB  CG1  sing N N 160 
ILE CB  CG2  sing N N 161 
ILE CB  HB   sing N N 162 
ILE CG1 CD1  sing N N 163 
ILE CG1 HG12 sing N N 164 
ILE CG1 HG13 sing N N 165 
ILE CG2 HG21 sing N N 166 
ILE CG2 HG22 sing N N 167 
ILE CG2 HG23 sing N N 168 
ILE CD1 HD11 sing N N 169 
ILE CD1 HD12 sing N N 170 
ILE CD1 HD13 sing N N 171 
ILE OXT HXT  sing N N 172 
LEU N   CA   sing N N 173 
LEU N   H    sing N N 174 
LEU N   H2   sing N N 175 
LEU CA  C    sing N N 176 
LEU CA  CB   sing N N 177 
LEU CA  HA   sing N N 178 
LEU C   O    doub N N 179 
LEU C   OXT  sing N N 180 
LEU CB  CG   sing N N 181 
LEU CB  HB2  sing N N 182 
LEU CB  HB3  sing N N 183 
LEU CG  CD1  sing N N 184 
LEU CG  CD2  sing N N 185 
LEU CG  HG   sing N N 186 
LEU CD1 HD11 sing N N 187 
LEU CD1 HD12 sing N N 188 
LEU CD1 HD13 sing N N 189 
LEU CD2 HD21 sing N N 190 
LEU CD2 HD22 sing N N 191 
LEU CD2 HD23 sing N N 192 
LEU OXT HXT  sing N N 193 
LYS N   CA   sing N N 194 
LYS N   H    sing N N 195 
LYS N   H2   sing N N 196 
LYS CA  C    sing N N 197 
LYS CA  CB   sing N N 198 
LYS CA  HA   sing N N 199 
LYS C   O    doub N N 200 
LYS C   OXT  sing N N 201 
LYS CB  CG   sing N N 202 
LYS CB  HB2  sing N N 203 
LYS CB  HB3  sing N N 204 
LYS CG  CD   sing N N 205 
LYS CG  HG2  sing N N 206 
LYS CG  HG3  sing N N 207 
LYS CD  CE   sing N N 208 
LYS CD  HD2  sing N N 209 
LYS CD  HD3  sing N N 210 
LYS CE  NZ   sing N N 211 
LYS CE  HE2  sing N N 212 
LYS CE  HE3  sing N N 213 
LYS NZ  HZ1  sing N N 214 
LYS NZ  HZ2  sing N N 215 
LYS NZ  HZ3  sing N N 216 
LYS OXT HXT  sing N N 217 
MET N   CA   sing N N 218 
MET N   H    sing N N 219 
MET N   H2   sing N N 220 
MET CA  C    sing N N 221 
MET CA  CB   sing N N 222 
MET CA  HA   sing N N 223 
MET C   O    doub N N 224 
MET C   OXT  sing N N 225 
MET CB  CG   sing N N 226 
MET CB  HB2  sing N N 227 
MET CB  HB3  sing N N 228 
MET CG  SD   sing N N 229 
MET CG  HG2  sing N N 230 
MET CG  HG3  sing N N 231 
MET SD  CE   sing N N 232 
MET CE  HE1  sing N N 233 
MET CE  HE2  sing N N 234 
MET CE  HE3  sing N N 235 
MET OXT HXT  sing N N 236 
PHE N   CA   sing N N 237 
PHE N   H    sing N N 238 
PHE N   H2   sing N N 239 
PHE CA  C    sing N N 240 
PHE CA  CB   sing N N 241 
PHE CA  HA   sing N N 242 
PHE C   O    doub N N 243 
PHE C   OXT  sing N N 244 
PHE CB  CG   sing N N 245 
PHE CB  HB2  sing N N 246 
PHE CB  HB3  sing N N 247 
PHE CG  CD1  doub Y N 248 
PHE CG  CD2  sing Y N 249 
PHE CD1 CE1  sing Y N 250 
PHE CD1 HD1  sing N N 251 
PHE CD2 CE2  doub Y N 252 
PHE CD2 HD2  sing N N 253 
PHE CE1 CZ   doub Y N 254 
PHE CE1 HE1  sing N N 255 
PHE CE2 CZ   sing Y N 256 
PHE CE2 HE2  sing N N 257 
PHE CZ  HZ   sing N N 258 
PHE OXT HXT  sing N N 259 
PRO N   CA   sing N N 260 
PRO N   CD   sing N N 261 
PRO N   H    sing N N 262 
PRO CA  C    sing N N 263 
PRO CA  CB   sing N N 264 
PRO CA  HA   sing N N 265 
PRO C   O    doub N N 266 
PRO C   OXT  sing N N 267 
PRO CB  CG   sing N N 268 
PRO CB  HB2  sing N N 269 
PRO CB  HB3  sing N N 270 
PRO CG  CD   sing N N 271 
PRO CG  HG2  sing N N 272 
PRO CG  HG3  sing N N 273 
PRO CD  HD2  sing N N 274 
PRO CD  HD3  sing N N 275 
PRO OXT HXT  sing N N 276 
SER N   CA   sing N N 277 
SER N   H    sing N N 278 
SER N   H2   sing N N 279 
SER CA  C    sing N N 280 
SER CA  CB   sing N N 281 
SER CA  HA   sing N N 282 
SER C   O    doub N N 283 
SER C   OXT  sing N N 284 
SER CB  OG   sing N N 285 
SER CB  HB2  sing N N 286 
SER CB  HB3  sing N N 287 
SER OG  HG   sing N N 288 
SER OXT HXT  sing N N 289 
THR N   CA   sing N N 290 
THR N   H    sing N N 291 
THR N   H2   sing N N 292 
THR CA  C    sing N N 293 
THR CA  CB   sing N N 294 
THR CA  HA   sing N N 295 
THR C   O    doub N N 296 
THR C   OXT  sing N N 297 
THR CB  OG1  sing N N 298 
THR CB  CG2  sing N N 299 
THR CB  HB   sing N N 300 
THR OG1 HG1  sing N N 301 
THR CG2 HG21 sing N N 302 
THR CG2 HG22 sing N N 303 
THR CG2 HG23 sing N N 304 
THR OXT HXT  sing N N 305 
TRP N   CA   sing N N 306 
TRP N   H    sing N N 307 
TRP N   H2   sing N N 308 
TRP CA  C    sing N N 309 
TRP CA  CB   sing N N 310 
TRP CA  HA   sing N N 311 
TRP C   O    doub N N 312 
TRP C   OXT  sing N N 313 
TRP CB  CG   sing N N 314 
TRP CB  HB2  sing N N 315 
TRP CB  HB3  sing N N 316 
TRP CG  CD1  doub Y N 317 
TRP CG  CD2  sing Y N 318 
TRP CD1 NE1  sing Y N 319 
TRP CD1 HD1  sing N N 320 
TRP CD2 CE2  doub Y N 321 
TRP CD2 CE3  sing Y N 322 
TRP NE1 CE2  sing Y N 323 
TRP NE1 HE1  sing N N 324 
TRP CE2 CZ2  sing Y N 325 
TRP CE3 CZ3  doub Y N 326 
TRP CE3 HE3  sing N N 327 
TRP CZ2 CH2  doub Y N 328 
TRP CZ2 HZ2  sing N N 329 
TRP CZ3 CH2  sing Y N 330 
TRP CZ3 HZ3  sing N N 331 
TRP CH2 HH2  sing N N 332 
TRP OXT HXT  sing N N 333 
TYR N   CA   sing N N 334 
TYR N   H    sing N N 335 
TYR N   H2   sing N N 336 
TYR CA  C    sing N N 337 
TYR CA  CB   sing N N 338 
TYR CA  HA   sing N N 339 
TYR C   O    doub N N 340 
TYR C   OXT  sing N N 341 
TYR CB  CG   sing N N 342 
TYR CB  HB2  sing N N 343 
TYR CB  HB3  sing N N 344 
TYR CG  CD1  doub Y N 345 
TYR CG  CD2  sing Y N 346 
TYR CD1 CE1  sing Y N 347 
TYR CD1 HD1  sing N N 348 
TYR CD2 CE2  doub Y N 349 
TYR CD2 HD2  sing N N 350 
TYR CE1 CZ   doub Y N 351 
TYR CE1 HE1  sing N N 352 
TYR CE2 CZ   sing Y N 353 
TYR CE2 HE2  sing N N 354 
TYR CZ  OH   sing N N 355 
TYR OH  HH   sing N N 356 
TYR OXT HXT  sing N N 357 
VAL N   CA   sing N N 358 
VAL N   H    sing N N 359 
VAL N   H2   sing N N 360 
VAL CA  C    sing N N 361 
VAL CA  CB   sing N N 362 
VAL CA  HA   sing N N 363 
VAL C   O    doub N N 364 
VAL C   OXT  sing N N 365 
VAL CB  CG1  sing N N 366 
VAL CB  CG2  sing N N 367 
VAL CB  HB   sing N N 368 
VAL CG1 HG11 sing N N 369 
VAL CG1 HG12 sing N N 370 
VAL CG1 HG13 sing N N 371 
VAL CG2 HG21 sing N N 372 
VAL CG2 HG22 sing N N 373 
VAL CG2 HG23 sing N N 374 
VAL OXT HXT  sing N N 375 
# 
_pdbx_entity_nonpoly.entity_id   3 
_pdbx_entity_nonpoly.name        water 
_pdbx_entity_nonpoly.comp_id     HOH 
# 
_pdbx_initial_refinement_model.id               1 
_pdbx_initial_refinement_model.entity_id_list   ? 
_pdbx_initial_refinement_model.type             'experimental model' 
_pdbx_initial_refinement_model.source_name      PDB 
_pdbx_initial_refinement_model.accession_code   1YY6 
_pdbx_initial_refinement_model.details          'PDB 1YY6' 
# 
